data_8OZE
#
_entry.id   8OZE
#
_cell.length_a   1.00
_cell.length_b   1.00
_cell.length_c   1.00
_cell.angle_alpha   90.00
_cell.angle_beta   90.00
_cell.angle_gamma   90.00
#
_symmetry.space_group_name_H-M   'P 1'
#
loop_
_entity.id
_entity.type
_entity.pdbx_description
1 polymer "RNA (5'-R(P*UP*GP*AP*GP*GP*UP*AP*GP*UP*AP*GP*GP*UP*UP*GP*UP*AP*UP*AP*G)-3')"
2 polymer "DNA (5'-D(P*AP*TP*AP*CP*AP*AP*CP*CP*TP*AP*CP*TP*AP*CP*CP*TP*C)-3')"
3 polymer 'TIR domain-containing protein'
4 polymer 'Piwi domain-containing protein'
#
loop_
_entity_poly.entity_id
_entity_poly.type
_entity_poly.pdbx_seq_one_letter_code
_entity_poly.pdbx_strand_id
1 'polyribonucleotide' UGAGGUAGUAGGUUGUAUAG N,A
2 'polydeoxyribonucleotide' (DA)(DT)(DA)(DC)(DA)(DA)(DC)(DC)(DT)(DA)(DC)(DT)(DA)(DC)(DC)(DT)(DC) P,B
3 'polypeptide(L)'
;MRNKIFISHATPDDNDFTRWLALKLIGLGYEVWCDILFLDKGVDFWSNIEKVIREDTCKFLLVSSSYSNQREGVLKELAV
AAKVKKQLKDDKFIIPLAIDEQLSYDDINIDIVRLNAIDFKMSWARGLKDILEAFEKQKVPKEVADASKSNLLYQQIFLH
DKSVIEKEEIYDSNWLSILSFPEELRFHEYNWMLPKRFDVRELTFPAVRYKNYLCTFAWAYDFTYHLPKTETYHKSKTIR
IPTEEILSGSYDSNFIRNAECKRLIVQLLNKAFELRMKDKEVQEYEMSNKTAYWLEKGKLEKDKFEKTMLVGKQKDKNWH
FAISGASKLYPFPVLMISSHIFFTADGKKLIDSSSVQHSSRRRQGKNWWNNTWRTKLLAFIKYLSDDDTSFYLEMGSEEK
VFVSNEPVKFKGNVSYNIPEKNTLEEEAELSGFNQGEDIEELEELIENLEAE
;
E,G
4 'polypeptide(L)'
;MKELIYIEEPKILFAHGQKCTDARDGLALFGPLNNLYGIKSGVIGTKQGLKIFRDYLDHIQKPIYNSNSITRPMFPGFEA
VFDCKWESTGITFKEVTNEDIGKFLYNSSTHKRTYDLVSLFIDKIISANKNEDENVDVWFVIVPDEIYKYCRPNSVLPKE
MVQTKALMSKSKAKSFRYEPSLFPDINIELKEQEKEAETYNYDAQFHDQFKARLLKHTIPTQIFRESTLAWRDFKNAFGL
PIRDFSKIEGHLAWTISTAAFYKAGGKPWKLSDVRNGVCYLGLVYKKVEKSKNPRNACCAAQMFLDNGDGTVFKGEVGPW
YNPKNGQYHLEPKEAKALLSQSLQSYKEQIGEYPKEVFIHAKTRFNHQEWDAFLEVTPKETNLVGVTISKTKPLKLYKTE
GDYTILRGNAYVVNERSAFLWTVGYVPKIQTALSMEVPNPLFIEINKGEADIKQVLKDILSLTKLNYNACIFADGEPVTL
RFADKIGEILTASTDIKTPPLAFKYYI
;
F,H
#
loop_
_chem_comp.id
_chem_comp.type
_chem_comp.name
_chem_comp.formula
A RNA linking ADENOSINE-5'-MONOPHOSPHATE 'C10 H14 N5 O7 P'
DA DNA linking 2'-DEOXYADENOSINE-5'-MONOPHOSPHATE 'C10 H14 N5 O6 P'
DC DNA linking 2'-DEOXYCYTIDINE-5'-MONOPHOSPHATE 'C9 H14 N3 O7 P'
DT DNA linking THYMIDINE-5'-MONOPHOSPHATE 'C10 H15 N2 O8 P'
G RNA linking GUANOSINE-5'-MONOPHOSPHATE 'C10 H14 N5 O8 P'
U RNA linking URIDINE-5'-MONOPHOSPHATE 'C9 H13 N2 O9 P'
#
# COMPACT_ATOMS: atom_id res chain seq x y z
N GLU C 168 13.27 38.64 38.63
CA GLU C 168 11.92 38.80 39.15
C GLU C 168 11.12 39.80 38.31
N GLU C 169 9.97 39.34 37.80
CA GLU C 169 9.12 40.17 36.96
C GLU C 169 7.69 40.12 37.48
N ILE C 170 7.02 41.27 37.47
CA ILE C 170 5.65 41.40 37.94
C ILE C 170 4.73 41.47 36.73
N TYR C 171 3.63 40.72 36.78
CA TYR C 171 2.68 40.66 35.68
C TYR C 171 1.32 41.15 36.13
N ASP C 172 0.63 41.86 35.24
CA ASP C 172 -0.71 42.38 35.50
C ASP C 172 -1.72 41.47 34.83
N SER C 173 -2.56 40.84 35.63
CA SER C 173 -3.61 39.97 35.10
C SER C 173 -4.85 40.78 34.78
N ASN C 174 -5.87 40.10 34.25
CA ASN C 174 -7.17 40.71 33.99
C ASN C 174 -8.19 40.35 35.06
N TRP C 175 -7.74 39.79 36.19
CA TRP C 175 -8.61 39.39 37.28
C TRP C 175 -8.65 40.51 38.31
N LEU C 176 -9.84 40.98 38.64
CA LEU C 176 -10.03 41.95 39.71
C LEU C 176 -10.45 41.20 40.97
N SER C 177 -9.67 41.38 42.05
CA SER C 177 -10.00 40.73 43.31
C SER C 177 -11.31 41.27 43.87
N ILE C 178 -12.11 40.39 44.44
CA ILE C 178 -13.32 40.78 45.14
C ILE C 178 -12.95 40.94 46.61
N LEU C 179 -12.80 42.19 47.04
CA LEU C 179 -12.21 42.48 48.35
C LEU C 179 -13.12 41.99 49.48
N SER C 180 -14.43 42.18 49.35
CA SER C 180 -15.32 41.85 50.44
C SER C 180 -16.66 41.41 49.90
N PHE C 181 -17.40 40.67 50.73
CA PHE C 181 -18.75 40.21 50.47
C PHE C 181 -19.67 40.64 51.60
N PRO C 182 -20.97 40.73 51.36
CA PRO C 182 -21.90 40.92 52.47
C PRO C 182 -21.82 39.75 53.43
N GLU C 183 -22.06 40.04 54.71
CA GLU C 183 -21.89 39.02 55.75
C GLU C 183 -22.81 37.83 55.55
N GLU C 184 -23.99 38.05 54.96
CA GLU C 184 -25.00 37.00 54.84
C GLU C 184 -25.55 36.93 53.44
N LEU C 185 -25.67 35.70 52.92
CA LEU C 185 -26.43 35.41 51.72
C LEU C 185 -27.83 35.00 52.14
N ARG C 186 -28.82 35.80 51.76
CA ARG C 186 -30.18 35.64 52.27
C ARG C 186 -31.06 34.91 51.28
N PHE C 187 -31.97 34.10 51.79
CA PHE C 187 -33.00 33.42 51.00
C PHE C 187 -34.34 33.78 51.62
N HIS C 188 -35.01 34.79 51.07
CA HIS C 188 -36.26 35.27 51.64
C HIS C 188 -37.42 34.44 51.12
N GLU C 189 -38.27 33.96 52.05
CA GLU C 189 -39.41 33.11 51.69
C GLU C 189 -40.57 33.99 51.21
N TYR C 190 -40.38 34.57 50.03
CA TYR C 190 -41.42 35.41 49.45
C TYR C 190 -42.67 34.60 49.12
N ASN C 191 -42.48 33.41 48.54
CA ASN C 191 -43.57 32.47 48.25
C ASN C 191 -44.71 33.14 47.48
N TRP C 192 -45.91 33.12 48.07
CA TRP C 192 -47.07 33.69 47.39
C TRP C 192 -46.91 35.19 47.15
N MET C 193 -46.17 35.88 48.02
CA MET C 193 -45.91 37.30 47.82
C MET C 193 -45.14 37.56 46.53
N LEU C 194 -44.43 36.56 46.02
CA LEU C 194 -43.74 36.67 44.75
C LEU C 194 -44.56 36.00 43.67
N PRO C 195 -45.19 36.74 42.75
CA PRO C 195 -45.89 36.09 41.65
C PRO C 195 -44.92 35.29 40.80
N LYS C 196 -45.34 34.10 40.37
CA LYS C 196 -44.46 33.26 39.58
C LYS C 196 -44.24 33.87 38.20
N ARG C 197 -45.30 34.38 37.59
CA ARG C 197 -45.20 34.99 36.25
C ARG C 197 -44.58 36.38 36.37
N PHE C 198 -43.35 36.39 36.89
CA PHE C 198 -42.56 37.60 37.08
C PHE C 198 -41.09 37.23 36.98
N ASP C 199 -40.35 38.03 36.22
CA ASP C 199 -38.92 37.82 36.05
C ASP C 199 -38.16 38.63 37.09
N VAL C 200 -37.19 37.98 37.75
CA VAL C 200 -36.40 38.64 38.76
C VAL C 200 -35.41 39.63 38.17
N ARG C 201 -35.28 39.69 36.85
CA ARG C 201 -34.35 40.62 36.23
C ARG C 201 -34.80 42.07 36.35
N GLU C 202 -36.11 42.33 36.40
CA GLU C 202 -36.59 43.69 36.59
C GLU C 202 -36.45 44.18 38.02
N LEU C 203 -36.07 43.31 38.95
CA LEU C 203 -35.80 43.76 40.31
C LEU C 203 -34.60 44.69 40.33
N THR C 204 -34.65 45.70 41.21
CA THR C 204 -33.57 46.68 41.26
C THR C 204 -32.25 46.03 41.66
N PHE C 205 -32.29 45.10 42.59
CA PHE C 205 -31.09 44.43 43.07
C PHE C 205 -31.06 42.98 42.59
N PRO C 206 -29.85 42.40 42.44
CA PRO C 206 -29.76 41.02 41.96
C PRO C 206 -30.48 40.05 42.88
N ALA C 207 -31.14 39.06 42.26
CA ALA C 207 -31.90 38.05 42.99
C ALA C 207 -32.13 36.87 42.07
N VAL C 208 -32.13 35.67 42.65
CA VAL C 208 -32.33 34.43 41.91
C VAL C 208 -33.42 33.62 42.59
N ARG C 209 -34.40 33.16 41.82
CA ARG C 209 -35.52 32.42 42.39
C ARG C 209 -35.12 30.96 42.58
N TYR C 210 -34.79 30.59 43.82
CA TYR C 210 -34.36 29.24 44.16
C TYR C 210 -35.41 28.60 45.04
N LYS C 211 -36.06 27.54 44.54
CA LYS C 211 -37.20 26.88 45.21
C LYS C 211 -38.28 27.94 45.38
N ASN C 212 -38.86 28.08 46.58
CA ASN C 212 -39.77 29.18 46.87
C ASN C 212 -39.04 30.36 47.52
N TYR C 213 -37.73 30.25 47.69
CA TYR C 213 -36.90 31.30 48.25
C TYR C 213 -36.44 32.24 47.13
N LEU C 214 -36.23 33.50 47.49
CA LEU C 214 -35.51 34.44 46.65
C LEU C 214 -34.13 34.62 47.24
N CYS C 215 -33.11 34.16 46.53
CA CYS C 215 -31.72 34.26 46.96
C CYS C 215 -31.16 35.61 46.54
N THR C 216 -30.71 36.39 47.51
CA THR C 216 -30.13 37.70 47.25
C THR C 216 -29.30 38.11 48.45
N PHE C 217 -28.40 39.07 48.23
CA PHE C 217 -27.67 39.70 49.31
C PHE C 217 -28.39 40.92 49.85
N ALA C 218 -29.55 41.26 49.29
CA ALA C 218 -30.25 42.48 49.66
C ALA C 218 -31.05 42.29 50.95
N TRP C 219 -31.70 43.37 51.38
CA TRP C 219 -32.59 43.35 52.52
C TRP C 219 -33.96 42.84 52.09
N ALA C 220 -34.78 42.48 53.09
CA ALA C 220 -36.06 41.82 52.80
C ALA C 220 -36.99 42.72 52.00
N TYR C 221 -37.04 44.01 52.33
CA TYR C 221 -37.98 44.93 51.72
C TYR C 221 -37.33 45.85 50.67
N ASP C 222 -36.22 45.41 50.07
CA ASP C 222 -35.61 46.21 49.03
C ASP C 222 -36.35 46.10 47.70
N PHE C 223 -37.23 45.11 47.56
CA PHE C 223 -37.97 44.89 46.32
C PHE C 223 -39.42 45.35 46.45
N THR C 224 -39.69 46.28 47.37
CA THR C 224 -41.06 46.71 47.63
C THR C 224 -41.67 47.40 46.42
N TYR C 225 -40.89 48.21 45.71
CA TYR C 225 -41.43 48.96 44.57
C TYR C 225 -41.93 48.01 43.48
N HIS C 226 -41.14 46.99 43.15
CA HIS C 226 -41.57 46.00 42.17
C HIS C 226 -42.52 44.97 42.75
N LEU C 227 -42.52 44.78 44.07
CA LEU C 227 -43.34 43.78 44.73
C LEU C 227 -44.09 44.42 45.89
N PRO C 228 -45.18 45.14 45.61
CA PRO C 228 -45.98 45.73 46.70
C PRO C 228 -46.63 44.70 47.59
N LYS C 229 -46.76 43.45 47.14
CA LYS C 229 -47.39 42.40 47.91
C LYS C 229 -46.46 41.79 48.96
N THR C 230 -45.18 42.15 48.94
CA THR C 230 -44.22 41.65 49.91
C THR C 230 -44.14 42.53 51.15
N GLU C 231 -45.01 43.54 51.26
CA GLU C 231 -44.97 44.46 52.39
C GLU C 231 -45.25 43.76 53.72
N THR C 232 -45.86 42.57 53.70
CA THR C 232 -46.21 41.84 54.91
C THR C 232 -45.30 40.63 55.12
N TYR C 233 -44.11 40.66 54.51
CA TYR C 233 -43.16 39.58 54.69
C TYR C 233 -42.60 39.58 56.11
N HIS C 234 -42.31 38.38 56.62
CA HIS C 234 -41.76 38.21 57.95
C HIS C 234 -40.26 37.92 57.84
N LYS C 235 -39.45 38.71 58.56
CA LYS C 235 -38.00 38.61 58.42
C LYS C 235 -37.47 37.30 58.99
N SER C 236 -38.16 36.70 59.97
CA SER C 236 -37.67 35.48 60.60
C SER C 236 -37.70 34.27 59.68
N LYS C 237 -38.36 34.37 58.52
CA LYS C 237 -38.40 33.27 57.56
C LYS C 237 -37.12 33.16 56.74
N THR C 238 -36.22 34.13 56.85
CA THR C 238 -34.97 34.11 56.08
C THR C 238 -34.03 33.05 56.64
N ILE C 239 -33.27 32.42 55.74
CA ILE C 239 -32.34 31.36 56.10
C ILE C 239 -30.92 31.83 55.77
N ARG C 240 -30.67 33.12 56.02
CA ARG C 240 -29.39 33.78 55.75
C ARG C 240 -28.20 32.90 56.12
N ILE C 241 -27.16 32.95 55.30
CA ILE C 241 -26.02 32.04 55.40
C ILE C 241 -24.73 32.82 55.58
N PRO C 242 -23.80 32.34 56.42
CA PRO C 242 -22.50 33.03 56.59
C PRO C 242 -21.57 32.85 55.40
N THR C 243 -21.68 33.74 54.41
CA THR C 243 -20.97 33.66 53.14
C THR C 243 -19.53 33.18 53.24
N GLU C 244 -18.84 33.51 54.34
CA GLU C 244 -17.49 32.99 54.54
C GLU C 244 -17.48 31.47 54.54
N GLU C 245 -18.49 30.85 55.15
CA GLU C 245 -18.61 29.40 55.10
C GLU C 245 -18.82 28.92 53.66
N ILE C 246 -19.60 29.67 52.88
CA ILE C 246 -19.86 29.28 51.49
C ILE C 246 -18.55 29.29 50.69
N LEU C 247 -17.80 30.38 50.78
CA LEU C 247 -16.56 30.48 50.02
C LEU C 247 -15.52 29.48 50.50
N SER C 248 -15.40 29.31 51.82
CA SER C 248 -14.47 28.31 52.34
C SER C 248 -14.90 26.89 51.98
N GLY C 249 -16.20 26.67 51.89
CA GLY C 249 -16.75 25.35 51.58
C GLY C 249 -17.43 24.67 52.74
N SER C 250 -17.55 25.31 53.90
CA SER C 250 -18.11 24.66 55.08
C SER C 250 -19.59 24.34 54.89
N TYR C 251 -20.35 25.26 54.29
CA TYR C 251 -21.79 25.11 54.23
C TYR C 251 -22.20 24.11 53.16
N ASP C 252 -22.97 23.10 53.56
CA ASP C 252 -23.51 22.10 52.65
C ASP C 252 -24.60 21.31 53.37
N SER C 253 -25.80 21.27 52.79
CA SER C 253 -26.91 20.57 53.42
C SER C 253 -27.93 20.18 52.36
N ASN C 254 -29.05 19.63 52.81
CA ASN C 254 -30.11 19.25 51.89
C ASN C 254 -30.79 20.46 51.28
N PHE C 255 -30.91 21.55 52.05
CA PHE C 255 -31.55 22.76 51.54
C PHE C 255 -30.77 23.33 50.36
N ILE C 256 -29.45 23.45 50.50
CA ILE C 256 -28.59 23.98 49.46
C ILE C 256 -27.26 23.25 49.50
N ARG C 257 -26.68 23.05 48.32
CA ARG C 257 -25.41 22.35 48.18
C ARG C 257 -24.30 23.36 47.91
N ASN C 258 -23.10 23.09 48.43
CA ASN C 258 -21.99 24.02 48.30
C ASN C 258 -21.62 24.25 46.84
N ALA C 259 -21.80 23.24 45.99
CA ALA C 259 -21.57 23.44 44.56
C ALA C 259 -22.58 24.40 43.95
N GLU C 260 -23.85 24.24 44.31
CA GLU C 260 -24.91 25.09 43.77
C GLU C 260 -25.16 26.33 44.61
N CYS C 261 -24.50 26.47 45.75
CA CYS C 261 -24.59 27.70 46.53
C CYS C 261 -23.56 28.72 46.11
N LYS C 262 -22.41 28.28 45.61
CA LYS C 262 -21.41 29.18 45.05
C LYS C 262 -21.77 29.61 43.62
N ARG C 263 -22.49 28.77 42.90
CA ARG C 263 -22.98 29.17 41.59
C ARG C 263 -24.02 30.27 41.70
N LEU C 264 -24.83 30.25 42.76
CA LEU C 264 -25.80 31.32 42.99
C LEU C 264 -25.14 32.66 43.21
N ILE C 265 -24.04 32.71 43.95
CA ILE C 265 -23.34 33.96 44.18
C ILE C 265 -22.71 34.49 42.89
N VAL C 266 -22.21 33.60 42.03
CA VAL C 266 -21.65 34.04 40.76
C VAL C 266 -22.72 34.71 39.90
N GLN C 267 -23.92 34.11 39.86
CA GLN C 267 -25.02 34.74 39.13
C GLN C 267 -25.37 36.10 39.71
N LEU C 268 -25.40 36.20 41.04
CA LEU C 268 -25.69 37.47 41.68
C LEU C 268 -24.62 38.51 41.34
N LEU C 269 -23.35 38.11 41.38
CA LEU C 269 -22.27 39.04 41.06
C LEU C 269 -22.30 39.45 39.60
N ASN C 270 -22.61 38.52 38.69
CA ASN C 270 -22.70 38.86 37.28
C ASN C 270 -23.83 39.85 37.02
N LYS C 271 -25.01 39.59 37.59
CA LYS C 271 -26.11 40.52 37.41
C LYS C 271 -25.82 41.86 38.04
N ALA C 272 -25.13 41.88 39.19
CA ALA C 272 -24.74 43.14 39.80
C ALA C 272 -23.78 43.90 38.92
N PHE C 273 -22.83 43.21 38.29
CA PHE C 273 -21.91 43.88 37.38
C PHE C 273 -22.66 44.48 36.19
N GLU C 274 -23.62 43.73 35.64
CA GLU C 274 -24.41 44.25 34.53
C GLU C 274 -25.20 45.49 34.94
N LEU C 275 -25.84 45.44 36.11
CA LEU C 275 -26.62 46.58 36.57
C LEU C 275 -25.74 47.78 36.87
N ARG C 276 -24.56 47.54 37.45
CA ARG C 276 -23.63 48.63 37.72
C ARG C 276 -23.13 49.28 36.44
N MET C 277 -22.87 48.47 35.42
CA MET C 277 -22.49 49.02 34.12
C MET C 277 -23.64 49.82 33.52
N LYS C 278 -24.88 49.34 33.69
CA LYS C 278 -26.03 50.12 33.26
C LYS C 278 -26.11 51.45 34.00
N ASP C 279 -25.71 51.47 35.27
CA ASP C 279 -25.83 52.69 36.07
C ASP C 279 -24.87 53.77 35.59
N LYS C 280 -23.67 53.39 35.15
CA LYS C 280 -22.65 54.35 34.76
C LYS C 280 -22.83 54.86 33.34
N GLU C 281 -23.90 54.46 32.66
CA GLU C 281 -24.23 54.95 31.32
C GLU C 281 -23.09 54.69 30.33
N VAL C 282 -22.81 53.40 30.13
CA VAL C 282 -21.88 52.94 29.11
C VAL C 282 -22.68 52.17 28.08
N GLN C 283 -22.41 52.44 26.80
CA GLN C 283 -23.18 51.80 25.74
C GLN C 283 -22.88 50.30 25.71
N GLU C 284 -23.86 49.55 25.20
CA GLU C 284 -23.86 48.10 25.33
C GLU C 284 -23.95 47.46 23.95
N TYR C 285 -23.15 46.42 23.73
CA TYR C 285 -23.18 45.63 22.52
C TYR C 285 -23.27 44.15 22.87
N GLU C 286 -24.24 43.46 22.29
CA GLU C 286 -24.47 42.04 22.57
C GLU C 286 -23.57 41.19 21.68
N MET C 287 -22.85 40.26 22.29
CA MET C 287 -22.06 39.29 21.55
C MET C 287 -22.89 38.02 21.36
N SER C 288 -22.24 36.94 20.90
CA SER C 288 -22.94 35.67 20.74
C SER C 288 -23.43 35.15 22.09
N ASN C 289 -22.58 35.20 23.11
CA ASN C 289 -22.92 34.72 24.44
C ASN C 289 -22.90 35.81 25.48
N LYS C 290 -21.83 36.60 25.53
CA LYS C 290 -21.69 37.63 26.55
C LYS C 290 -22.19 38.97 26.03
N THR C 291 -22.08 39.99 26.88
CA THR C 291 -22.37 41.37 26.53
C THR C 291 -21.19 42.25 26.93
N ALA C 292 -20.88 43.24 26.12
CA ALA C 292 -19.73 44.09 26.36
C ALA C 292 -20.17 45.54 26.46
N TYR C 293 -19.41 46.31 27.23
CA TYR C 293 -19.74 47.70 27.56
C TYR C 293 -18.65 48.60 26.99
N TRP C 294 -19.00 49.38 25.98
CA TRP C 294 -18.10 50.33 25.35
C TRP C 294 -18.54 51.74 25.69
N LEU C 295 -17.70 52.71 25.32
CA LEU C 295 -17.91 54.11 25.67
C LEU C 295 -18.27 54.93 24.44
N GLU C 296 -19.21 55.86 24.61
CA GLU C 296 -19.70 56.67 23.52
C GLU C 296 -18.68 57.73 23.12
N LYS C 297 -18.67 58.05 21.82
CA LYS C 297 -17.89 59.17 21.31
C LYS C 297 -18.36 60.47 21.95
N GLY C 298 -17.52 61.07 22.78
CA GLY C 298 -17.86 62.28 23.49
C GLY C 298 -18.22 62.10 24.94
N LYS C 299 -18.41 60.86 25.40
CA LYS C 299 -18.68 60.61 26.81
C LYS C 299 -17.51 61.04 27.68
N LEU C 300 -16.29 60.73 27.25
CA LEU C 300 -15.09 61.12 27.96
C LEU C 300 -14.58 62.46 27.42
N GLU C 301 -13.73 63.10 28.21
CA GLU C 301 -13.10 64.34 27.78
C GLU C 301 -12.13 64.04 26.64
N LYS C 302 -12.53 64.37 25.42
CA LYS C 302 -11.78 64.09 24.19
C LYS C 302 -11.61 62.58 23.97
N ASP C 303 -12.31 61.76 24.76
CA ASP C 303 -12.19 60.31 24.72
C ASP C 303 -10.76 59.86 25.05
N LYS C 304 -10.32 60.21 26.25
CA LYS C 304 -9.06 59.70 26.80
C LYS C 304 -9.17 59.76 28.32
N PHE C 305 -9.40 58.61 28.94
CA PHE C 305 -9.34 58.52 30.39
C PHE C 305 -7.91 58.20 30.82
N GLU C 306 -7.52 58.77 31.96
CA GLU C 306 -6.12 58.73 32.43
C GLU C 306 -5.29 59.36 31.32
N LYS C 307 -4.20 58.72 30.87
CA LYS C 307 -3.40 59.24 29.77
C LYS C 307 -3.49 58.36 28.53
N THR C 308 -4.35 57.34 28.53
CA THR C 308 -4.47 56.40 27.43
C THR C 308 -5.82 56.54 26.77
N MET C 309 -5.82 56.74 25.45
CA MET C 309 -7.06 56.91 24.71
C MET C 309 -7.88 55.62 24.72
N LEU C 310 -9.19 55.77 24.90
CA LEU C 310 -10.10 54.64 24.84
C LEU C 310 -10.93 54.58 23.57
N VAL C 311 -11.25 55.73 22.97
CA VAL C 311 -12.06 55.79 21.76
C VAL C 311 -11.30 56.58 20.71
N GLY C 312 -11.16 56.01 19.52
CA GLY C 312 -10.43 56.66 18.45
C GLY C 312 -11.08 56.50 17.08
N LYS C 313 -10.34 56.85 16.03
CA LYS C 313 -10.83 56.80 14.66
C LYS C 313 -10.02 55.80 13.84
N GLN C 314 -10.66 55.23 12.83
CA GLN C 314 -9.99 54.36 11.87
C GLN C 314 -10.81 54.42 10.58
N LYS C 315 -10.32 55.17 9.60
CA LYS C 315 -11.02 55.44 8.33
C LYS C 315 -12.35 56.09 8.72
N ASP C 316 -13.49 55.57 8.28
CA ASP C 316 -14.79 56.13 8.61
C ASP C 316 -15.41 55.48 9.85
N LYS C 317 -14.67 54.63 10.55
CA LYS C 317 -15.20 53.86 11.68
C LYS C 317 -14.64 54.40 12.98
N ASN C 318 -15.54 54.81 13.88
CA ASN C 318 -15.14 55.19 15.23
C ASN C 318 -14.99 53.92 16.05
N TRP C 319 -13.76 53.64 16.50
CA TRP C 319 -13.49 52.45 17.29
C TRP C 319 -13.49 52.78 18.78
N HIS C 320 -13.99 51.84 19.57
CA HIS C 320 -14.15 51.99 21.00
C HIS C 320 -13.61 50.75 21.70
N PHE C 321 -13.11 50.94 22.90
CA PHE C 321 -12.64 49.84 23.74
C PHE C 321 -13.75 49.42 24.68
N ALA C 322 -14.05 48.12 24.70
CA ALA C 322 -15.13 47.58 25.52
C ALA C 322 -14.59 46.45 26.37
N ILE C 323 -15.28 46.20 27.48
CA ILE C 323 -14.91 45.13 28.40
C ILE C 323 -16.14 44.30 28.72
N SER C 324 -15.90 43.04 29.07
CA SER C 324 -16.94 42.13 29.54
C SER C 324 -16.48 41.49 30.84
N GLY C 325 -17.39 41.38 31.79
CA GLY C 325 -17.08 40.88 33.11
C GLY C 325 -17.72 39.53 33.37
N ALA C 326 -17.04 38.72 34.17
CA ALA C 326 -17.57 37.42 34.56
C ALA C 326 -16.98 37.04 35.91
N SER C 327 -17.84 36.86 36.91
CA SER C 327 -17.36 36.53 38.25
C SER C 327 -17.09 35.04 38.37
N LYS C 328 -15.99 34.71 39.04
CA LYS C 328 -15.61 33.33 39.29
C LYS C 328 -15.13 33.21 40.72
N LEU C 329 -15.26 32.00 41.28
CA LEU C 329 -14.87 31.76 42.66
C LEU C 329 -13.83 30.66 42.82
N TYR C 330 -13.39 30.02 41.72
CA TYR C 330 -12.55 28.83 41.87
C TYR C 330 -11.15 29.16 42.37
N PRO C 331 -10.31 29.90 41.62
CA PRO C 331 -8.96 30.19 42.14
C PRO C 331 -9.04 31.12 43.35
N PHE C 332 -9.75 32.22 43.17
CA PHE C 332 -10.07 33.18 44.22
C PHE C 332 -11.47 33.67 43.92
N PRO C 333 -12.11 34.42 44.82
CA PRO C 333 -13.26 35.22 44.39
C PRO C 333 -12.78 36.39 43.56
N VAL C 334 -12.91 36.28 42.24
CA VAL C 334 -12.37 37.27 41.31
C VAL C 334 -13.41 37.59 40.25
N LEU C 335 -13.13 38.65 39.50
CA LEU C 335 -13.94 39.07 38.38
C LEU C 335 -13.02 39.14 37.17
N MET C 336 -13.20 38.22 36.23
CA MET C 336 -12.40 38.21 35.01
C MET C 336 -12.98 39.19 34.01
N ILE C 337 -12.10 39.95 33.35
CA ILE C 337 -12.51 40.94 32.36
C ILE C 337 -11.85 40.60 31.04
N SER C 338 -12.67 40.51 29.99
CA SER C 338 -12.22 40.28 28.63
C SER C 338 -12.31 41.58 27.85
N SER C 339 -11.30 41.85 27.03
CA SER C 339 -11.18 43.09 26.28
C SER C 339 -11.66 42.88 24.85
N HIS C 340 -12.33 43.89 24.30
CA HIS C 340 -12.83 43.81 22.94
C HIS C 340 -12.76 45.20 22.31
N ILE C 341 -12.78 45.22 20.97
CA ILE C 341 -12.78 46.45 20.19
C ILE C 341 -14.06 46.46 19.36
N PHE C 342 -14.79 47.56 19.43
CA PHE C 342 -16.06 47.71 18.74
C PHE C 342 -15.99 48.90 17.78
N PHE C 343 -16.87 48.90 16.79
CA PHE C 343 -16.82 49.92 15.74
C PHE C 343 -18.20 50.49 15.49
N THR C 344 -18.24 51.78 15.18
CA THR C 344 -19.46 52.51 14.91
C THR C 344 -19.29 53.33 13.63
N ALA C 345 -20.39 53.47 12.90
CA ALA C 345 -20.37 54.26 11.67
C ALA C 345 -20.35 55.76 11.94
N ASP C 346 -21.05 56.21 12.97
CA ASP C 346 -21.15 57.63 13.29
C ASP C 346 -20.62 57.97 14.67
N GLY C 347 -20.21 56.98 15.46
CA GLY C 347 -19.81 57.19 16.83
C GLY C 347 -20.92 56.97 17.85
N LYS C 348 -22.15 56.76 17.39
CA LYS C 348 -23.26 56.50 18.30
C LYS C 348 -24.00 55.21 17.99
N LYS C 349 -24.18 54.85 16.72
CA LYS C 349 -24.90 53.64 16.34
C LYS C 349 -23.92 52.58 15.87
N LEU C 350 -24.22 51.34 16.19
CA LEU C 350 -23.32 50.21 15.94
C LEU C 350 -23.56 49.61 14.57
N ILE C 351 -22.47 49.22 13.91
CA ILE C 351 -22.56 48.57 12.61
C ILE C 351 -23.25 47.21 12.78
N ASP C 352 -24.24 46.94 11.92
CA ASP C 352 -25.05 45.75 12.07
C ASP C 352 -24.41 44.50 11.47
N SER C 353 -23.37 44.65 10.66
CA SER C 353 -22.74 43.50 10.01
C SER C 353 -21.72 42.87 10.95
N SER C 354 -21.92 41.58 11.27
CA SER C 354 -20.96 40.88 12.12
C SER C 354 -19.61 40.73 11.41
N SER C 355 -19.64 40.43 10.11
CA SER C 355 -18.39 40.27 9.36
C SER C 355 -17.61 41.58 9.30
N VAL C 356 -18.31 42.70 9.10
CA VAL C 356 -17.64 43.99 9.04
C VAL C 356 -16.98 44.30 10.38
N GLN C 357 -17.71 44.07 11.47
CA GLN C 357 -17.15 44.32 12.81
C GLN C 357 -15.96 43.42 13.07
N HIS C 358 -16.05 42.15 12.68
CA HIS C 358 -14.93 41.22 12.89
C HIS C 358 -13.70 41.67 12.12
N SER C 359 -13.88 42.03 10.84
CA SER C 359 -12.75 42.47 10.03
C SER C 359 -12.14 43.75 10.60
N SER C 360 -12.98 44.70 11.01
CA SER C 360 -12.46 45.94 11.58
C SER C 360 -11.71 45.67 12.88
N ARG C 361 -12.24 44.77 13.71
CA ARG C 361 -11.56 44.44 14.96
C ARG C 361 -10.21 43.80 14.70
N ARG C 362 -10.14 42.90 13.72
CA ARG C 362 -8.84 42.30 13.38
C ARG C 362 -7.87 43.35 12.86
N ARG C 363 -8.35 44.25 12.01
CA ARG C 363 -7.48 45.30 11.48
C ARG C 363 -6.96 46.20 12.59
N GLN C 364 -7.82 46.57 13.53
CA GLN C 364 -7.40 47.45 14.62
C GLN C 364 -6.46 46.75 15.58
N GLY C 365 -6.72 45.48 15.88
CA GLY C 365 -5.86 44.73 16.77
C GLY C 365 -4.57 44.24 16.15
N LYS C 366 -4.43 44.38 14.83
CA LYS C 366 -3.17 44.03 14.17
C LYS C 366 -1.97 44.72 14.80
N ASN C 367 -2.14 45.96 15.26
CA ASN C 367 -1.03 46.74 15.82
C ASN C 367 -1.23 47.09 17.29
N TRP C 368 -2.04 46.34 18.02
CA TRP C 368 -2.22 46.57 19.46
C TRP C 368 -1.38 45.54 20.21
N TRP C 369 -0.27 45.98 20.76
CA TRP C 369 0.66 45.11 21.46
C TRP C 369 0.36 45.12 22.96
N ASN C 370 1.28 44.61 23.77
CA ASN C 370 1.03 44.38 25.19
C ASN C 370 0.56 45.63 25.90
N ASN C 371 1.30 46.72 25.78
CA ASN C 371 0.95 47.94 26.50
C ASN C 371 -0.23 48.68 25.88
N THR C 372 -0.61 48.35 24.65
CA THR C 372 -1.81 48.94 24.07
C THR C 372 -3.08 48.30 24.62
N TRP C 373 -3.02 47.03 25.01
CA TRP C 373 -4.14 46.35 25.63
C TRP C 373 -4.17 46.57 27.14
N ARG C 374 -3.02 46.43 27.80
CA ARG C 374 -2.97 46.52 29.25
C ARG C 374 -3.38 47.91 29.73
N THR C 375 -2.82 48.95 29.11
CA THR C 375 -3.12 50.31 29.55
C THR C 375 -4.59 50.64 29.31
N LYS C 376 -5.16 50.22 28.18
CA LYS C 376 -6.57 50.49 27.93
C LYS C 376 -7.47 49.74 28.92
N LEU C 377 -7.14 48.49 29.21
CA LEU C 377 -7.92 47.74 30.19
C LEU C 377 -7.87 48.41 31.56
N LEU C 378 -6.67 48.80 32.01
CA LEU C 378 -6.55 49.44 33.30
C LEU C 378 -7.24 50.80 33.33
N ALA C 379 -7.19 51.54 32.22
CA ALA C 379 -7.87 52.83 32.15
C ALA C 379 -9.38 52.65 32.26
N PHE C 380 -9.93 51.66 31.55
CA PHE C 380 -11.37 51.41 31.64
C PHE C 380 -11.76 51.01 33.06
N ILE C 381 -10.95 50.15 33.69
CA ILE C 381 -11.25 49.75 35.06
C ILE C 381 -11.19 50.94 36.01
N LYS C 382 -10.18 51.80 35.84
CA LYS C 382 -10.09 53.00 36.67
C LYS C 382 -11.26 53.95 36.42
N TYR C 383 -11.75 54.00 35.19
CA TYR C 383 -12.97 54.75 34.91
C TYR C 383 -14.15 54.18 35.69
N LEU C 384 -14.25 52.85 35.75
CA LEU C 384 -15.32 52.24 36.53
C LEU C 384 -15.10 52.38 38.04
N SER C 385 -13.94 52.84 38.48
CA SER C 385 -13.65 52.94 39.90
C SER C 385 -14.52 54.01 40.56
N ASP C 386 -14.76 53.83 41.86
CA ASP C 386 -15.50 54.79 42.65
C ASP C 386 -14.64 55.48 43.72
N ASP C 387 -13.52 54.89 44.10
CA ASP C 387 -12.55 55.56 44.96
C ASP C 387 -11.16 55.17 44.48
N ASP C 388 -10.15 55.43 45.31
CA ASP C 388 -8.76 55.20 44.90
C ASP C 388 -8.33 53.75 45.01
N THR C 389 -9.19 52.85 45.52
CA THR C 389 -8.77 51.47 45.72
C THR C 389 -9.71 50.42 45.13
N SER C 390 -10.96 50.76 44.79
CA SER C 390 -11.90 49.75 44.33
C SER C 390 -13.14 50.44 43.77
N PHE C 391 -14.09 49.61 43.34
CA PHE C 391 -15.45 50.05 43.07
C PHE C 391 -16.39 49.04 43.72
N TYR C 392 -17.69 49.30 43.64
CA TYR C 392 -18.64 48.44 44.31
C TYR C 392 -19.80 48.07 43.39
N LEU C 393 -20.31 46.86 43.61
CA LEU C 393 -21.55 46.39 43.01
C LEU C 393 -22.62 46.40 44.08
N GLU C 394 -23.78 46.99 43.76
CA GLU C 394 -24.82 47.22 44.75
C GLU C 394 -25.63 45.93 44.93
N MET C 395 -25.32 45.19 46.00
CA MET C 395 -26.12 44.03 46.37
C MET C 395 -27.51 44.41 46.83
N GLY C 396 -27.64 45.53 47.55
CA GLY C 396 -28.92 45.95 48.06
C GLY C 396 -28.83 47.36 48.60
N SER C 397 -29.89 47.77 49.32
CA SER C 397 -29.91 49.12 49.86
C SER C 397 -28.79 49.35 50.86
N GLU C 398 -28.28 48.29 51.47
CA GLU C 398 -27.24 48.41 52.49
C GLU C 398 -26.00 47.56 52.24
N GLU C 399 -26.06 46.59 51.33
CA GLU C 399 -24.97 45.66 51.10
C GLU C 399 -24.29 45.96 49.78
N LYS C 400 -22.96 46.00 49.79
CA LYS C 400 -22.17 46.26 48.59
C LYS C 400 -21.00 45.30 48.52
N VAL C 401 -20.75 44.78 47.32
CA VAL C 401 -19.59 43.93 47.06
C VAL C 401 -18.49 44.81 46.50
N PHE C 402 -17.33 44.81 47.14
CA PHE C 402 -16.24 45.70 46.74
C PHE C 402 -15.25 44.91 45.89
N VAL C 403 -15.09 45.34 44.64
CA VAL C 403 -14.17 44.74 43.69
C VAL C 403 -12.99 45.68 43.49
N SER C 404 -11.78 45.17 43.73
CA SER C 404 -10.60 45.99 43.60
C SER C 404 -10.41 46.47 42.16
N ASN C 405 -10.07 47.73 42.01
CA ASN C 405 -9.74 48.27 40.69
C ASN C 405 -8.31 47.94 40.27
N GLU C 406 -7.46 47.51 41.20
CA GLU C 406 -6.14 47.02 40.86
C GLU C 406 -6.20 45.53 40.61
N PRO C 407 -5.84 45.05 39.42
CA PRO C 407 -5.98 43.62 39.13
C PRO C 407 -4.97 42.79 39.91
N VAL C 408 -5.25 41.50 39.99
CA VAL C 408 -4.35 40.57 40.64
C VAL C 408 -3.01 40.59 39.93
N LYS C 409 -1.93 40.69 40.70
CA LYS C 409 -0.59 40.72 40.15
C LYS C 409 0.11 39.39 40.39
N PHE C 410 0.90 38.96 39.42
CA PHE C 410 1.65 37.72 39.50
C PHE C 410 3.14 38.02 39.37
N LYS C 411 3.95 37.27 40.11
CA LYS C 411 5.38 37.52 40.18
C LYS C 411 6.12 36.33 39.57
N GLY C 412 6.83 36.58 38.47
CA GLY C 412 7.60 35.55 37.80
C GLY C 412 9.08 35.71 38.09
N ASN C 413 9.76 34.58 38.30
CA ASN C 413 11.17 34.57 38.68
C ASN C 413 12.11 34.61 37.49
N VAL C 414 11.59 34.61 36.27
CA VAL C 414 12.40 34.66 35.06
C VAL C 414 11.80 35.71 34.13
N SER C 415 12.68 36.47 33.46
CA SER C 415 12.26 37.51 32.54
C SER C 415 13.20 37.51 31.35
N TYR C 416 13.13 38.57 30.55
CA TYR C 416 14.00 38.72 29.38
C TYR C 416 13.99 40.18 28.98
N ASN C 417 14.82 40.50 27.98
CA ASN C 417 14.93 41.85 27.44
C ASN C 417 15.06 41.77 25.93
N ILE C 418 14.83 42.89 25.27
CA ILE C 418 14.94 42.96 23.82
C ILE C 418 16.38 42.73 23.38
N MET D 1 0.08 39.29 45.02
CA MET D 1 1.25 38.71 44.38
C MET D 1 1.27 37.21 44.54
N LYS D 2 1.10 36.49 43.44
CA LYS D 2 1.06 35.03 43.43
C LYS D 2 2.26 34.49 42.66
N GLU D 3 2.85 33.42 43.18
CA GLU D 3 4.07 32.86 42.60
C GLU D 3 3.77 32.24 41.24
N LEU D 4 4.78 32.30 40.37
CA LEU D 4 4.63 31.89 38.97
C LEU D 4 5.90 31.12 38.58
N ILE D 5 5.81 29.79 38.58
CA ILE D 5 6.98 28.96 38.29
C ILE D 5 7.18 28.89 36.79
N TYR D 6 8.33 28.36 36.38
CA TYR D 6 8.72 28.28 34.97
C TYR D 6 9.33 26.92 34.70
N ILE D 7 8.73 26.17 33.79
CA ILE D 7 9.25 24.86 33.40
C ILE D 7 10.35 25.06 32.37
N GLU D 8 11.46 24.35 32.55
CA GLU D 8 12.57 24.43 31.60
C GLU D 8 12.12 23.95 30.22
N GLU D 9 12.67 24.57 29.19
CA GLU D 9 12.33 24.21 27.82
C GLU D 9 12.76 22.77 27.55
N PRO D 10 11.84 21.89 27.16
CA PRO D 10 12.23 20.51 26.85
C PRO D 10 13.13 20.44 25.63
N LYS D 11 13.99 19.43 25.61
CA LYS D 11 14.94 19.23 24.55
C LYS D 11 14.56 18.00 23.74
N ILE D 12 14.61 18.13 22.41
CA ILE D 12 14.34 17.03 21.51
C ILE D 12 15.66 16.54 20.95
N LEU D 13 15.69 15.28 20.51
CA LEU D 13 16.91 14.63 20.08
C LEU D 13 16.97 14.54 18.55
N PHE D 14 18.19 14.65 18.02
CA PHE D 14 18.42 14.62 16.58
C PHE D 14 19.47 13.57 16.24
N ALA D 15 19.96 13.60 15.00
CA ALA D 15 20.98 12.66 14.56
C ALA D 15 22.23 12.79 15.42
N HIS D 16 23.01 11.70 15.47
CA HIS D 16 24.23 11.60 16.27
C HIS D 16 23.96 11.77 17.76
N GLY D 17 22.70 11.66 18.17
CA GLY D 17 22.36 11.87 19.58
C GLY D 17 22.57 13.29 20.06
N GLN D 18 22.15 14.28 19.28
CA GLN D 18 22.29 15.68 19.63
C GLN D 18 20.98 16.23 20.15
N LYS D 19 21.06 17.36 20.85
CA LYS D 19 19.90 17.98 21.47
C LYS D 19 19.80 19.44 21.06
N CYS D 20 18.57 19.93 20.94
CA CYS D 20 18.29 21.32 20.61
C CYS D 20 16.81 21.60 20.91
N THR D 21 16.52 22.83 21.31
CA THR D 21 15.13 23.21 21.57
C THR D 21 14.38 23.43 20.27
N ASP D 22 15.00 24.10 19.30
CA ASP D 22 14.33 24.44 18.06
C ASP D 22 14.41 23.28 17.08
N ALA D 23 13.25 22.88 16.54
CA ALA D 23 13.24 21.82 15.53
C ALA D 23 13.90 22.30 14.24
N ARG D 24 13.63 23.54 13.83
CA ARG D 24 14.21 24.07 12.60
C ARG D 24 15.72 24.14 12.67
N ASP D 25 16.25 24.67 13.77
CA ASP D 25 17.71 24.78 13.90
C ASP D 25 18.35 23.40 14.04
N GLY D 26 17.69 22.49 14.76
CA GLY D 26 18.23 21.15 14.89
C GLY D 26 18.29 20.42 13.56
N LEU D 27 17.24 20.54 12.74
CA LEU D 27 17.25 19.90 11.43
C LEU D 27 18.24 20.57 10.49
N ALA D 28 18.36 21.90 10.57
CA ALA D 28 19.23 22.62 9.65
C ALA D 28 20.71 22.30 9.88
N LEU D 29 21.09 21.98 11.11
CA LEU D 29 22.48 21.72 11.44
C LEU D 29 22.80 20.26 11.70
N PHE D 30 21.92 19.50 12.34
CA PHE D 30 22.26 18.15 12.76
C PHE D 30 21.56 17.07 11.95
N GLY D 31 20.46 17.37 11.27
CA GLY D 31 19.80 16.44 10.40
C GLY D 31 18.80 15.55 11.11
N PRO D 32 18.03 14.79 10.33
CA PRO D 32 17.01 13.91 10.92
C PRO D 32 17.61 12.60 11.42
N LEU D 33 16.78 11.85 12.14
CA LEU D 33 17.24 10.66 12.83
C LEU D 33 17.63 9.55 11.87
N ASN D 34 16.75 9.23 10.92
CA ASN D 34 16.96 8.09 10.04
C ASN D 34 17.40 8.54 8.66
N ASN D 35 17.79 7.56 7.85
CA ASN D 35 18.33 7.78 6.51
C ASN D 35 17.32 7.30 5.48
N LEU D 36 16.68 8.26 4.80
CA LEU D 36 15.87 7.98 3.63
C LEU D 36 16.74 8.28 2.41
N TYR D 37 16.98 7.26 1.58
CA TYR D 37 17.84 7.46 0.42
C TYR D 37 17.22 8.42 -0.58
N GLY D 38 15.90 8.45 -0.68
CA GLY D 38 15.25 9.37 -1.58
C GLY D 38 13.75 9.30 -1.43
N ILE D 39 13.10 10.37 -1.87
CA ILE D 39 11.64 10.47 -1.85
C ILE D 39 11.17 10.45 -3.30
N LYS D 40 10.46 9.40 -3.68
CA LYS D 40 9.88 9.28 -5.01
C LYS D 40 8.47 9.85 -4.95
N SER D 41 8.24 10.94 -5.67
CA SER D 41 7.02 11.72 -5.54
C SER D 41 6.07 11.48 -6.70
N GLY D 42 4.82 11.20 -6.37
CA GLY D 42 3.75 11.16 -7.35
C GLY D 42 2.97 12.46 -7.30
N VAL D 43 2.71 13.02 -8.48
CA VAL D 43 2.03 14.31 -8.61
C VAL D 43 0.80 14.09 -9.47
N ILE D 44 -0.37 14.39 -8.92
CA ILE D 44 -1.63 14.26 -9.64
C ILE D 44 -2.29 15.62 -9.71
N GLY D 45 -2.70 16.01 -10.91
CA GLY D 45 -3.36 17.29 -11.08
C GLY D 45 -3.29 17.75 -12.53
N THR D 46 -3.76 18.97 -12.74
CA THR D 46 -3.76 19.55 -14.07
C THR D 46 -2.34 19.74 -14.57
N LYS D 47 -2.17 19.68 -15.90
CA LYS D 47 -0.85 19.91 -16.47
C LYS D 47 -0.35 21.31 -16.16
N GLN D 48 -1.27 22.28 -16.09
CA GLN D 48 -0.91 23.62 -15.63
C GLN D 48 -0.42 23.59 -14.19
N GLY D 49 -1.09 22.79 -13.35
CA GLY D 49 -0.69 22.67 -11.96
C GLY D 49 0.59 21.89 -11.76
N LEU D 50 0.93 20.98 -12.68
CA LEU D 50 2.20 20.27 -12.58
C LEU D 50 3.38 21.22 -12.71
N LYS D 51 3.26 22.20 -13.61
CA LYS D 51 4.34 23.18 -13.79
C LYS D 51 4.61 23.93 -12.49
N ILE D 52 3.53 24.29 -11.76
CA ILE D 52 3.69 25.00 -10.51
C ILE D 52 4.45 24.15 -9.50
N PHE D 53 4.09 22.88 -9.38
CA PHE D 53 4.78 22.01 -8.43
C PHE D 53 6.24 21.81 -8.82
N ARG D 54 6.51 21.63 -10.12
CA ARG D 54 7.88 21.46 -10.55
C ARG D 54 8.72 22.70 -10.23
N ASP D 55 8.15 23.89 -10.51
CA ASP D 55 8.88 25.12 -10.23
C ASP D 55 9.10 25.30 -8.73
N TYR D 56 8.10 24.98 -7.91
CA TYR D 56 8.26 25.13 -6.47
C TYR D 56 9.25 24.14 -5.90
N LEU D 57 9.28 22.92 -6.42
CA LEU D 57 10.24 21.95 -5.91
C LEU D 57 11.65 22.35 -6.32
N ASP D 58 11.81 22.88 -7.53
CA ASP D 58 13.10 23.46 -7.90
C ASP D 58 13.47 24.62 -7.00
N HIS D 59 12.48 25.43 -6.62
CA HIS D 59 12.72 26.53 -5.68
C HIS D 59 13.27 26.01 -4.36
N ILE D 60 12.59 25.03 -3.76
CA ILE D 60 13.04 24.50 -2.47
C ILE D 60 14.29 23.64 -2.60
N GLN D 61 14.72 23.31 -3.81
CA GLN D 61 15.99 22.63 -3.97
C GLN D 61 17.15 23.49 -3.46
N LYS D 62 17.12 24.77 -3.75
CA LYS D 62 18.16 25.71 -3.37
C LYS D 62 17.87 26.32 -2.01
N PRO D 63 18.90 26.81 -1.31
CA PRO D 63 18.67 27.48 -0.03
C PRO D 63 17.78 28.69 -0.19
N ILE D 64 16.92 28.92 0.80
CA ILE D 64 15.90 29.96 0.75
C ILE D 64 16.09 30.90 1.92
N TYR D 65 15.99 32.20 1.64
CA TYR D 65 16.19 33.24 2.64
C TYR D 65 14.88 33.99 2.85
N ASN D 66 14.54 34.23 4.12
CA ASN D 66 13.35 34.97 4.49
C ASN D 66 13.74 36.38 4.96
N SER D 67 12.74 37.15 5.39
CA SER D 67 12.95 38.56 5.68
C SER D 67 13.89 38.75 6.87
N ASN D 68 13.61 38.09 7.99
CA ASN D 68 14.39 38.25 9.22
C ASN D 68 14.85 36.88 9.68
N SER D 69 16.15 36.60 9.51
CA SER D 69 16.67 35.28 9.84
C SER D 69 16.67 35.01 11.33
N ILE D 70 16.81 36.05 12.15
CA ILE D 70 16.82 35.85 13.60
C ILE D 70 15.46 35.33 14.08
N THR D 71 14.38 35.92 13.58
CA THR D 71 13.05 35.47 13.99
C THR D 71 12.71 34.11 13.38
N ARG D 72 12.98 33.94 12.09
CA ARG D 72 12.64 32.71 11.38
C ARG D 72 13.88 32.27 10.60
N PRO D 73 14.55 31.22 11.04
CA PRO D 73 15.77 30.77 10.34
C PRO D 73 15.51 30.46 8.87
N MET D 74 16.51 30.77 8.05
CA MET D 74 16.43 30.53 6.61
C MET D 74 16.39 29.03 6.32
N PHE D 75 15.93 28.69 5.13
CA PHE D 75 15.83 27.30 4.70
C PHE D 75 17.08 26.91 3.92
N PRO D 76 17.85 25.92 4.39
CA PRO D 76 19.10 25.57 3.69
C PRO D 76 18.92 24.57 2.56
N GLY D 77 17.71 24.37 2.09
CA GLY D 77 17.49 23.43 1.00
C GLY D 77 17.21 22.03 1.50
N PHE D 78 16.41 21.29 0.73
CA PHE D 78 15.91 20.00 1.19
C PHE D 78 17.05 19.00 1.39
N GLU D 79 17.91 18.84 0.37
CA GLU D 79 18.93 17.80 0.44
C GLU D 79 20.00 18.13 1.49
N ALA D 80 20.19 19.39 1.81
CA ALA D 80 21.13 19.77 2.86
C ALA D 80 20.56 19.51 4.26
N VAL D 81 19.24 19.67 4.42
CA VAL D 81 18.64 19.50 5.74
C VAL D 81 18.36 18.04 6.03
N PHE D 82 17.64 17.36 5.15
CA PHE D 82 17.15 16.01 5.41
C PHE D 82 17.99 14.92 4.76
N ASP D 83 19.17 15.28 4.23
CA ASP D 83 20.12 14.39 3.56
C ASP D 83 19.43 13.31 2.73
N CYS D 84 18.36 13.70 2.04
CA CYS D 84 17.51 12.81 1.27
C CYS D 84 17.26 13.44 -0.10
N LYS D 85 17.29 12.61 -1.13
CA LYS D 85 17.16 13.10 -2.50
C LYS D 85 15.69 13.18 -2.87
N TRP D 86 15.16 14.41 -2.91
CA TRP D 86 13.79 14.68 -3.35
C TRP D 86 13.89 15.61 -4.55
N GLU D 87 14.05 15.03 -5.73
CA GLU D 87 14.28 15.79 -6.95
C GLU D 87 12.95 16.05 -7.67
N SER D 88 13.03 16.94 -8.67
CA SER D 88 11.92 17.15 -9.59
C SER D 88 11.93 16.15 -10.74
N THR D 89 13.02 15.39 -10.90
CA THR D 89 13.10 14.34 -11.90
C THR D 89 12.80 13.01 -11.24
N GLY D 90 11.94 12.21 -11.85
CA GLY D 90 11.48 10.99 -11.23
C GLY D 90 10.12 11.08 -10.59
N ILE D 91 9.40 12.18 -10.77
CA ILE D 91 8.05 12.29 -10.25
C ILE D 91 7.10 11.61 -11.23
N THR D 92 6.11 10.88 -10.70
CA THR D 92 5.14 10.17 -11.53
C THR D 92 3.90 11.04 -11.68
N PHE D 93 3.63 11.50 -12.90
CA PHE D 93 2.59 12.49 -13.15
C PHE D 93 1.31 11.83 -13.62
N LYS D 94 0.19 12.26 -13.03
CA LYS D 94 -1.15 11.85 -13.44
C LYS D 94 -1.93 13.11 -13.79
N GLU D 95 -2.11 13.35 -15.09
CA GLU D 95 -2.78 14.56 -15.55
C GLU D 95 -4.26 14.49 -15.25
N VAL D 96 -4.80 15.61 -14.78
CA VAL D 96 -6.24 15.82 -14.64
C VAL D 96 -6.61 16.89 -15.66
N THR D 97 -7.39 16.49 -16.66
CA THR D 97 -7.77 17.43 -17.72
C THR D 97 -8.70 18.50 -17.15
N ASN D 98 -8.55 19.72 -17.67
CA ASN D 98 -9.38 20.83 -17.20
C ASN D 98 -10.85 20.58 -17.49
N GLU D 99 -11.16 19.92 -18.62
CA GLU D 99 -12.54 19.58 -18.93
C GLU D 99 -13.14 18.67 -17.86
N ASP D 100 -12.38 17.65 -17.45
CA ASP D 100 -12.88 16.74 -16.41
C ASP D 100 -13.02 17.48 -15.08
N ILE D 101 -12.03 18.29 -14.71
CA ILE D 101 -12.07 18.98 -13.43
C ILE D 101 -13.15 20.05 -13.42
N GLY D 102 -13.63 20.48 -14.58
CA GLY D 102 -14.70 21.45 -14.64
C GLY D 102 -16.07 20.81 -14.73
N LYS D 103 -16.13 19.61 -15.31
CA LYS D 103 -17.41 18.96 -15.55
C LYS D 103 -18.15 18.71 -14.24
N PHE D 104 -17.44 18.22 -13.22
CA PHE D 104 -18.07 17.96 -11.93
C PHE D 104 -18.09 19.18 -11.04
N LEU D 105 -17.18 20.14 -11.25
CA LEU D 105 -17.14 21.33 -10.41
C LEU D 105 -18.41 22.17 -10.55
N TYR D 106 -18.86 22.39 -11.79
CA TYR D 106 -20.02 23.24 -12.01
C TYR D 106 -21.31 22.50 -11.69
N ASN D 107 -21.50 22.18 -10.41
CA ASN D 107 -22.68 21.44 -9.95
C ASN D 107 -23.34 22.20 -8.81
N SER D 108 -24.67 22.13 -8.77
CA SER D 108 -25.41 22.81 -7.72
C SER D 108 -25.19 22.17 -6.35
N SER D 109 -25.21 20.84 -6.30
CA SER D 109 -25.11 20.13 -5.04
C SER D 109 -23.65 20.05 -4.60
N THR D 110 -23.37 20.55 -3.39
CA THR D 110 -22.00 20.54 -2.89
C THR D 110 -21.52 19.13 -2.54
N HIS D 111 -22.40 18.29 -2.01
CA HIS D 111 -22.00 16.94 -1.61
C HIS D 111 -21.65 16.09 -2.81
N LYS D 112 -22.50 16.09 -3.85
CA LYS D 112 -22.22 15.30 -5.03
C LYS D 112 -20.97 15.78 -5.75
N ARG D 113 -20.81 17.10 -5.88
CA ARG D 113 -19.63 17.62 -6.56
C ARG D 113 -18.37 17.30 -5.76
N THR D 114 -18.44 17.38 -4.43
CA THR D 114 -17.28 17.03 -3.62
C THR D 114 -16.93 15.55 -3.77
N TYR D 115 -17.95 14.67 -3.75
CA TYR D 115 -17.70 13.25 -3.92
C TYR D 115 -17.06 12.97 -5.27
N ASP D 116 -17.59 13.57 -6.33
CA ASP D 116 -17.06 13.34 -7.67
C ASP D 116 -15.65 13.89 -7.82
N LEU D 117 -15.38 15.07 -7.24
CA LEU D 117 -14.03 15.62 -7.28
C LEU D 117 -13.05 14.72 -6.54
N VAL D 118 -13.43 14.22 -5.37
CA VAL D 118 -12.54 13.34 -4.62
C VAL D 118 -12.29 12.06 -5.41
N SER D 119 -13.34 11.50 -6.01
CA SER D 119 -13.18 10.27 -6.78
C SER D 119 -12.27 10.49 -7.98
N LEU D 120 -12.41 11.63 -8.66
CA LEU D 120 -11.60 11.90 -9.83
C LEU D 120 -10.11 11.80 -9.53
N PHE D 121 -9.70 12.16 -8.32
CA PHE D 121 -8.29 12.07 -7.95
C PHE D 121 -7.96 10.70 -7.37
N ILE D 122 -8.79 10.18 -6.47
CA ILE D 122 -8.42 8.96 -5.76
C ILE D 122 -8.44 7.76 -6.69
N ASP D 123 -9.31 7.75 -7.70
CA ASP D 123 -9.32 6.63 -8.63
C ASP D 123 -8.00 6.57 -9.41
N LYS D 124 -7.50 7.71 -9.86
CA LYS D 124 -6.21 7.74 -10.54
C LYS D 124 -5.09 7.35 -9.60
N ILE D 125 -5.14 7.82 -8.34
CA ILE D 125 -4.10 7.47 -7.38
C ILE D 125 -4.08 5.97 -7.13
N ILE D 126 -5.27 5.37 -6.94
CA ILE D 126 -5.37 3.94 -6.66
C ILE D 126 -4.92 3.13 -7.86
N SER D 127 -5.31 3.54 -9.06
CA SER D 127 -4.89 2.82 -10.26
C SER D 127 -3.38 2.90 -10.44
N ALA D 128 -2.79 4.07 -10.18
CA ALA D 128 -1.34 4.19 -10.27
C ALA D 128 -0.65 3.34 -9.22
N ASN D 129 -1.21 3.26 -8.01
CA ASN D 129 -0.62 2.44 -6.97
C ASN D 129 -0.67 0.96 -7.32
N LYS D 130 -1.80 0.51 -7.86
CA LYS D 130 -2.00 -0.93 -8.07
C LYS D 130 -1.41 -1.40 -9.38
N ASN D 131 -1.81 -0.79 -10.50
CA ASN D 131 -1.51 -1.29 -11.84
C ASN D 131 -0.36 -0.57 -12.50
N GLU D 132 0.64 -0.13 -11.73
CA GLU D 132 1.81 0.50 -12.30
C GLU D 132 3.05 0.07 -11.52
N ASP D 133 4.18 -0.01 -12.24
CA ASP D 133 5.41 -0.50 -11.64
C ASP D 133 6.19 0.58 -10.92
N GLU D 134 5.85 1.85 -11.13
CA GLU D 134 6.55 2.93 -10.44
C GLU D 134 6.27 2.87 -8.94
N ASN D 135 7.29 3.22 -8.16
CA ASN D 135 7.20 3.29 -6.71
C ASN D 135 7.15 4.75 -6.29
N VAL D 136 6.17 5.11 -5.47
CA VAL D 136 5.99 6.47 -4.99
C VAL D 136 5.87 6.43 -3.48
N ASP D 137 6.57 7.33 -2.80
CA ASP D 137 6.44 7.42 -1.35
C ASP D 137 5.27 8.31 -0.96
N VAL D 138 5.14 9.48 -1.59
CA VAL D 138 4.09 10.44 -1.28
C VAL D 138 3.42 10.88 -2.57
N TRP D 139 2.10 10.99 -2.54
CA TRP D 139 1.30 11.42 -3.69
C TRP D 139 0.88 12.86 -3.46
N PHE D 140 1.54 13.80 -4.11
CA PHE D 140 1.27 15.22 -3.94
C PHE D 140 0.13 15.63 -4.86
N VAL D 141 -1.00 15.99 -4.26
CA VAL D 141 -2.24 16.26 -5.01
C VAL D 141 -2.44 17.76 -5.08
N ILE D 142 -2.40 18.31 -6.29
CA ILE D 142 -2.54 19.74 -6.50
C ILE D 142 -3.95 20.03 -6.98
N VAL D 143 -4.61 20.99 -6.33
CA VAL D 143 -5.97 21.35 -6.68
C VAL D 143 -6.02 22.83 -7.07
N PRO D 144 -6.87 23.22 -8.03
CA PRO D 144 -7.01 24.64 -8.37
C PRO D 144 -7.62 25.44 -7.24
N ASP D 145 -7.72 26.75 -7.41
CA ASP D 145 -8.23 27.63 -6.36
C ASP D 145 -9.72 27.87 -6.44
N GLU D 146 -10.32 27.85 -7.63
CA GLU D 146 -11.77 27.88 -7.72
C GLU D 146 -12.38 26.62 -7.10
N ILE D 147 -11.68 25.49 -7.19
CA ILE D 147 -12.10 24.28 -6.49
C ILE D 147 -12.17 24.53 -5.00
N TYR D 148 -11.10 25.10 -4.43
CA TYR D 148 -11.08 25.43 -3.01
C TYR D 148 -12.21 26.39 -2.66
N LYS D 149 -12.66 27.18 -3.63
CA LYS D 149 -13.79 28.07 -3.39
C LYS D 149 -15.11 27.30 -3.39
N TYR D 150 -15.24 26.28 -4.22
CA TYR D 150 -16.50 25.59 -4.43
C TYR D 150 -16.37 24.08 -4.20
N CYS D 151 -15.76 23.69 -3.08
CA CYS D 151 -15.72 22.27 -2.75
C CYS D 151 -15.85 22.00 -1.25
N ARG D 152 -16.34 22.95 -0.46
CA ARG D 152 -16.34 22.81 0.99
C ARG D 152 -17.65 23.34 1.55
N PRO D 153 -18.02 22.94 2.78
CA PRO D 153 -19.28 23.38 3.38
C PRO D 153 -19.54 24.89 3.27
N ASN D 154 -20.80 25.25 3.09
CA ASN D 154 -21.24 26.64 3.03
C ASN D 154 -20.52 27.42 1.93
N SER D 155 -20.33 26.80 0.77
CA SER D 155 -19.73 27.45 -0.39
C SER D 155 -20.83 27.70 -1.41
N VAL D 156 -21.37 28.92 -1.41
CA VAL D 156 -22.46 29.27 -2.30
C VAL D 156 -21.91 29.44 -3.71
N LEU D 157 -22.33 28.56 -4.61
CA LEU D 157 -21.89 28.62 -6.00
C LEU D 157 -22.57 29.79 -6.72
N PRO D 158 -21.81 30.60 -7.46
CA PRO D 158 -22.43 31.68 -8.23
C PRO D 158 -23.44 31.15 -9.24
N LYS D 159 -24.55 31.88 -9.39
CA LYS D 159 -25.66 31.41 -10.21
C LYS D 159 -25.28 31.43 -11.69
N GLU D 160 -24.52 32.43 -12.13
CA GLU D 160 -24.22 32.58 -13.55
C GLU D 160 -23.38 31.43 -14.10
N MET D 161 -22.67 30.70 -13.23
CA MET D 161 -21.79 29.63 -13.67
C MET D 161 -22.26 28.26 -13.18
N VAL D 162 -23.56 28.07 -13.02
CA VAL D 162 -24.10 26.75 -12.69
C VAL D 162 -24.42 26.01 -13.98
N GLN D 163 -23.85 24.81 -14.12
CA GLN D 163 -24.06 23.99 -15.30
C GLN D 163 -24.91 22.76 -15.04
N THR D 164 -24.70 22.06 -13.93
CA THR D 164 -25.48 20.88 -13.60
C THR D 164 -26.19 21.05 -12.26
N THR D 199 -23.93 10.06 -2.20
CA THR D 199 -22.83 10.99 -2.03
C THR D 199 -23.00 11.82 -0.75
N TYR D 200 -24.26 11.98 -0.33
CA TYR D 200 -24.57 12.76 0.86
C TYR D 200 -24.12 12.08 2.15
N ASN D 201 -23.72 10.81 2.09
CA ASN D 201 -23.19 10.10 3.25
C ASN D 201 -21.71 10.42 3.51
N TYR D 202 -21.18 11.46 2.88
CA TYR D 202 -19.78 11.85 3.01
C TYR D 202 -19.70 13.33 3.36
N ASP D 203 -18.55 13.72 3.91
CA ASP D 203 -18.33 15.12 4.27
C ASP D 203 -18.26 15.98 3.02
N ALA D 204 -18.81 17.19 3.11
CA ALA D 204 -18.80 18.12 1.99
C ALA D 204 -17.47 18.82 1.82
N GLN D 205 -16.43 18.39 2.54
CA GLN D 205 -15.11 19.00 2.47
C GLN D 205 -14.18 18.11 1.67
N PHE D 206 -13.36 18.71 0.81
CA PHE D 206 -12.51 17.94 -0.09
C PHE D 206 -11.42 17.19 0.65
N HIS D 207 -10.70 17.87 1.55
CA HIS D 207 -9.52 17.28 2.15
C HIS D 207 -9.86 16.09 3.04
N ASP D 208 -10.87 16.27 3.91
CA ASP D 208 -11.21 15.23 4.87
C ASP D 208 -11.72 13.97 4.16
N GLN D 209 -12.61 14.14 3.19
CA GLN D 209 -13.09 12.99 2.43
C GLN D 209 -11.98 12.36 1.62
N PHE D 210 -11.11 13.20 1.04
CA PHE D 210 -10.00 12.71 0.23
C PHE D 210 -9.10 11.80 1.03
N LYS D 211 -8.70 12.23 2.23
CA LYS D 211 -7.83 11.41 3.05
C LYS D 211 -8.58 10.28 3.75
N ALA D 212 -9.91 10.37 3.85
CA ALA D 212 -10.68 9.28 4.42
C ALA D 212 -10.83 8.12 3.44
N ARG D 213 -11.00 8.41 2.16
CA ARG D 213 -11.25 7.36 1.19
C ARG D 213 -9.98 6.63 0.74
N LEU D 214 -8.80 7.15 1.07
CA LEU D 214 -7.54 6.51 0.70
C LEU D 214 -6.98 5.63 1.80
N LEU D 215 -7.69 5.47 2.92
CA LEU D 215 -7.12 4.80 4.07
C LEU D 215 -6.96 3.30 3.84
N LYS D 216 -7.86 2.69 3.06
CA LYS D 216 -7.73 1.26 2.79
C LYS D 216 -6.42 0.94 2.10
N HIS D 217 -5.96 1.83 1.22
CA HIS D 217 -4.79 1.59 0.41
C HIS D 217 -3.50 2.10 1.04
N THR D 218 -3.58 2.85 2.14
CA THR D 218 -2.42 3.37 2.86
C THR D 218 -1.48 4.12 1.91
N ILE D 219 -1.99 5.23 1.39
CA ILE D 219 -1.22 6.07 0.48
C ILE D 219 -0.99 7.43 1.11
N PRO D 220 0.25 7.78 1.48
CA PRO D 220 0.50 9.11 2.04
C PRO D 220 0.38 10.18 0.95
N THR D 221 -0.48 11.17 1.19
CA THR D 221 -0.76 12.22 0.22
C THR D 221 -0.66 13.58 0.87
N GLN D 222 -0.34 14.58 0.05
CA GLN D 222 -0.24 15.97 0.50
C GLN D 222 -1.03 16.84 -0.48
N ILE D 223 -2.01 17.57 0.02
CA ILE D 223 -2.85 18.40 -0.82
C ILE D 223 -2.31 19.82 -0.86
N PHE D 224 -2.19 20.37 -2.06
CA PHE D 224 -1.62 21.69 -2.28
C PHE D 224 -2.59 22.53 -3.08
N ARG D 225 -2.97 23.69 -2.52
CA ARG D 225 -3.66 24.69 -3.33
C ARG D 225 -2.69 25.33 -4.30
N GLU D 226 -3.22 25.76 -5.44
CA GLU D 226 -2.36 26.41 -6.43
C GLU D 226 -1.88 27.79 -5.96
N SER D 227 -2.45 28.33 -4.89
CA SER D 227 -1.92 29.55 -4.31
C SER D 227 -0.92 29.25 -3.20
N THR D 228 -1.05 28.11 -2.52
CA THR D 228 -0.03 27.70 -1.55
C THR D 228 1.30 27.47 -2.22
N LEU D 229 1.29 26.85 -3.39
CA LEU D 229 2.44 26.78 -4.27
C LEU D 229 2.58 28.12 -4.97
N ALA D 230 3.33 28.20 -6.07
CA ALA D 230 3.76 29.48 -6.61
C ALA D 230 2.60 30.47 -6.71
N TRP D 231 2.68 31.52 -5.88
CA TRP D 231 1.56 32.42 -5.63
C TRP D 231 1.68 33.72 -6.38
N ARG D 232 2.88 34.08 -6.84
CA ARG D 232 3.10 35.36 -7.49
C ARG D 232 2.27 35.52 -8.75
N ASP D 233 1.81 34.42 -9.35
CA ASP D 233 0.91 34.52 -10.50
C ASP D 233 -0.49 34.93 -10.05
N PHE D 234 -0.97 34.39 -8.93
CA PHE D 234 -2.29 34.72 -8.41
C PHE D 234 -2.26 36.12 -7.82
N LYS D 235 -3.02 37.04 -8.43
CA LYS D 235 -3.01 38.43 -8.03
C LYS D 235 -4.43 38.92 -7.79
N ASN D 236 -4.57 39.88 -6.89
CA ASN D 236 -5.87 40.47 -6.59
C ASN D 236 -6.10 41.70 -7.47
N ALA D 237 -7.12 42.48 -7.14
CA ALA D 237 -7.41 43.70 -7.90
C ALA D 237 -6.27 44.71 -7.76
N PHE D 238 -5.71 44.84 -6.55
CA PHE D 238 -4.62 45.78 -6.34
C PHE D 238 -3.37 45.40 -7.12
N GLY D 239 -3.19 44.12 -7.40
CA GLY D 239 -2.03 43.61 -8.11
C GLY D 239 -1.08 42.82 -7.24
N LEU D 240 -1.08 43.04 -5.93
CA LEU D 240 -0.27 42.23 -5.04
C LEU D 240 -0.86 40.82 -4.97
N PRO D 241 -0.02 39.80 -4.74
CA PRO D 241 -0.55 38.45 -4.55
C PRO D 241 -1.48 38.39 -3.35
N ILE D 242 -2.59 37.67 -3.51
CA ILE D 242 -3.57 37.57 -2.43
C ILE D 242 -2.96 36.83 -1.24
N ARG D 243 -2.23 35.75 -1.50
CA ARG D 243 -1.47 35.05 -0.46
C ARG D 243 -0.01 35.45 -0.52
N ASP D 244 0.24 36.73 -0.23
CA ASP D 244 1.59 37.28 -0.34
C ASP D 244 2.49 36.69 0.73
N PHE D 245 3.45 35.87 0.30
CA PHE D 245 4.41 35.24 1.19
C PHE D 245 5.83 35.78 0.96
N SER D 246 5.93 37.05 0.57
CA SER D 246 7.23 37.61 0.20
C SER D 246 8.21 37.58 1.35
N LYS D 247 7.70 37.61 2.59
CA LYS D 247 8.59 37.61 3.75
C LYS D 247 8.80 36.21 4.32
N ILE D 248 7.96 35.25 3.93
CA ILE D 248 7.88 34.00 4.66
C ILE D 248 8.06 32.79 3.75
N GLU D 249 8.86 32.95 2.69
CA GLU D 249 9.19 31.78 1.86
C GLU D 249 9.94 30.73 2.67
N GLY D 250 10.82 31.16 3.56
CA GLY D 250 11.65 30.21 4.30
C GLY D 250 10.84 29.26 5.16
N HIS D 251 9.90 29.80 5.94
CA HIS D 251 9.12 28.93 6.82
C HIS D 251 8.09 28.12 6.06
N LEU D 252 7.53 28.68 4.98
CA LEU D 252 6.67 27.92 4.10
C LEU D 252 7.38 26.68 3.58
N ALA D 253 8.59 26.88 3.05
CA ALA D 253 9.39 25.74 2.57
C ALA D 253 9.76 24.81 3.71
N TRP D 254 10.04 25.34 4.89
CA TRP D 254 10.38 24.50 6.04
C TRP D 254 9.25 23.54 6.36
N THR D 255 8.03 24.06 6.51
CA THR D 255 6.90 23.21 6.84
C THR D 255 6.59 22.23 5.72
N ILE D 256 6.65 22.68 4.46
CA ILE D 256 6.38 21.79 3.34
C ILE D 256 7.37 20.64 3.32
N SER D 257 8.66 20.95 3.46
CA SER D 257 9.69 19.92 3.42
C SER D 257 9.56 18.97 4.59
N THR D 258 9.25 19.49 5.79
CA THR D 258 9.11 18.61 6.95
C THR D 258 7.94 17.65 6.77
N ALA D 259 6.81 18.15 6.27
CA ALA D 259 5.67 17.26 6.02
C ALA D 259 6.01 16.22 4.96
N ALA D 260 6.72 16.63 3.90
CA ALA D 260 7.09 15.68 2.85
C ALA D 260 8.03 14.61 3.38
N PHE D 261 8.98 15.00 4.25
CA PHE D 261 9.91 14.04 4.82
C PHE D 261 9.20 13.08 5.77
N TYR D 262 8.28 13.58 6.58
CA TYR D 262 7.54 12.71 7.49
C TYR D 262 6.66 11.73 6.74
N LYS D 263 6.00 12.19 5.68
CA LYS D 263 5.10 11.32 4.94
C LYS D 263 5.82 10.21 4.20
N ALA D 264 7.09 10.41 3.86
CA ALA D 264 7.86 9.40 3.12
C ALA D 264 8.45 8.34 4.03
N GLY D 265 8.30 8.47 5.34
CA GLY D 265 8.81 7.46 6.25
C GLY D 265 10.09 7.87 6.96
N GLY D 266 10.21 9.15 7.27
CA GLY D 266 11.38 9.68 7.94
C GLY D 266 11.12 10.06 9.38
N LYS D 267 12.18 10.00 10.18
CA LYS D 267 12.14 10.43 11.58
C LYS D 267 12.77 11.81 11.67
N PRO D 268 11.98 12.88 11.71
CA PRO D 268 12.60 14.22 11.80
C PRO D 268 13.33 14.43 13.11
N TRP D 269 12.67 14.20 14.24
CA TRP D 269 13.28 14.32 15.56
C TRP D 269 12.52 13.44 16.53
N LYS D 270 12.97 13.43 17.77
CA LYS D 270 12.37 12.60 18.80
C LYS D 270 12.50 13.28 20.15
N LEU D 271 11.67 12.86 21.09
CA LEU D 271 11.78 13.37 22.45
C LEU D 271 12.94 12.72 23.17
N SER D 272 13.53 13.46 24.12
CA SER D 272 14.65 12.97 24.90
C SER D 272 14.37 12.94 26.40
N ASP D 273 13.22 13.45 26.86
CA ASP D 273 12.91 13.51 28.28
C ASP D 273 11.77 12.59 28.67
N VAL D 274 11.47 11.59 27.85
CA VAL D 274 10.37 10.68 28.15
C VAL D 274 10.81 9.69 29.22
N ARG D 275 10.02 9.59 30.28
CA ARG D 275 10.31 8.64 31.35
C ARG D 275 9.97 7.22 30.91
N ASN D 276 10.69 6.26 31.49
CA ASN D 276 10.46 4.86 31.16
C ASN D 276 9.13 4.38 31.72
N GLY D 277 8.51 3.45 31.01
CA GLY D 277 7.28 2.84 31.49
C GLY D 277 6.09 3.76 31.53
N VAL D 278 6.09 4.83 30.74
CA VAL D 278 5.03 5.82 30.76
C VAL D 278 4.38 5.88 29.39
N CYS D 279 3.15 5.40 29.30
CA CYS D 279 2.28 5.62 28.15
C CYS D 279 1.46 6.87 28.41
N TYR D 280 1.08 7.56 27.33
CA TYR D 280 0.40 8.85 27.50
C TYR D 280 -1.04 8.84 27.05
N LEU D 281 -1.31 8.60 25.76
CA LEU D 281 -2.68 8.58 25.24
C LEU D 281 -3.39 9.93 25.35
N GLY D 282 -4.06 10.35 24.27
CA GLY D 282 -4.84 11.58 24.29
C GLY D 282 -6.13 11.42 23.52
N LEU D 283 -7.24 11.87 24.09
CA LEU D 283 -8.58 11.63 23.56
C LEU D 283 -9.22 12.92 23.07
N VAL D 284 -9.86 12.85 21.91
CA VAL D 284 -10.59 13.99 21.35
C VAL D 284 -11.90 13.48 20.74
N TYR D 285 -12.99 14.22 20.99
CA TYR D 285 -14.31 13.88 20.50
C TYR D 285 -14.69 14.79 19.34
N LYS D 286 -15.39 14.22 18.35
CA LYS D 286 -15.80 14.93 17.15
C LYS D 286 -17.25 14.58 16.85
N LYS D 287 -17.91 15.44 16.09
CA LYS D 287 -19.29 15.19 15.69
C LYS D 287 -19.35 14.53 14.33
N VAL D 288 -20.38 13.70 14.13
CA VAL D 288 -20.63 13.03 12.86
C VAL D 288 -22.05 13.38 12.42
N GLU D 289 -22.16 14.25 11.42
CA GLU D 289 -23.46 14.68 10.92
C GLU D 289 -24.09 13.66 9.96
N LYS D 290 -23.31 12.72 9.45
CA LYS D 290 -23.82 11.79 8.45
C LYS D 290 -24.97 10.96 8.99
N SER D 291 -24.78 10.33 10.14
CA SER D 291 -25.84 9.58 10.79
C SER D 291 -26.63 10.49 11.73
N LYS D 292 -27.92 10.18 11.89
CA LYS D 292 -28.75 10.91 12.84
C LYS D 292 -28.14 10.79 14.23
N ASN D 293 -28.13 11.91 14.97
CA ASN D 293 -27.43 12.10 16.24
C ASN D 293 -25.94 12.22 15.92
N PRO D 294 -25.23 13.22 16.46
CA PRO D 294 -23.83 13.42 16.06
C PRO D 294 -22.93 12.24 16.37
N ARG D 295 -23.32 11.38 17.30
CA ARG D 295 -22.66 10.09 17.53
C ARG D 295 -21.25 10.24 18.11
N ASN D 296 -20.77 11.48 18.21
CA ASN D 296 -19.64 11.86 19.06
C ASN D 296 -18.50 10.84 19.01
N ALA D 297 -17.92 10.68 17.82
CA ALA D 297 -16.81 9.75 17.65
C ALA D 297 -15.61 10.19 18.48
N CYS D 298 -15.00 9.25 19.18
CA CYS D 298 -13.84 9.51 20.02
C CYS D 298 -12.60 8.88 19.41
N CYS D 299 -11.54 9.67 19.26
CA CYS D 299 -10.30 9.20 18.69
C CYS D 299 -9.14 9.51 19.64
N ALA D 300 -8.18 8.59 19.69
CA ALA D 300 -7.07 8.69 20.63
C ALA D 300 -5.75 8.57 19.89
N ALA D 301 -4.73 9.25 20.43
CA ALA D 301 -3.38 9.19 19.93
C ALA D 301 -2.44 8.76 21.05
N GLN D 302 -1.68 7.70 20.83
CA GLN D 302 -0.86 7.08 21.87
C GLN D 302 0.61 7.39 21.63
N MET D 303 1.29 7.84 22.68
CA MET D 303 2.72 8.07 22.67
C MET D 303 3.35 7.41 23.89
N PHE D 304 4.51 6.79 23.70
CA PHE D 304 5.26 6.19 24.79
C PHE D 304 6.69 5.92 24.30
N LEU D 305 7.49 5.34 25.18
CA LEU D 305 8.88 5.00 24.88
C LEU D 305 9.01 3.52 24.56
N ASP D 306 9.91 3.21 23.65
CA ASP D 306 10.15 1.85 23.19
C ASP D 306 11.41 1.28 23.84
N ASN D 307 11.59 -0.02 23.67
CA ASN D 307 12.80 -0.66 24.16
C ASN D 307 14.02 -0.05 23.48
N GLY D 308 15.06 0.21 24.26
CA GLY D 308 16.21 0.95 23.78
C GLY D 308 16.06 2.44 24.07
N ASP D 309 15.89 3.22 23.00
CA ASP D 309 15.62 4.65 23.15
C ASP D 309 14.60 5.18 22.16
N GLY D 310 13.99 4.32 21.34
CA GLY D 310 13.08 4.80 20.32
C GLY D 310 11.82 5.38 20.92
N THR D 311 11.27 6.39 20.24
CA THR D 311 10.04 7.04 20.65
C THR D 311 8.89 6.57 19.77
N VAL D 312 7.86 6.01 20.39
CA VAL D 312 6.68 5.53 19.68
C VAL D 312 5.59 6.59 19.80
N PHE D 313 5.06 7.02 18.67
CA PHE D 313 4.01 8.03 18.61
C PHE D 313 3.12 7.70 17.41
N LYS D 314 1.95 7.13 17.67
CA LYS D 314 1.05 6.76 16.60
C LYS D 314 -0.39 7.00 17.05
N GLY D 315 -1.32 6.76 16.15
CA GLY D 315 -2.71 6.81 16.52
C GLY D 315 -3.12 5.60 17.32
N GLU D 316 -4.19 5.76 18.09
CA GLU D 316 -4.83 4.63 18.77
C GLU D 316 -6.30 4.72 18.38
N VAL D 317 -6.63 4.14 17.23
CA VAL D 317 -7.85 4.46 16.53
C VAL D 317 -8.71 3.21 16.44
N GLY D 318 -9.74 3.15 17.26
CA GLY D 318 -10.74 2.12 17.20
C GLY D 318 -12.12 2.75 17.25
N PRO D 319 -12.31 3.86 16.52
CA PRO D 319 -13.22 4.93 16.95
C PRO D 319 -14.47 4.46 17.67
N TRP D 320 -14.62 4.89 18.91
CA TRP D 320 -15.68 4.43 19.80
C TRP D 320 -16.76 5.50 19.83
N TYR D 321 -17.83 5.26 19.08
CA TYR D 321 -18.85 6.28 18.86
C TYR D 321 -19.76 6.42 20.08
N ASN D 322 -20.10 7.66 20.40
CA ASN D 322 -20.86 7.98 21.60
C ASN D 322 -22.23 8.51 21.24
N PRO D 323 -23.31 7.81 21.57
CA PRO D 323 -24.65 8.37 21.32
C PRO D 323 -24.91 9.60 22.18
N LYS D 324 -26.13 10.15 22.10
CA LYS D 324 -26.53 11.39 22.76
C LYS D 324 -25.88 12.60 22.10
N ASN D 325 -26.60 13.72 22.06
CA ASN D 325 -26.17 14.85 21.24
C ASN D 325 -24.93 15.52 21.79
N GLY D 326 -24.80 15.62 23.11
CA GLY D 326 -23.67 16.34 23.68
C GLY D 326 -23.01 15.65 24.86
N GLN D 327 -22.99 14.32 24.84
CA GLN D 327 -22.42 13.58 25.95
C GLN D 327 -20.93 13.87 26.12
N TYR D 328 -20.13 13.54 25.10
CA TYR D 328 -18.68 13.70 25.13
C TYR D 328 -18.03 12.92 26.26
N HIS D 329 -18.65 11.82 26.68
CA HIS D 329 -18.07 10.90 27.64
C HIS D 329 -18.24 9.48 27.11
N LEU D 330 -17.32 8.60 27.48
CA LEU D 330 -17.31 7.24 26.98
C LEU D 330 -18.07 6.32 27.92
N GLU D 331 -18.84 5.41 27.34
CA GLU D 331 -19.53 4.40 28.12
C GLU D 331 -18.53 3.38 28.65
N PRO D 332 -18.89 2.62 29.69
CA PRO D 332 -17.92 1.67 30.26
C PRO D 332 -17.39 0.67 29.25
N LYS D 333 -18.23 0.16 28.34
CA LYS D 333 -17.74 -0.80 27.35
C LYS D 333 -16.69 -0.18 26.45
N GLU D 334 -16.98 1.01 25.91
CA GLU D 334 -16.06 1.64 24.98
C GLU D 334 -14.81 2.15 25.68
N ALA D 335 -14.94 2.65 26.91
CA ALA D 335 -13.76 3.04 27.67
C ALA D 335 -12.86 1.83 27.94
N LYS D 336 -13.47 0.70 28.31
CA LYS D 336 -12.69 -0.52 28.53
C LYS D 336 -11.99 -0.94 27.24
N ALA D 337 -12.70 -0.88 26.11
CA ALA D 337 -12.10 -1.26 24.84
C ALA D 337 -10.91 -0.35 24.50
N LEU D 338 -11.09 0.95 24.67
CA LEU D 338 -10.03 1.90 24.36
C LEU D 338 -8.78 1.65 25.22
N LEU D 339 -8.97 1.57 26.53
CA LEU D 339 -7.80 1.43 27.39
C LEU D 339 -7.16 0.06 27.26
N SER D 340 -7.96 -1.00 27.06
CA SER D 340 -7.39 -2.32 26.83
C SER D 340 -6.57 -2.33 25.55
N GLN D 341 -7.07 -1.69 24.49
CA GLN D 341 -6.32 -1.62 23.25
C GLN D 341 -5.01 -0.88 23.44
N SER D 342 -5.03 0.24 24.16
CA SER D 342 -3.79 1.00 24.38
C SER D 342 -2.79 0.20 25.20
N LEU D 343 -3.23 -0.45 26.29
CA LEU D 343 -2.33 -1.23 27.12
C LEU D 343 -1.77 -2.42 26.36
N GLN D 344 -2.60 -3.09 25.55
CA GLN D 344 -2.12 -4.21 24.76
C GLN D 344 -1.12 -3.76 23.71
N SER D 345 -1.35 -2.61 23.09
CA SER D 345 -0.39 -2.07 22.14
C SER D 345 0.93 -1.73 22.80
N TYR D 346 0.90 -1.22 24.03
CA TYR D 346 2.15 -0.97 24.75
C TYR D 346 2.87 -2.27 25.08
N LYS D 347 2.13 -3.28 25.57
CA LYS D 347 2.77 -4.54 25.94
C LYS D 347 3.36 -5.24 24.73
N GLU D 348 2.65 -5.19 23.59
CA GLU D 348 3.12 -5.86 22.38
C GLU D 348 4.43 -5.30 21.87
N GLN D 349 4.83 -4.11 22.31
CA GLN D 349 6.08 -3.51 21.86
C GLN D 349 7.16 -3.45 22.93
N ILE D 350 6.80 -3.34 24.20
CA ILE D 350 7.80 -3.35 25.27
C ILE D 350 7.87 -4.71 25.97
N GLY D 351 6.73 -5.32 26.27
CA GLY D 351 6.67 -6.64 26.90
C GLY D 351 5.93 -6.65 28.22
N GLU D 352 6.00 -5.55 28.96
CA GLU D 352 5.28 -5.41 30.22
C GLU D 352 4.40 -4.17 30.17
N TYR D 353 3.41 -4.14 31.05
CA TYR D 353 2.43 -3.07 31.04
C TYR D 353 3.07 -1.76 31.48
N PRO D 354 2.51 -0.63 31.06
CA PRO D 354 3.07 0.67 31.49
C PRO D 354 2.99 0.82 32.99
N LYS D 355 4.00 1.49 33.55
CA LYS D 355 4.02 1.77 34.97
C LYS D 355 3.21 3.00 35.33
N GLU D 356 2.81 3.81 34.36
CA GLU D 356 2.07 5.04 34.64
C GLU D 356 1.52 5.58 33.33
N VAL D 357 0.24 5.92 33.30
CA VAL D 357 -0.43 6.38 32.09
C VAL D 357 -1.06 7.74 32.38
N PHE D 358 -0.84 8.70 31.47
CA PHE D 358 -1.31 10.07 31.62
C PHE D 358 -2.30 10.40 30.52
N ILE D 359 -3.57 10.06 30.72
CA ILE D 359 -4.60 10.30 29.71
C ILE D 359 -4.90 11.79 29.63
N HIS D 360 -4.85 12.34 28.42
CA HIS D 360 -5.21 13.72 28.17
C HIS D 360 -6.57 13.80 27.48
N ALA D 361 -7.22 14.96 27.63
CA ALA D 361 -8.50 15.18 26.97
C ALA D 361 -8.84 16.66 27.06
N LYS D 362 -9.49 17.16 26.00
CA LYS D 362 -10.07 18.50 26.04
C LYS D 362 -11.23 18.59 27.03
N THR D 363 -11.87 17.47 27.33
CA THR D 363 -13.07 17.42 28.15
C THR D 363 -12.79 16.74 29.48
N ARG D 364 -13.57 17.10 30.49
CA ARG D 364 -13.42 16.50 31.80
C ARG D 364 -13.93 15.06 31.80
N PHE D 365 -13.29 14.22 32.61
CA PHE D 365 -13.69 12.84 32.78
C PHE D 365 -14.72 12.74 33.90
N ASN D 366 -15.77 11.97 33.68
CA ASN D 366 -16.70 11.67 34.75
C ASN D 366 -16.34 10.35 35.41
N HIS D 367 -17.01 10.06 36.53
CA HIS D 367 -16.63 8.91 37.33
C HIS D 367 -16.88 7.59 36.62
N GLN D 368 -17.90 7.52 35.76
CA GLN D 368 -18.24 6.26 35.11
C GLN D 368 -17.10 5.78 34.22
N GLU D 369 -16.64 6.65 33.31
CA GLU D 369 -15.58 6.23 32.40
C GLU D 369 -14.27 6.03 33.13
N TRP D 370 -14.05 6.74 34.24
CA TRP D 370 -12.81 6.53 34.97
C TRP D 370 -12.81 5.20 35.72
N ASP D 371 -13.96 4.81 36.27
CA ASP D 371 -14.07 3.47 36.86
C ASP D 371 -13.88 2.42 35.78
N ALA D 372 -14.45 2.65 34.59
CA ALA D 372 -14.24 1.72 33.48
C ALA D 372 -12.77 1.60 33.12
N PHE D 373 -12.06 2.74 33.08
CA PHE D 373 -10.63 2.72 32.80
C PHE D 373 -9.87 1.96 33.87
N LEU D 374 -10.20 2.19 35.14
CA LEU D 374 -9.46 1.57 36.23
C LEU D 374 -9.71 0.07 36.30
N GLU D 375 -10.88 -0.38 35.86
CA GLU D 375 -11.15 -1.81 35.87
C GLU D 375 -10.20 -2.57 34.96
N VAL D 376 -9.94 -2.03 33.76
CA VAL D 376 -8.99 -2.67 32.85
C VAL D 376 -7.56 -2.51 33.36
N THR D 377 -7.24 -1.36 33.92
CA THR D 377 -5.87 -1.07 34.35
C THR D 377 -5.42 -2.07 35.40
N PRO D 378 -4.20 -2.62 35.28
CA PRO D 378 -3.70 -3.54 36.32
C PRO D 378 -3.38 -2.82 37.61
N LYS D 379 -2.87 -3.56 38.60
CA LYS D 379 -2.58 -2.94 39.89
C LYS D 379 -1.34 -2.07 39.81
N GLU D 380 -0.33 -2.50 39.06
CA GLU D 380 0.94 -1.76 39.01
C GLU D 380 0.78 -0.43 38.29
N THR D 381 0.04 -0.42 37.19
CA THR D 381 -0.09 0.78 36.37
C THR D 381 -0.83 1.87 37.13
N ASN D 382 -0.28 3.08 37.09
CA ASN D 382 -0.90 4.26 37.69
C ASN D 382 -1.63 5.02 36.59
N LEU D 383 -2.92 5.24 36.77
CA LEU D 383 -3.73 5.93 35.77
C LEU D 383 -3.99 7.36 36.22
N VAL D 384 -3.75 8.31 35.32
CA VAL D 384 -3.94 9.73 35.61
C VAL D 384 -4.78 10.33 34.49
N GLY D 385 -5.82 11.08 34.87
CA GLY D 385 -6.67 11.73 33.89
C GLY D 385 -6.56 13.24 33.96
N VAL D 386 -6.04 13.84 32.88
CA VAL D 386 -5.69 15.25 32.83
C VAL D 386 -6.59 15.94 31.81
N THR D 387 -7.12 17.10 32.20
CA THR D 387 -7.99 17.90 31.34
C THR D 387 -7.25 19.15 30.90
N ILE D 388 -7.30 19.45 29.60
CA ILE D 388 -6.54 20.53 28.99
C ILE D 388 -7.50 21.40 28.21
N SER D 389 -7.57 22.69 28.57
CA SER D 389 -8.52 23.58 27.94
C SER D 389 -7.94 24.99 27.83
N LYS D 390 -8.43 25.73 26.84
CA LYS D 390 -8.03 27.12 26.60
C LYS D 390 -9.09 28.12 27.03
N THR D 391 -10.18 27.66 27.66
CA THR D 391 -11.35 28.52 27.85
C THR D 391 -11.17 29.54 28.97
N LYS D 392 -10.29 29.28 29.93
CA LYS D 392 -10.21 30.13 31.11
C LYS D 392 -9.70 31.53 30.77
N PRO D 393 -10.45 32.58 31.09
CA PRO D 393 -10.09 33.95 30.66
C PRO D 393 -8.99 34.59 31.50
N LEU D 394 -7.80 33.99 31.51
CA LEU D 394 -6.66 34.57 32.20
C LEU D 394 -5.70 35.13 31.17
N LYS D 395 -5.21 36.35 31.41
CA LYS D 395 -4.23 36.98 30.55
C LYS D 395 -3.28 37.79 31.43
N LEU D 396 -2.00 37.47 31.39
CA LEU D 396 -0.99 38.23 32.11
C LEU D 396 -0.37 39.24 31.15
N TYR D 397 -0.62 40.51 31.41
CA TYR D 397 0.04 41.59 30.69
C TYR D 397 1.23 42.06 31.52
N LYS D 398 2.42 42.07 30.92
CA LYS D 398 3.60 42.49 31.64
C LYS D 398 3.54 44.00 31.91
N THR D 399 4.26 44.43 32.95
CA THR D 399 4.16 45.81 33.40
C THR D 399 4.57 46.80 32.31
N GLU D 400 5.72 46.58 31.69
CA GLU D 400 6.23 47.49 30.68
C GLU D 400 6.85 46.70 29.53
N GLY D 401 6.76 47.27 28.34
CA GLY D 401 7.29 46.63 27.15
C GLY D 401 6.20 46.03 26.27
N ASP D 402 6.27 46.30 24.96
CA ASP D 402 5.26 45.81 24.03
C ASP D 402 5.50 44.35 23.67
N TYR D 403 5.61 43.49 24.67
CA TYR D 403 5.80 42.07 24.45
C TYR D 403 5.04 41.30 25.53
N THR D 404 4.68 40.07 25.20
CA THR D 404 3.84 39.26 26.08
C THR D 404 4.72 38.45 27.02
N ILE D 405 4.08 37.53 27.77
CA ILE D 405 4.79 36.76 28.78
C ILE D 405 5.69 35.71 28.13
N LEU D 406 6.70 35.28 28.88
CA LEU D 406 7.55 34.18 28.46
C LEU D 406 6.75 32.88 28.37
N ARG D 407 7.07 32.07 27.38
CA ARG D 407 6.48 30.75 27.27
C ARG D 407 7.13 29.81 28.27
N GLY D 408 6.32 28.96 28.89
CA GLY D 408 6.78 28.05 29.92
C GLY D 408 6.45 28.47 31.32
N ASN D 409 6.02 29.71 31.52
CA ASN D 409 5.58 30.15 32.84
C ASN D 409 4.31 29.40 33.23
N ALA D 410 4.25 28.97 34.49
CA ALA D 410 3.11 28.24 34.99
C ALA D 410 2.69 28.78 36.34
N TYR D 411 1.40 29.08 36.47
CA TYR D 411 0.82 29.43 37.77
C TYR D 411 0.14 28.19 38.33
N VAL D 412 0.79 27.53 39.28
CA VAL D 412 0.25 26.33 39.89
C VAL D 412 -0.83 26.78 40.88
N VAL D 413 -2.10 26.65 40.47
CA VAL D 413 -3.20 27.05 41.34
C VAL D 413 -3.20 26.20 42.60
N ASN D 414 -3.06 24.89 42.44
CA ASN D 414 -2.92 23.98 43.58
C ASN D 414 -2.35 22.66 43.06
N GLU D 415 -2.11 21.73 43.98
CA GLU D 415 -1.49 20.45 43.64
C GLU D 415 -2.25 19.68 42.58
N ARG D 416 -3.45 20.12 42.20
CA ARG D 416 -4.24 19.45 41.17
C ARG D 416 -4.56 20.31 39.97
N SER D 417 -4.27 21.61 39.99
CA SER D 417 -4.63 22.47 38.87
C SER D 417 -3.59 23.55 38.67
N ALA D 418 -3.38 23.93 37.41
CA ALA D 418 -2.39 24.94 37.07
C ALA D 418 -2.74 25.57 35.73
N PHE D 419 -2.14 26.72 35.48
CA PHE D 419 -2.12 27.36 34.18
C PHE D 419 -0.71 27.24 33.61
N LEU D 420 -0.60 26.97 32.33
CA LEU D 420 0.69 26.82 31.68
C LEU D 420 0.69 27.56 30.35
N TRP D 421 1.70 28.40 30.14
CA TRP D 421 1.79 29.22 28.94
C TRP D 421 2.61 28.46 27.88
N THR D 422 1.91 27.62 27.12
CA THR D 422 2.56 26.98 25.98
C THR D 422 2.76 27.96 24.83
N VAL D 423 1.91 28.98 24.74
CA VAL D 423 2.04 30.03 23.73
C VAL D 423 2.56 31.27 24.45
N GLY D 424 3.74 31.72 24.07
CA GLY D 424 4.33 32.86 24.73
C GLY D 424 5.66 33.22 24.10
N TYR D 425 6.41 34.05 24.81
CA TYR D 425 7.71 34.49 24.31
C TYR D 425 8.77 33.42 24.54
N VAL D 426 9.63 33.22 23.55
CA VAL D 426 10.85 32.45 23.72
C VAL D 426 11.95 33.18 22.95
N PRO D 427 13.09 33.46 23.57
CA PRO D 427 14.08 34.36 22.94
C PRO D 427 14.63 33.86 21.61
N LYS D 428 14.74 32.55 21.41
CA LYS D 428 15.38 32.03 20.20
C LYS D 428 14.60 32.41 18.94
N ILE D 429 13.27 32.36 19.00
CA ILE D 429 12.47 32.78 17.84
C ILE D 429 12.35 34.29 17.75
N GLN D 430 12.93 35.02 18.69
CA GLN D 430 13.07 36.47 18.74
C GLN D 430 11.75 37.17 19.06
N THR D 431 10.64 36.44 19.18
CA THR D 431 9.35 37.05 19.46
C THR D 431 8.50 36.04 20.23
N ALA D 432 7.21 36.31 20.34
CA ALA D 432 6.27 35.39 20.96
C ALA D 432 5.55 34.60 19.89
N LEU D 433 5.15 33.37 20.23
CA LEU D 433 4.48 32.49 19.28
C LEU D 433 3.08 32.99 18.90
N SER D 434 2.49 33.88 19.69
CA SER D 434 1.17 34.40 19.40
C SER D 434 1.26 35.73 18.67
N MET D 435 0.11 36.37 18.48
CA MET D 435 0.03 37.71 17.92
C MET D 435 -0.48 38.72 18.93
N GLU D 436 -1.63 38.46 19.55
CA GLU D 436 -2.11 39.25 20.67
C GLU D 436 -1.65 38.58 21.96
N VAL D 437 -2.20 39.01 23.09
CA VAL D 437 -1.85 38.41 24.38
C VAL D 437 -2.42 37.00 24.42
N PRO D 438 -1.59 35.98 24.59
CA PRO D 438 -2.07 34.59 24.46
C PRO D 438 -2.87 34.14 25.66
N ASN D 439 -3.68 33.11 25.44
CA ASN D 439 -4.41 32.46 26.50
C ASN D 439 -3.66 31.26 27.00
N PRO D 440 -3.46 31.10 28.31
CA PRO D 440 -2.74 29.94 28.82
C PRO D 440 -3.64 28.70 28.81
N LEU D 441 -2.97 27.55 28.80
CA LEU D 441 -3.64 26.25 28.88
C LEU D 441 -3.98 25.98 30.33
N PHE D 442 -5.22 25.57 30.58
CA PHE D 442 -5.65 25.20 31.93
C PHE D 442 -5.49 23.70 32.08
N ILE D 443 -4.47 23.28 32.82
CA ILE D 443 -4.19 21.86 33.03
C ILE D 443 -4.71 21.47 34.41
N GLU D 444 -5.64 20.53 34.43
CA GLU D 444 -6.27 20.06 35.66
C GLU D 444 -6.12 18.55 35.72
N ILE D 445 -5.66 18.04 36.86
CA ILE D 445 -5.68 16.59 37.08
C ILE D 445 -7.10 16.25 37.51
N ASN D 446 -7.94 15.94 36.53
CA ASN D 446 -9.34 15.64 36.85
C ASN D 446 -9.45 14.34 37.64
N LYS D 447 -8.65 13.34 37.29
CA LYS D 447 -8.72 12.04 37.95
C LYS D 447 -7.32 11.54 38.21
N GLY D 448 -7.20 10.62 39.16
CA GLY D 448 -5.90 10.12 39.57
C GLY D 448 -5.26 11.01 40.60
N GLU D 449 -3.95 10.83 40.80
CA GLU D 449 -3.20 11.62 41.76
C GLU D 449 -2.18 12.52 41.09
N ALA D 450 -1.18 11.94 40.41
CA ALA D 450 -0.20 12.68 39.61
C ALA D 450 0.61 13.70 40.42
N ASP D 451 1.67 14.21 39.81
CA ASP D 451 2.40 15.36 40.32
C ASP D 451 2.25 16.51 39.34
N ILE D 452 1.77 17.65 39.83
CA ILE D 452 1.39 18.75 38.93
C ILE D 452 2.59 19.25 38.14
N LYS D 453 3.75 19.40 38.80
CA LYS D 453 4.92 19.88 38.09
C LYS D 453 5.39 18.88 37.04
N GLN D 454 5.29 17.59 37.33
CA GLN D 454 5.63 16.57 36.33
C GLN D 454 4.64 16.60 35.17
N VAL D 455 3.35 16.81 35.46
CA VAL D 455 2.37 16.88 34.38
C VAL D 455 2.66 18.07 33.47
N LEU D 456 2.95 19.23 34.06
CA LEU D 456 3.29 20.39 33.27
C LEU D 456 4.62 20.22 32.54
N LYS D 457 5.51 19.39 33.08
CA LYS D 457 6.77 19.09 32.40
C LYS D 457 6.59 18.22 31.18
N ASP D 458 5.57 17.35 31.18
CA ASP D 458 5.34 16.44 30.06
C ASP D 458 4.50 17.08 28.97
N ILE D 459 3.50 17.89 29.34
CA ILE D 459 2.68 18.57 28.34
C ILE D 459 3.54 19.53 27.53
N LEU D 460 4.44 20.25 28.19
CA LEU D 460 5.37 21.12 27.48
C LEU D 460 6.24 20.31 26.53
N SER D 461 6.69 19.13 26.97
CA SER D 461 7.43 18.24 26.08
C SER D 461 6.56 17.76 24.93
N LEU D 462 5.30 17.44 25.20
CA LEU D 462 4.40 16.98 24.15
C LEU D 462 4.16 18.07 23.10
N THR D 463 4.19 19.33 23.51
CA THR D 463 3.96 20.43 22.57
C THR D 463 5.06 20.57 21.53
N LYS D 464 6.10 19.74 21.57
CA LYS D 464 7.21 19.86 20.64
C LYS D 464 7.07 19.00 19.39
N LEU D 465 6.53 17.79 19.53
CA LEU D 465 6.58 16.79 18.45
C LEU D 465 5.45 16.95 17.44
N ASN D 466 5.29 18.17 16.91
CA ASN D 466 4.34 18.40 15.82
C ASN D 466 5.08 18.16 14.51
N TYR D 467 4.91 16.99 13.92
CA TYR D 467 5.57 16.67 12.67
C TYR D 467 4.87 17.27 11.46
N ASN D 468 3.63 17.73 11.61
CA ASN D 468 2.95 18.37 10.49
C ASN D 468 3.46 19.80 10.28
N ALA D 469 3.94 20.44 11.34
CA ALA D 469 4.38 21.83 11.28
C ALA D 469 5.79 21.93 11.82
N CYS D 470 6.71 22.46 11.02
CA CYS D 470 8.09 22.66 11.45
C CYS D 470 8.18 24.01 12.15
N ILE D 471 7.71 24.03 13.39
CA ILE D 471 7.69 25.23 14.22
C ILE D 471 8.51 24.96 15.47
N PHE D 472 8.78 26.01 16.23
CA PHE D 472 9.51 25.85 17.48
C PHE D 472 8.76 24.95 18.44
N ALA D 473 7.49 25.25 18.69
CA ALA D 473 6.67 24.46 19.59
C ALA D 473 5.21 24.71 19.26
N ASP D 474 4.37 23.78 19.67
CA ASP D 474 2.94 23.88 19.44
C ASP D 474 2.26 24.46 20.68
N GLY D 475 1.13 25.13 20.45
CA GLY D 475 0.35 25.67 21.55
C GLY D 475 -0.51 24.67 22.28
N GLU D 476 -0.67 23.48 21.73
CA GLU D 476 -1.45 22.42 22.33
C GLU D 476 -0.64 21.14 22.31
N PRO D 477 -0.79 20.28 23.32
CA PRO D 477 -0.05 19.00 23.29
C PRO D 477 -0.38 18.20 22.04
N VAL D 478 0.64 17.56 21.50
CA VAL D 478 0.53 16.96 20.17
C VAL D 478 -0.47 15.80 20.16
N THR D 479 -0.65 15.13 21.31
CA THR D 479 -1.61 14.04 21.35
C THR D 479 -3.02 14.54 21.05
N LEU D 480 -3.41 15.66 21.65
CA LEU D 480 -4.71 16.24 21.38
C LEU D 480 -4.87 16.70 19.94
N ARG D 481 -3.85 17.36 19.38
CA ARG D 481 -3.94 17.88 18.02
C ARG D 481 -4.02 16.77 16.97
N PHE D 482 -3.17 15.74 17.09
CA PHE D 482 -3.21 14.66 16.12
C PHE D 482 -4.43 13.78 16.33
N ALA D 483 -4.91 13.64 17.56
CA ALA D 483 -6.19 12.98 17.77
C ALA D 483 -7.32 13.74 17.11
N ASP D 484 -7.28 15.07 17.18
CA ASP D 484 -8.29 15.88 16.50
C ASP D 484 -8.22 15.70 14.99
N LYS D 485 -7.01 15.66 14.43
CA LYS D 485 -6.88 15.43 12.99
C LYS D 485 -7.43 14.07 12.59
N ILE D 486 -7.10 13.03 13.37
CA ILE D 486 -7.62 11.69 13.08
C ILE D 486 -9.14 11.70 13.12
N GLY D 487 -9.72 12.33 14.13
CA GLY D 487 -11.16 12.41 14.21
C GLY D 487 -11.78 13.18 13.06
N GLU D 488 -11.15 14.28 12.66
CA GLU D 488 -11.68 15.05 11.53
C GLU D 488 -11.69 14.23 10.25
N ILE D 489 -10.64 13.45 10.01
CA ILE D 489 -10.61 12.63 8.80
C ILE D 489 -11.58 11.46 8.84
N LEU D 490 -11.75 10.81 9.99
CA LEU D 490 -12.57 9.61 10.08
C LEU D 490 -14.06 9.88 10.26
N THR D 491 -14.45 11.13 10.50
CA THR D 491 -15.85 11.50 10.51
C THR D 491 -16.35 11.89 9.13
N ALA D 492 -15.49 11.81 8.11
CA ALA D 492 -15.88 12.10 6.74
C ALA D 492 -16.37 10.87 5.99
N SER D 493 -15.83 9.69 6.29
CA SER D 493 -16.20 8.46 5.62
C SER D 493 -16.91 7.53 6.60
N THR D 494 -18.12 7.11 6.25
CA THR D 494 -18.88 6.19 7.10
C THR D 494 -18.38 4.76 6.96
N ASP D 495 -17.78 4.42 5.81
CA ASP D 495 -17.48 3.04 5.45
C ASP D 495 -16.03 2.66 5.77
N ILE D 496 -15.47 3.20 6.83
CA ILE D 496 -14.09 2.90 7.21
C ILE D 496 -14.09 1.64 8.07
N LYS D 497 -12.94 0.97 8.11
CA LYS D 497 -12.80 -0.29 8.84
C LYS D 497 -11.33 -0.53 9.12
N THR D 498 -10.99 -0.70 10.41
CA THR D 498 -9.62 -0.93 10.87
C THR D 498 -8.68 0.11 10.27
N PRO D 499 -8.80 1.38 10.66
CA PRO D 499 -7.98 2.41 10.03
C PRO D 499 -6.52 2.26 10.44
N PRO D 500 -5.58 2.70 9.61
CA PRO D 500 -4.17 2.63 9.98
C PRO D 500 -3.87 3.53 11.16
N LEU D 501 -2.89 3.11 11.97
CA LEU D 501 -2.49 3.87 13.15
C LEU D 501 -1.30 4.79 12.89
N ALA D 502 -0.70 4.74 11.71
CA ALA D 502 0.40 5.63 11.37
C ALA D 502 -0.13 7.01 11.02
N PHE D 503 0.57 8.04 11.47
CA PHE D 503 0.09 9.40 11.30
C PHE D 503 0.24 9.90 9.88
N LYS D 504 1.18 9.34 9.11
CA LYS D 504 1.44 9.84 7.77
C LYS D 504 0.24 9.64 6.84
N TYR D 505 -0.68 8.74 7.17
CA TYR D 505 -1.88 8.56 6.37
C TYR D 505 -2.98 9.55 6.72
N TYR D 506 -2.78 10.37 7.75
CA TYR D 506 -3.71 11.43 8.11
C TYR D 506 -3.10 12.82 8.02
N ILE D 507 -1.92 13.02 8.59
CA ILE D 507 -1.27 14.31 8.57
C ILE D 507 -0.28 14.38 7.41
N GLU E 168 27.09 -22.92 -43.62
CA GLU E 168 26.12 -23.99 -43.86
C GLU E 168 26.38 -25.18 -42.95
N GLU E 169 25.38 -25.57 -42.17
CA GLU E 169 25.49 -26.68 -41.24
C GLU E 169 24.33 -27.64 -41.44
N ILE E 170 24.62 -28.93 -41.38
CA ILE E 170 23.63 -29.99 -41.56
C ILE E 170 23.28 -30.57 -40.20
N TYR E 171 21.99 -30.75 -39.95
CA TYR E 171 21.49 -31.23 -38.67
C TYR E 171 20.76 -32.55 -38.87
N ASP E 172 20.93 -33.45 -37.91
CA ASP E 172 20.27 -34.75 -37.92
C ASP E 172 19.08 -34.72 -36.98
N SER E 173 17.89 -34.87 -37.52
CA SER E 173 16.68 -34.87 -36.72
C SER E 173 16.39 -36.28 -36.21
N ASN E 174 15.32 -36.42 -35.43
CA ASN E 174 14.86 -37.71 -34.95
C ASN E 174 13.66 -38.21 -35.74
N TRP E 175 13.38 -37.59 -36.88
CA TRP E 175 12.25 -37.97 -37.73
C TRP E 175 12.75 -38.91 -38.82
N LEU E 176 12.15 -40.09 -38.92
CA LEU E 176 12.43 -41.02 -40.02
C LEU E 176 11.38 -40.84 -41.09
N SER E 177 11.81 -40.54 -42.31
CA SER E 177 10.88 -40.38 -43.42
C SER E 177 10.20 -41.71 -43.73
N ILE E 178 8.91 -41.63 -44.05
CA ILE E 178 8.15 -42.79 -44.50
C ILE E 178 8.22 -42.79 -46.03
N LEU E 179 9.08 -43.64 -46.58
CA LEU E 179 9.40 -43.58 -48.00
C LEU E 179 8.20 -43.91 -48.87
N SER E 180 7.42 -44.92 -48.49
CA SER E 180 6.32 -45.36 -49.34
C SER E 180 5.18 -45.89 -48.48
N PHE E 181 4.00 -45.90 -49.08
CA PHE E 181 2.78 -46.44 -48.50
C PHE E 181 2.17 -47.46 -49.45
N PRO E 182 1.35 -48.38 -48.94
CA PRO E 182 0.58 -49.23 -49.83
C PRO E 182 -0.35 -48.39 -50.70
N GLU E 183 -0.60 -48.87 -51.91
CA GLU E 183 -1.38 -48.09 -52.87
C GLU E 183 -2.79 -47.81 -52.38
N GLU E 184 -3.35 -48.70 -51.58
CA GLU E 184 -4.75 -48.59 -51.18
C GLU E 184 -4.90 -48.79 -49.67
N LEU E 185 -5.69 -47.92 -49.05
CA LEU E 185 -6.17 -48.11 -47.69
C LEU E 185 -7.54 -48.79 -47.78
N ARG E 186 -7.64 -50.01 -47.26
CA ARG E 186 -8.82 -50.83 -47.46
C ARG E 186 -9.72 -50.80 -46.24
N PHE E 187 -11.03 -50.84 -46.49
CA PHE E 187 -12.04 -50.97 -45.44
C PHE E 187 -12.88 -52.18 -45.79
N HIS E 188 -12.57 -53.33 -45.20
CA HIS E 188 -13.27 -54.57 -45.52
C HIS E 188 -14.55 -54.69 -44.71
N GLU E 189 -15.66 -54.97 -45.39
CA GLU E 189 -16.97 -55.08 -44.72
C GLU E 189 -17.11 -56.47 -44.08
N TYR E 190 -16.33 -56.67 -43.03
CA TYR E 190 -16.39 -57.94 -42.31
C TYR E 190 -17.75 -58.14 -41.66
N ASN E 191 -18.29 -57.09 -41.03
CA ASN E 191 -19.63 -57.10 -40.45
C ASN E 191 -19.84 -58.28 -39.51
N TRP E 192 -20.83 -59.13 -39.83
CA TRP E 192 -21.14 -60.26 -38.97
C TRP E 192 -19.99 -61.24 -38.89
N MET E 193 -19.17 -61.33 -39.96
CA MET E 193 -18.00 -62.20 -39.92
C MET E 193 -17.00 -61.77 -38.86
N LEU E 194 -17.06 -60.51 -38.43
CA LEU E 194 -16.20 -60.03 -37.34
C LEU E 194 -17.03 -59.99 -36.06
N PRO E 195 -16.78 -60.87 -35.10
CA PRO E 195 -17.48 -60.77 -33.82
C PRO E 195 -17.14 -59.46 -33.13
N LYS E 196 -18.15 -58.83 -32.53
CA LYS E 196 -17.92 -57.56 -31.87
C LYS E 196 -17.06 -57.74 -30.62
N ARG E 197 -17.34 -58.79 -29.85
CA ARG E 197 -16.58 -59.06 -28.62
C ARG E 197 -15.22 -59.67 -28.99
N PHE E 198 -14.46 -58.90 -29.75
CA PHE E 198 -13.14 -59.29 -30.21
C PHE E 198 -12.31 -58.04 -30.38
N ASP E 199 -11.09 -58.07 -29.86
CA ASP E 199 -10.17 -56.94 -29.98
C ASP E 199 -9.30 -57.12 -31.22
N VAL E 200 -9.19 -56.05 -32.01
CA VAL E 200 -8.38 -56.09 -33.23
C VAL E 200 -6.89 -56.11 -32.95
N ARG E 201 -6.48 -55.96 -31.69
CA ARG E 201 -5.06 -55.98 -31.37
C ARG E 201 -4.44 -57.36 -31.50
N GLU E 202 -5.22 -58.43 -31.30
CA GLU E 202 -4.70 -59.78 -31.49
C GLU E 202 -4.56 -60.16 -32.95
N LEU E 203 -5.08 -59.34 -33.87
CA LEU E 203 -4.88 -59.61 -35.28
C LEU E 203 -3.40 -59.50 -35.64
N THR E 204 -2.95 -60.34 -36.56
CA THR E 204 -1.54 -60.36 -36.93
C THR E 204 -1.10 -59.03 -37.53
N PHE E 205 -1.96 -58.43 -38.36
CA PHE E 205 -1.65 -57.17 -39.02
C PHE E 205 -2.50 -56.04 -38.45
N PRO E 206 -1.99 -54.81 -38.51
CA PRO E 206 -2.74 -53.68 -37.96
C PRO E 206 -4.10 -53.51 -38.62
N ALA E 207 -5.10 -53.17 -37.79
CA ALA E 207 -6.46 -52.99 -38.26
C ALA E 207 -7.23 -52.21 -37.21
N VAL E 208 -8.16 -51.37 -37.67
CA VAL E 208 -8.97 -50.51 -36.80
C VAL E 208 -10.43 -50.70 -37.18
N ARG E 209 -11.28 -50.96 -36.18
CA ARG E 209 -12.70 -51.20 -36.44
C ARG E 209 -13.42 -49.86 -36.59
N TYR E 210 -13.69 -49.47 -37.83
CA TYR E 210 -14.36 -48.21 -38.14
C TYR E 210 -15.73 -48.52 -38.73
N LYS E 211 -16.79 -48.13 -38.02
CA LYS E 211 -18.17 -48.46 -38.37
C LYS E 211 -18.27 -49.98 -38.41
N ASN E 212 -18.85 -50.57 -39.45
CA ASN E 212 -18.82 -52.01 -39.63
C ASN E 212 -17.66 -52.45 -40.50
N TYR E 213 -16.84 -51.50 -40.96
CA TYR E 213 -15.66 -51.78 -41.76
C TYR E 213 -14.47 -52.08 -40.85
N LEU E 214 -13.56 -52.90 -41.34
CA LEU E 214 -12.24 -53.05 -40.74
C LEU E 214 -11.25 -52.30 -41.63
N CYS E 215 -10.67 -51.22 -41.12
CA CYS E 215 -9.72 -50.41 -41.85
C CYS E 215 -8.33 -50.99 -41.66
N THR E 216 -7.68 -51.35 -42.78
CA THR E 216 -6.34 -51.91 -42.75
C THR E 216 -5.74 -51.76 -44.13
N PHE E 217 -4.41 -51.84 -44.17
CA PHE E 217 -3.69 -51.91 -45.44
C PHE E 217 -3.49 -53.34 -45.91
N ALA E 218 -3.98 -54.32 -45.16
CA ALA E 218 -3.74 -55.73 -45.47
C ALA E 218 -4.71 -56.22 -46.53
N TRP E 219 -4.55 -57.49 -46.89
CA TRP E 219 -5.45 -58.17 -47.82
C TRP E 219 -6.68 -58.68 -47.07
N ALA E 220 -7.71 -59.03 -47.84
CA ALA E 220 -9.00 -59.38 -47.24
C ALA E 220 -8.90 -60.60 -46.34
N TYR E 221 -8.13 -61.61 -46.75
CA TYR E 221 -8.06 -62.87 -46.03
C TYR E 221 -6.78 -63.03 -45.23
N ASP E 222 -6.14 -61.92 -44.84
CA ASP E 222 -4.95 -62.01 -44.01
C ASP E 222 -5.27 -62.31 -42.56
N PHE E 223 -6.53 -62.16 -42.15
CA PHE E 223 -6.95 -62.39 -40.78
C PHE E 223 -7.70 -63.71 -40.62
N THR E 224 -7.46 -64.65 -41.55
CA THR E 224 -8.20 -65.90 -41.55
C THR E 224 -7.93 -66.73 -40.29
N TYR E 225 -6.68 -66.74 -39.84
CA TYR E 225 -6.33 -67.56 -38.68
C TYR E 225 -7.08 -67.10 -37.43
N HIS E 226 -7.12 -65.79 -37.20
CA HIS E 226 -7.88 -65.27 -36.06
C HIS E 226 -9.37 -65.19 -36.34
N LEU E 227 -9.78 -65.15 -37.60
CA LEU E 227 -11.19 -65.02 -37.99
C LEU E 227 -11.54 -66.09 -39.02
N PRO E 228 -11.77 -67.32 -38.57
CA PRO E 228 -12.17 -68.38 -39.51
C PRO E 228 -13.52 -68.14 -40.16
N LYS E 229 -14.34 -67.26 -39.59
CA LYS E 229 -15.67 -66.96 -40.13
C LYS E 229 -15.63 -65.98 -41.29
N THR E 230 -14.48 -65.39 -41.57
CA THR E 230 -14.32 -64.46 -42.68
C THR E 230 -13.93 -65.16 -43.98
N GLU E 231 -13.91 -66.50 -43.99
CA GLU E 231 -13.52 -67.24 -45.17
C GLU E 231 -14.46 -67.02 -46.35
N THR E 232 -15.68 -66.55 -46.10
CA THR E 232 -16.67 -66.34 -47.14
C THR E 232 -16.88 -64.86 -47.44
N TYR E 233 -15.89 -64.04 -47.10
CA TYR E 233 -15.95 -62.61 -47.39
C TYR E 233 -15.86 -62.36 -48.89
N HIS E 234 -16.56 -61.32 -49.34
CA HIS E 234 -16.56 -60.93 -50.75
C HIS E 234 -15.66 -59.71 -50.93
N LYS E 235 -14.71 -59.81 -51.86
CA LYS E 235 -13.73 -58.76 -52.03
C LYS E 235 -14.34 -57.48 -52.59
N SER E 236 -15.43 -57.59 -53.35
CA SER E 236 -16.03 -56.41 -53.96
C SER E 236 -16.67 -55.46 -52.96
N LYS E 237 -16.82 -55.87 -51.70
CA LYS E 237 -17.38 -55.00 -50.67
C LYS E 237 -16.36 -54.00 -50.13
N THR E 238 -15.10 -54.13 -50.51
CA THR E 238 -14.07 -53.22 -50.02
C THR E 238 -14.21 -51.85 -50.68
N ILE E 239 -13.91 -50.81 -49.92
CA ILE E 239 -14.02 -49.42 -50.38
C ILE E 239 -12.62 -48.80 -50.40
N ARG E 240 -11.64 -49.61 -50.79
CA ARG E 240 -10.23 -49.21 -50.86
C ARG E 240 -10.06 -47.80 -51.40
N ILE E 241 -9.09 -47.07 -50.82
CA ILE E 241 -8.92 -45.66 -51.09
C ILE E 241 -7.50 -45.38 -51.60
N PRO E 242 -7.34 -44.48 -52.58
CA PRO E 242 -6.00 -44.14 -53.06
C PRO E 242 -5.20 -43.28 -52.09
N THR E 243 -4.46 -43.93 -51.19
CA THR E 243 -3.74 -43.29 -50.08
C THR E 243 -3.06 -41.98 -50.45
N GLU E 244 -2.59 -41.86 -51.69
CA GLU E 244 -2.01 -40.59 -52.13
C GLU E 244 -3.01 -39.45 -52.02
N GLU E 245 -4.29 -39.73 -52.34
CA GLU E 245 -5.32 -38.72 -52.14
C GLU E 245 -5.49 -38.39 -50.67
N ILE E 246 -5.38 -39.40 -49.79
CA ILE E 246 -5.52 -39.17 -48.36
C ILE E 246 -4.43 -38.24 -47.86
N LEU E 247 -3.18 -38.54 -48.20
CA LEU E 247 -2.06 -37.74 -47.72
C LEU E 247 -2.08 -36.35 -48.34
N SER E 248 -2.41 -36.24 -49.62
CA SER E 248 -2.51 -34.93 -50.25
C SER E 248 -3.69 -34.14 -49.69
N GLY E 249 -4.76 -34.83 -49.30
CA GLY E 249 -5.95 -34.19 -48.79
C GLY E 249 -7.15 -34.24 -49.71
N SER E 250 -7.04 -34.89 -50.87
CA SER E 250 -8.13 -34.89 -51.84
C SER E 250 -9.36 -35.62 -51.32
N TYR E 251 -9.16 -36.75 -50.65
CA TYR E 251 -10.28 -37.61 -50.28
C TYR E 251 -11.01 -37.04 -49.05
N ASP E 252 -12.32 -36.84 -49.21
CA ASP E 252 -13.18 -36.39 -48.13
C ASP E 252 -14.64 -36.60 -48.53
N SER E 253 -15.40 -37.31 -47.71
CA SER E 253 -16.79 -37.60 -48.03
C SER E 253 -17.55 -37.90 -46.75
N ASN E 254 -18.82 -38.27 -46.90
CA ASN E 254 -19.63 -38.63 -45.75
C ASN E 254 -19.18 -39.94 -45.12
N PHE E 255 -18.70 -40.88 -45.92
CA PHE E 255 -18.23 -42.15 -45.39
C PHE E 255 -17.05 -41.96 -44.45
N ILE E 256 -16.06 -41.18 -44.88
CA ILE E 256 -14.87 -40.92 -44.09
C ILE E 256 -14.41 -39.49 -44.35
N ARG E 257 -13.90 -38.85 -43.31
CA ARG E 257 -13.41 -37.47 -43.40
C ARG E 257 -11.89 -37.46 -43.44
N ASN E 258 -11.34 -36.50 -44.18
CA ASN E 258 -9.89 -36.45 -44.36
C ASN E 258 -9.17 -36.25 -43.04
N ALA E 259 -9.79 -35.55 -42.09
CA ALA E 259 -9.18 -35.41 -40.76
C ALA E 259 -9.14 -36.75 -40.04
N GLU E 260 -10.22 -37.52 -40.10
CA GLU E 260 -10.31 -38.81 -39.43
C GLU E 260 -9.83 -39.97 -40.29
N CYS E 261 -9.50 -39.72 -41.56
CA CYS E 261 -8.92 -40.76 -42.39
C CYS E 261 -7.40 -40.79 -42.29
N LYS E 262 -6.77 -39.65 -42.01
CA LYS E 262 -5.34 -39.61 -41.75
C LYS E 262 -5.01 -40.04 -40.32
N ARG E 263 -5.93 -39.84 -39.38
CA ARG E 263 -5.74 -40.36 -38.03
C ARG E 263 -5.77 -41.88 -38.02
N LEU E 264 -6.59 -42.49 -38.88
CA LEU E 264 -6.62 -43.94 -38.99
C LEU E 264 -5.29 -44.52 -39.44
N ILE E 265 -4.64 -43.88 -40.41
CA ILE E 265 -3.35 -44.36 -40.89
C ILE E 265 -2.27 -44.23 -39.81
N VAL E 266 -2.32 -43.16 -39.00
CA VAL E 266 -1.36 -43.01 -37.91
C VAL E 266 -1.50 -44.14 -36.90
N GLN E 267 -2.74 -44.50 -36.57
CA GLN E 267 -2.96 -45.63 -35.67
C GLN E 267 -2.41 -46.93 -36.28
N LEU E 268 -2.66 -47.13 -37.57
CA LEU E 268 -2.15 -48.32 -38.24
C LEU E 268 -0.62 -48.34 -38.22
N LEU E 269 0.01 -47.20 -38.49
CA LEU E 269 1.47 -47.13 -38.50
C LEU E 269 2.04 -47.35 -37.10
N ASN E 270 1.39 -46.80 -36.08
CA ASN E 270 1.85 -46.98 -34.71
C ASN E 270 1.75 -48.45 -34.28
N LYS E 271 0.62 -49.09 -34.58
CA LYS E 271 0.48 -50.50 -34.25
C LYS E 271 1.46 -51.35 -35.03
N ALA E 272 1.72 -51.00 -36.29
CA ALA E 272 2.70 -51.72 -37.08
C ALA E 272 4.10 -51.57 -36.50
N PHE E 273 4.45 -50.37 -36.02
CA PHE E 273 5.74 -50.18 -35.38
C PHE E 273 5.85 -51.03 -34.11
N GLU E 274 4.78 -51.07 -33.31
CA GLU E 274 4.80 -51.88 -32.11
C GLU E 274 4.98 -53.36 -32.45
N LEU E 275 4.24 -53.86 -33.45
CA LEU E 275 4.35 -55.26 -33.82
C LEU E 275 5.73 -55.58 -34.40
N ARG E 276 6.29 -54.66 -35.19
CA ARG E 276 7.61 -54.88 -35.75
C ARG E 276 8.66 -54.91 -34.66
N MET E 277 8.54 -54.04 -33.65
CA MET E 277 9.45 -54.10 -32.51
C MET E 277 9.28 -55.40 -31.75
N LYS E 278 8.05 -55.89 -31.61
CA LYS E 278 7.84 -57.21 -31.01
C LYS E 278 8.51 -58.31 -31.82
N ASP E 279 8.54 -58.16 -33.15
CA ASP E 279 9.10 -59.20 -34.00
C ASP E 279 10.62 -59.33 -33.84
N LYS E 280 11.30 -58.20 -33.62
CA LYS E 280 12.76 -58.21 -33.54
C LYS E 280 13.27 -58.59 -32.15
N GLU E 281 12.38 -58.95 -31.23
CA GLU E 281 12.76 -59.42 -29.90
C GLU E 281 13.60 -58.37 -29.16
N VAL E 282 12.99 -57.23 -28.92
CA VAL E 282 13.56 -56.17 -28.08
C VAL E 282 12.69 -56.05 -26.84
N GLN E 283 13.34 -55.98 -25.67
CA GLN E 283 12.58 -55.93 -24.43
C GLN E 283 11.81 -54.62 -24.34
N GLU E 284 10.71 -54.66 -23.59
CA GLU E 284 9.71 -53.61 -23.58
C GLU E 284 9.52 -53.07 -22.17
N TYR E 285 9.44 -51.75 -22.05
CA TYR E 285 9.14 -51.09 -20.78
C TYR E 285 8.02 -50.08 -21.00
N GLU E 286 6.99 -50.17 -20.16
CA GLU E 286 5.82 -49.30 -20.27
C GLU E 286 6.08 -48.00 -19.53
N MET E 287 5.84 -46.88 -20.20
CA MET E 287 5.91 -45.57 -19.56
C MET E 287 4.51 -45.17 -19.09
N SER E 288 4.36 -43.91 -18.69
CA SER E 288 3.05 -43.42 -18.29
C SER E 288 2.06 -43.46 -19.45
N ASN E 289 2.48 -43.02 -20.63
CA ASN E 289 1.64 -43.00 -21.81
C ASN E 289 2.16 -43.89 -22.92
N LYS E 290 3.44 -43.77 -23.27
CA LYS E 290 4.02 -44.51 -24.37
C LYS E 290 4.67 -45.80 -23.87
N THR E 291 5.24 -46.55 -24.80
CA THR E 291 6.03 -47.73 -24.51
C THR E 291 7.37 -47.62 -25.22
N ALA E 292 8.43 -48.09 -24.57
CA ALA E 292 9.76 -47.97 -25.13
C ALA E 292 10.41 -49.35 -25.26
N TYR E 293 11.29 -49.47 -26.24
CA TYR E 293 11.92 -50.74 -26.59
C TYR E 293 13.42 -50.64 -26.35
N TRP E 294 13.90 -51.37 -25.35
CA TRP E 294 15.32 -51.42 -25.01
C TRP E 294 15.88 -52.78 -25.36
N LEU E 295 17.19 -52.91 -25.26
CA LEU E 295 17.90 -54.11 -25.68
C LEU E 295 18.45 -54.85 -24.47
N GLU E 296 18.36 -56.18 -24.52
CA GLU E 296 18.79 -57.02 -23.41
C GLU E 296 20.30 -57.09 -23.32
N LYS E 297 20.80 -57.21 -22.09
CA LYS E 297 22.21 -57.48 -21.85
C LYS E 297 22.61 -58.81 -22.48
N GLY E 298 23.45 -58.76 -23.51
CA GLY E 298 23.86 -59.95 -24.23
C GLY E 298 23.17 -60.16 -25.56
N LYS E 299 22.11 -59.42 -25.86
CA LYS E 299 21.45 -59.53 -27.15
C LYS E 299 22.39 -59.14 -28.28
N LEU E 300 23.13 -58.05 -28.10
CA LEU E 300 24.12 -57.61 -29.07
C LEU E 300 25.48 -58.21 -28.77
N GLU E 301 26.36 -58.18 -29.77
CA GLU E 301 27.73 -58.64 -29.58
C GLU E 301 28.45 -57.68 -28.66
N LYS E 302 28.65 -58.09 -27.40
CA LYS E 302 29.25 -57.28 -26.35
C LYS E 302 28.42 -56.04 -26.04
N ASP E 303 27.20 -55.96 -26.60
CA ASP E 303 26.33 -54.80 -26.47
C ASP E 303 26.97 -53.54 -27.04
N LYS E 304 27.27 -53.60 -28.35
CA LYS E 304 27.71 -52.43 -29.11
C LYS E 304 27.35 -52.67 -30.57
N PHE E 305 26.29 -52.03 -31.03
CA PHE E 305 25.96 -52.03 -32.45
C PHE E 305 26.68 -50.88 -33.14
N GLU E 306 27.11 -51.14 -34.38
CA GLU E 306 27.96 -50.22 -35.13
C GLU E 306 29.23 -50.03 -34.28
N LYS E 307 29.67 -48.80 -34.02
CA LYS E 307 30.81 -48.56 -33.16
C LYS E 307 30.43 -47.87 -31.85
N THR E 308 29.13 -47.68 -31.60
CA THR E 308 28.65 -46.97 -30.42
C THR E 308 27.92 -47.94 -29.50
N MET E 309 28.33 -47.97 -28.24
CA MET E 309 27.72 -48.86 -27.26
C MET E 309 26.28 -48.46 -26.99
N LEU E 310 25.40 -49.45 -26.90
CA LEU E 310 24.00 -49.22 -26.56
C LEU E 310 23.64 -49.63 -25.14
N VAL E 311 24.32 -50.64 -24.58
CA VAL E 311 24.03 -51.13 -23.23
C VAL E 311 25.32 -51.12 -22.44
N GLY E 312 25.29 -50.50 -21.27
CA GLY E 312 26.48 -50.42 -20.43
C GLY E 312 26.19 -50.60 -18.95
N LYS E 313 27.18 -50.29 -18.11
CA LYS E 313 27.08 -50.46 -16.67
C LYS E 313 27.17 -49.12 -15.96
N GLN E 314 26.54 -49.04 -14.79
CA GLN E 314 26.65 -47.87 -13.93
C GLN E 314 26.37 -48.35 -12.51
N LYS E 315 27.43 -48.50 -11.72
CA LYS E 315 27.38 -49.06 -10.36
C LYS E 315 26.78 -50.46 -10.49
N ASP E 316 25.70 -50.79 -9.79
CA ASP E 316 25.09 -52.10 -9.89
C ASP E 316 23.96 -52.15 -10.91
N LYS E 317 23.76 -51.08 -11.68
CA LYS E 317 22.64 -50.96 -12.59
C LYS E 317 23.12 -51.10 -14.03
N ASN E 318 22.57 -52.08 -14.74
CA ASN E 318 22.81 -52.19 -16.18
C ASN E 318 21.90 -51.22 -16.91
N TRP E 319 22.49 -50.23 -17.58
CA TRP E 319 21.72 -49.24 -18.30
C TRP E 319 21.63 -49.61 -19.78
N HIS E 320 20.48 -49.30 -20.37
CA HIS E 320 20.16 -49.64 -21.74
C HIS E 320 19.57 -48.43 -22.44
N PHE E 321 19.81 -48.32 -23.73
CA PHE E 321 19.23 -47.27 -24.55
C PHE E 321 17.95 -47.78 -25.20
N ALA E 322 16.86 -47.03 -25.05
CA ALA E 322 15.57 -47.41 -25.57
C ALA E 322 15.01 -46.29 -26.42
N ILE E 323 14.11 -46.65 -27.34
CA ILE E 323 13.47 -45.68 -28.22
C ILE E 323 11.97 -45.92 -28.21
N SER E 324 11.22 -44.85 -28.49
CA SER E 324 9.78 -44.92 -28.65
C SER E 324 9.40 -44.25 -29.97
N GLY E 325 8.48 -44.86 -30.70
CA GLY E 325 8.09 -44.37 -32.00
C GLY E 325 6.68 -43.84 -32.02
N ALA E 326 6.44 -42.84 -32.87
CA ALA E 326 5.12 -42.26 -33.03
C ALA E 326 5.01 -41.71 -34.43
N SER E 327 4.06 -42.23 -35.21
CA SER E 327 3.89 -41.78 -36.59
C SER E 327 3.08 -40.50 -36.64
N LYS E 328 3.49 -39.57 -37.50
CA LYS E 328 2.79 -38.32 -37.70
C LYS E 328 2.74 -38.03 -39.20
N LEU E 329 1.73 -37.27 -39.62
CA LEU E 329 1.55 -36.94 -41.03
C LEU E 329 1.53 -35.45 -41.30
N TYR E 330 1.66 -34.60 -40.28
CA TYR E 330 1.42 -33.17 -40.50
C TYR E 330 2.53 -32.52 -41.31
N PRO E 331 3.80 -32.44 -40.82
CA PRO E 331 4.83 -31.80 -41.63
C PRO E 331 5.14 -32.64 -42.86
N PHE E 332 5.42 -33.91 -42.63
CA PHE E 332 5.60 -34.92 -43.67
C PHE E 332 4.99 -36.20 -43.13
N PRO E 333 4.85 -37.25 -43.93
CA PRO E 333 4.64 -38.57 -43.32
C PRO E 333 5.94 -39.05 -42.71
N VAL E 334 6.06 -38.95 -41.39
CA VAL E 334 7.30 -39.24 -40.69
C VAL E 334 7.01 -40.09 -39.46
N LEU E 335 8.06 -40.61 -38.88
CA LEU E 335 8.00 -41.38 -37.64
C LEU E 335 8.96 -40.72 -36.67
N MET E 336 8.42 -40.09 -35.63
CA MET E 336 9.24 -39.43 -34.62
C MET E 336 9.69 -40.46 -33.60
N ILE E 337 10.96 -40.39 -33.22
CA ILE E 337 11.54 -41.31 -32.25
C ILE E 337 12.07 -40.51 -31.06
N SER E 338 11.64 -40.91 -29.87
CA SER E 338 12.10 -40.32 -28.62
C SER E 338 13.08 -41.28 -27.95
N SER E 339 14.15 -40.73 -27.40
CA SER E 339 15.21 -41.51 -26.78
C SER E 339 15.04 -41.55 -25.27
N HIS E 340 15.36 -42.71 -24.67
CA HIS E 340 15.23 -42.88 -23.23
C HIS E 340 16.34 -43.80 -22.75
N ILE E 341 16.62 -43.71 -21.45
CA ILE E 341 17.61 -44.56 -20.79
C ILE E 341 16.88 -45.36 -19.71
N PHE E 342 17.08 -46.67 -19.71
CA PHE E 342 16.42 -47.56 -18.78
C PHE E 342 17.46 -48.32 -17.98
N PHE E 343 17.05 -48.83 -16.81
CA PHE E 343 17.98 -49.46 -15.89
C PHE E 343 17.43 -50.78 -15.40
N THR E 344 18.34 -51.74 -15.20
CA THR E 344 18.01 -53.07 -14.73
C THR E 344 18.94 -53.45 -13.59
N ALA E 345 18.42 -54.24 -12.65
CA ALA E 345 19.21 -54.70 -11.53
C ALA E 345 20.17 -55.82 -11.91
N ASP E 346 19.75 -56.72 -12.81
CA ASP E 346 20.57 -57.86 -13.21
C ASP E 346 20.87 -57.87 -14.70
N GLY E 347 20.34 -56.92 -15.48
CA GLY E 347 20.47 -56.93 -16.91
C GLY E 347 19.32 -57.59 -17.65
N LYS E 348 18.40 -58.21 -16.93
CA LYS E 348 17.24 -58.85 -17.55
C LYS E 348 15.91 -58.35 -16.99
N LYS E 349 15.82 -58.10 -15.68
CA LYS E 349 14.58 -57.66 -15.08
C LYS E 349 14.67 -56.18 -14.74
N LEU E 350 13.55 -55.48 -14.87
CA LEU E 350 13.49 -54.04 -14.72
C LEU E 350 13.21 -53.64 -13.29
N ILE E 351 13.87 -52.57 -12.85
CA ILE E 351 13.64 -52.04 -11.51
C ILE E 351 12.21 -51.50 -11.41
N ASP E 352 11.51 -51.89 -10.35
CA ASP E 352 10.10 -51.57 -10.22
C ASP E 352 9.84 -50.17 -9.67
N SER E 353 10.87 -49.51 -9.11
CA SER E 353 10.67 -48.19 -8.52
C SER E 353 10.79 -47.12 -9.61
N SER E 354 9.73 -46.34 -9.77
CA SER E 354 9.77 -45.24 -10.73
C SER E 354 10.76 -44.17 -10.32
N SER E 355 10.82 -43.86 -9.02
CA SER E 355 11.76 -42.84 -8.55
C SER E 355 13.20 -43.29 -8.77
N VAL E 356 13.51 -44.56 -8.51
CA VAL E 356 14.86 -45.07 -8.71
C VAL E 356 15.26 -44.98 -10.17
N GLN E 357 14.34 -45.38 -11.07
CA GLN E 357 14.63 -45.30 -12.49
C GLN E 357 14.82 -43.85 -12.93
N HIS E 358 14.00 -42.94 -12.42
CA HIS E 358 14.13 -41.53 -12.79
C HIS E 358 15.47 -40.97 -12.34
N SER E 359 15.85 -41.26 -11.08
CA SER E 359 17.12 -40.77 -10.57
C SER E 359 18.30 -41.34 -11.36
N SER E 360 18.25 -42.65 -11.66
CA SER E 360 19.32 -43.26 -12.43
C SER E 360 19.39 -42.67 -13.83
N ARG E 361 18.25 -42.43 -14.46
CA ARG E 361 18.25 -41.84 -15.79
C ARG E 361 18.84 -40.44 -15.77
N ARG E 362 18.49 -39.63 -14.76
CA ARG E 362 19.08 -38.31 -14.64
C ARG E 362 20.60 -38.38 -14.43
N ARG E 363 21.04 -39.31 -13.57
CA ARG E 363 22.47 -39.46 -13.33
C ARG E 363 23.21 -39.86 -14.60
N GLN E 364 22.63 -40.79 -15.37
CA GLN E 364 23.30 -41.26 -16.58
C GLN E 364 23.30 -40.18 -17.67
N GLY E 365 22.19 -39.45 -17.80
CA GLY E 365 22.13 -38.39 -18.78
C GLY E 365 22.86 -37.12 -18.40
N LYS E 366 23.32 -37.01 -17.17
CA LYS E 366 24.12 -35.86 -16.76
C LYS E 366 25.31 -35.62 -17.69
N ASN E 367 25.93 -36.70 -18.20
CA ASN E 367 27.11 -36.58 -19.04
C ASN E 367 26.90 -37.08 -20.46
N TRP E 368 25.66 -37.14 -20.95
CA TRP E 368 25.37 -37.54 -22.32
C TRP E 368 25.13 -36.29 -23.15
N TRP E 369 26.11 -35.92 -23.95
CA TRP E 369 26.04 -34.71 -24.76
C TRP E 369 25.52 -35.04 -26.15
N ASN E 370 25.66 -34.10 -27.10
CA ASN E 370 25.02 -34.22 -28.41
C ASN E 370 25.37 -35.52 -29.11
N ASN E 371 26.66 -35.83 -29.24
CA ASN E 371 27.07 -37.02 -29.96
C ASN E 371 26.85 -38.31 -29.17
N THR E 372 26.62 -38.22 -27.87
CA THR E 372 26.28 -39.40 -27.10
C THR E 372 24.83 -39.83 -27.31
N TRP E 373 23.95 -38.87 -27.60
CA TRP E 373 22.55 -39.16 -27.91
C TRP E 373 22.36 -39.48 -29.39
N ARG E 374 22.95 -38.66 -30.26
CA ARG E 374 22.75 -38.82 -31.69
C ARG E 374 23.27 -40.16 -32.19
N THR E 375 24.50 -40.51 -31.79
CA THR E 375 25.09 -41.75 -32.26
C THR E 375 24.32 -42.96 -31.75
N LYS E 376 23.87 -42.92 -30.50
CA LYS E 376 23.10 -44.05 -29.97
C LYS E 376 21.75 -44.18 -30.68
N LEU E 377 21.09 -43.05 -30.95
CA LEU E 377 19.82 -43.09 -31.67
C LEU E 377 20.01 -43.67 -33.06
N LEU E 378 21.03 -43.21 -33.78
CA LEU E 378 21.28 -43.70 -35.12
C LEU E 378 21.70 -45.17 -35.12
N ALA E 379 22.46 -45.59 -34.10
CA ALA E 379 22.84 -46.99 -34.00
C ALA E 379 21.62 -47.87 -33.77
N PHE E 380 20.72 -47.46 -32.88
CA PHE E 380 19.52 -48.24 -32.65
C PHE E 380 18.66 -48.32 -33.91
N ILE E 381 18.53 -47.20 -34.63
CA ILE E 381 17.76 -47.20 -35.87
C ILE E 381 18.40 -48.13 -36.90
N LYS E 382 19.73 -48.08 -37.02
CA LYS E 382 20.42 -48.98 -37.95
C LYS E 382 20.27 -50.43 -37.54
N TYR E 383 20.20 -50.70 -36.24
CA TYR E 383 19.90 -52.05 -35.77
C TYR E 383 18.52 -52.47 -36.24
N LEU E 384 17.54 -51.57 -36.15
CA LEU E 384 16.21 -51.88 -36.65
C LEU E 384 16.13 -51.98 -38.16
N SER E 385 17.19 -51.58 -38.88
CA SER E 385 17.15 -51.58 -40.33
C SER E 385 17.10 -53.00 -40.88
N ASP E 386 16.53 -53.14 -42.07
CA ASP E 386 16.48 -54.40 -42.78
C ASP E 386 17.32 -54.43 -44.05
N ASP E 387 17.66 -53.28 -44.61
CA ASP E 387 18.61 -53.20 -45.71
C ASP E 387 19.45 -51.93 -45.51
N ASP E 388 20.17 -51.52 -46.56
CA ASP E 388 21.09 -50.40 -46.42
C ASP E 388 20.40 -49.05 -46.49
N THR E 389 19.09 -49.00 -46.74
CA THR E 389 18.41 -47.72 -46.92
C THR E 389 17.18 -47.51 -46.05
N SER E 390 16.59 -48.57 -45.49
CA SER E 390 15.33 -48.42 -44.76
C SER E 390 15.03 -49.70 -44.00
N PHE E 391 13.89 -49.69 -43.31
CA PHE E 391 13.26 -50.90 -42.80
C PHE E 391 11.79 -50.84 -43.15
N TYR E 392 11.04 -51.89 -42.82
CA TYR E 392 9.64 -51.95 -43.20
C TYR E 392 8.76 -52.37 -42.04
N LEU E 393 7.55 -51.84 -42.04
CA LEU E 393 6.48 -52.26 -41.15
C LEU E 393 5.49 -53.08 -41.97
N GLU E 394 5.14 -54.25 -41.47
CA GLU E 394 4.32 -55.20 -42.22
C GLU E 394 2.86 -54.80 -42.12
N MET E 395 2.35 -54.13 -43.16
CA MET E 395 0.93 -53.85 -43.25
C MET E 395 0.10 -55.10 -43.45
N GLY E 396 0.60 -56.06 -44.20
CA GLY E 396 -0.15 -57.27 -44.48
C GLY E 396 0.74 -58.30 -45.12
N SER E 397 0.12 -59.36 -45.65
CA SER E 397 0.89 -60.43 -46.27
C SER E 397 1.63 -59.93 -47.50
N GLU E 398 1.16 -58.85 -48.13
CA GLU E 398 1.77 -58.34 -49.35
C GLU E 398 2.14 -56.86 -49.28
N GLU E 399 1.64 -56.10 -48.31
CA GLU E 399 1.84 -54.66 -48.25
C GLU E 399 2.80 -54.33 -47.13
N LYS E 400 3.78 -53.47 -47.42
CA LYS E 400 4.77 -53.05 -46.45
C LYS E 400 4.98 -51.54 -46.54
N VAL E 401 5.07 -50.89 -45.38
CA VAL E 401 5.38 -49.47 -45.31
C VAL E 401 6.87 -49.34 -45.06
N PHE E 402 7.56 -48.62 -45.94
CA PHE E 402 9.02 -48.51 -45.85
C PHE E 402 9.39 -47.20 -45.16
N VAL E 403 10.05 -47.31 -44.02
CA VAL E 403 10.49 -46.16 -43.24
C VAL E 403 12.00 -46.05 -43.37
N SER E 404 12.48 -44.90 -43.81
CA SER E 404 13.91 -44.70 -44.02
C SER E 404 14.66 -44.81 -42.69
N ASN E 405 15.79 -45.50 -42.72
CA ASN E 405 16.66 -45.57 -41.55
C ASN E 405 17.54 -44.34 -41.41
N GLU E 406 17.67 -43.53 -42.46
CA GLU E 406 18.35 -42.26 -42.37
C GLU E 406 17.36 -41.18 -41.99
N PRO E 407 17.56 -40.49 -40.87
CA PRO E 407 16.57 -39.49 -40.44
C PRO E 407 16.58 -38.27 -41.34
N VAL E 408 15.48 -37.51 -41.26
CA VAL E 408 15.37 -36.27 -42.02
C VAL E 408 16.49 -35.33 -41.60
N LYS E 409 17.17 -34.75 -42.58
CA LYS E 409 18.26 -33.83 -42.33
C LYS E 409 17.82 -32.41 -42.61
N PHE E 410 18.29 -31.47 -41.80
CA PHE E 410 17.98 -30.06 -41.94
C PHE E 410 19.28 -29.29 -42.14
N LYS E 411 19.20 -28.25 -42.97
CA LYS E 411 20.38 -27.48 -43.37
C LYS E 411 20.25 -26.06 -42.83
N GLY E 412 21.14 -25.68 -41.93
CA GLY E 412 21.15 -24.35 -41.36
C GLY E 412 22.25 -23.50 -41.96
N ASN E 413 21.93 -22.24 -42.22
CA ASN E 413 22.85 -21.32 -42.89
C ASN E 413 23.80 -20.62 -41.93
N VAL E 414 23.69 -20.86 -40.63
CA VAL E 414 24.56 -20.26 -39.63
C VAL E 414 25.03 -21.35 -38.68
N SER E 415 26.30 -21.27 -38.28
CA SER E 415 26.89 -22.26 -37.38
C SER E 415 27.82 -21.52 -36.43
N TYR E 416 28.65 -22.28 -35.71
CA TYR E 416 29.61 -21.72 -34.78
C TYR E 416 30.67 -22.78 -34.50
N ASN E 417 31.68 -22.38 -33.73
CA ASN E 417 32.78 -23.27 -33.34
C ASN E 417 33.14 -22.98 -31.88
N ILE E 418 33.87 -23.92 -31.29
CA ILE E 418 34.30 -23.78 -29.90
C ILE E 418 35.26 -22.61 -29.77
N MET F 1 16.75 -32.74 -47.10
CA MET F 1 17.33 -31.48 -46.68
C MET F 1 16.31 -30.36 -46.71
N LYS F 2 15.94 -29.85 -45.54
CA LYS F 2 14.95 -28.80 -45.41
C LYS F 2 15.60 -27.53 -44.87
N GLU F 3 15.19 -26.39 -45.41
CA GLU F 3 15.81 -25.12 -45.06
C GLU F 3 15.48 -24.74 -43.61
N LEU F 4 16.41 -24.05 -42.99
CA LEU F 4 16.34 -23.72 -41.57
C LEU F 4 16.81 -22.28 -41.38
N ILE F 5 15.86 -21.35 -41.26
CA ILE F 5 16.20 -19.93 -41.15
C ILE F 5 16.62 -19.62 -39.73
N TYR F 6 17.17 -18.42 -39.53
CA TYR F 6 17.69 -17.99 -38.24
C TYR F 6 17.27 -16.56 -37.99
N ILE F 7 16.54 -16.32 -36.91
CA ILE F 7 16.13 -14.98 -36.53
C ILE F 7 17.26 -14.30 -35.78
N GLU F 8 17.54 -13.05 -36.14
CA GLU F 8 18.58 -12.29 -35.45
C GLU F 8 18.24 -12.13 -33.97
N GLU F 9 19.26 -12.13 -33.14
CA GLU F 9 19.06 -11.97 -31.71
C GLU F 9 18.47 -10.61 -31.41
N PRO F 10 17.31 -10.53 -30.76
CA PRO F 10 16.73 -9.23 -30.43
C PRO F 10 17.58 -8.48 -29.42
N LYS F 11 17.53 -7.15 -29.51
CA LYS F 11 18.30 -6.28 -28.66
C LYS F 11 17.38 -5.56 -27.68
N ILE F 12 17.78 -5.51 -26.41
CA ILE F 12 17.05 -4.80 -25.39
C ILE F 12 17.78 -3.51 -25.08
N LEU F 13 17.05 -2.53 -24.56
CA LEU F 13 17.58 -1.19 -24.34
C LEU F 13 17.89 -0.96 -22.86
N PHE F 14 18.94 -0.19 -22.61
CA PHE F 14 19.40 0.11 -21.26
C PHE F 14 19.52 1.61 -21.05
N ALA F 15 20.15 2.02 -19.95
CA ALA F 15 20.34 3.44 -19.67
C ALA F 15 21.14 4.11 -20.78
N HIS F 16 20.96 5.42 -20.90
CA HIS F 16 21.59 6.24 -21.94
C HIS F 16 21.19 5.82 -23.35
N GLY F 17 20.14 5.02 -23.47
CA GLY F 17 19.74 4.52 -24.78
C GLY F 17 20.73 3.57 -25.41
N GLN F 18 21.26 2.63 -24.64
CA GLN F 18 22.22 1.67 -25.13
C GLN F 18 21.54 0.33 -25.40
N LYS F 19 22.19 -0.51 -26.20
CA LYS F 19 21.66 -1.80 -26.60
C LYS F 19 22.65 -2.91 -26.32
N CYS F 20 22.12 -4.08 -25.97
CA CYS F 20 22.92 -5.27 -25.71
C CYS F 20 21.98 -6.48 -25.71
N THR F 21 22.52 -7.62 -26.14
CA THR F 21 21.72 -8.84 -26.12
C THR F 21 21.61 -9.41 -24.72
N ASP F 22 22.71 -9.42 -23.97
CA ASP F 22 22.72 -10.01 -22.64
C ASP F 22 22.21 -9.02 -21.60
N ALA F 23 21.23 -9.45 -20.80
CA ALA F 23 20.73 -8.59 -19.73
C ALA F 23 21.79 -8.40 -18.65
N ARG F 24 22.52 -9.46 -18.30
CA ARG F 24 23.54 -9.36 -17.27
C ARG F 24 24.65 -8.41 -17.66
N ASP F 25 25.15 -8.54 -18.89
CA ASP F 25 26.23 -7.65 -19.33
C ASP F 25 25.74 -6.22 -19.50
N GLY F 26 24.51 -6.05 -19.98
CA GLY F 26 23.97 -4.70 -20.10
C GLY F 26 23.82 -4.01 -18.76
N LEU F 27 23.32 -4.74 -17.76
CA LEU F 27 23.18 -4.15 -16.43
C LEU F 27 24.53 -3.90 -15.79
N ALA F 28 25.49 -4.82 -15.99
CA ALA F 28 26.79 -4.70 -15.34
C ALA F 28 27.57 -3.49 -15.85
N LEU F 29 27.37 -3.10 -17.10
CA LEU F 29 28.12 -2.01 -17.70
C LEU F 29 27.32 -0.73 -17.89
N PHE F 30 26.05 -0.81 -18.27
CA PHE F 30 25.30 0.38 -18.64
C PHE F 30 24.25 0.78 -17.61
N GLY F 31 23.82 -0.13 -16.75
CA GLY F 31 22.90 0.20 -15.69
C GLY F 31 21.44 0.13 -16.08
N PRO F 32 20.55 0.25 -15.10
CA PRO F 32 19.12 0.16 -15.39
C PRO F 32 18.56 1.49 -15.89
N LEU F 33 17.31 1.42 -16.35
CA LEU F 33 16.70 2.57 -17.03
C LEU F 33 16.45 3.72 -16.08
N ASN F 34 15.81 3.45 -14.95
CA ASN F 34 15.38 4.51 -14.04
C ASN F 34 16.28 4.59 -12.82
N ASN F 35 16.08 5.64 -12.04
CA ASN F 35 16.90 5.94 -10.86
C ASN F 35 16.07 5.71 -9.61
N LEU F 36 16.40 4.64 -8.89
CA LEU F 36 15.89 4.39 -7.55
C LEU F 36 16.97 4.85 -6.57
N TYR F 37 16.63 5.83 -5.74
CA TYR F 37 17.62 6.36 -4.80
C TYR F 37 18.04 5.32 -3.77
N GLY F 38 17.14 4.42 -3.40
CA GLY F 38 17.48 3.38 -2.46
C GLY F 38 16.33 2.42 -2.29
N ILE F 39 16.67 1.22 -1.81
CA ILE F 39 15.69 0.18 -1.53
C ILE F 39 15.65 -0.01 -0.02
N LYS F 40 14.52 0.34 0.59
CA LYS F 40 14.31 0.14 2.02
C LYS F 40 13.68 -1.22 2.22
N SER F 41 14.39 -2.12 2.88
CA SER F 41 14.01 -3.53 2.94
C SER F 41 13.41 -3.88 4.29
N GLY F 42 12.27 -4.55 4.26
CA GLY F 42 11.68 -5.14 5.44
C GLY F 42 11.98 -6.63 5.46
N VAL F 43 12.42 -7.12 6.61
CA VAL F 43 12.82 -8.51 6.77
C VAL F 43 11.98 -9.11 7.89
N ILE F 44 11.23 -10.16 7.58
CA ILE F 44 10.40 -10.83 8.56
C ILE F 44 10.86 -12.29 8.66
N GLY F 45 11.09 -12.74 9.88
CA GLY F 45 11.49 -14.12 10.08
C GLY F 45 12.15 -14.30 11.43
N THR F 46 12.68 -15.49 11.63
CA THR F 46 13.35 -15.82 12.89
C THR F 46 14.60 -14.96 13.06
N LYS F 47 14.96 -14.70 14.32
CA LYS F 47 16.18 -13.94 14.58
C LYS F 47 17.40 -14.67 14.05
N GLN F 48 17.37 -16.01 14.10
CA GLN F 48 18.43 -16.79 13.46
C GLN F 48 18.45 -16.57 11.96
N GLY F 49 17.27 -16.49 11.35
CA GLY F 49 17.18 -16.24 9.93
C GLY F 49 17.52 -14.82 9.52
N LEU F 50 17.37 -13.85 10.42
CA LEU F 50 17.77 -12.49 10.11
C LEU F 50 19.27 -12.39 9.91
N LYS F 51 20.05 -13.12 10.73
CA LYS F 51 21.50 -13.11 10.59
C LYS F 51 21.91 -13.60 9.21
N ILE F 52 21.24 -14.64 8.70
CA ILE F 52 21.56 -15.17 7.39
C ILE F 52 21.31 -14.12 6.31
N PHE F 53 20.18 -13.42 6.38
CA PHE F 53 19.89 -12.39 5.39
C PHE F 53 20.88 -11.25 5.47
N ARG F 54 21.23 -10.82 6.69
CA ARG F 54 22.20 -9.74 6.83
C ARG F 54 23.55 -10.13 6.24
N ASP F 55 24.01 -11.36 6.54
CA ASP F 55 25.28 -11.82 6.01
C ASP F 55 25.24 -11.93 4.49
N TYR F 56 24.13 -12.42 3.93
CA TYR F 56 24.04 -12.55 2.48
C TYR F 56 23.97 -11.20 1.79
N LEU F 57 23.28 -10.24 2.39
CA LEU F 57 23.21 -8.92 1.77
C LEU F 57 24.57 -8.24 1.84
N ASP F 58 25.30 -8.42 2.94
CA ASP F 58 26.68 -7.96 2.99
C ASP F 58 27.53 -8.65 1.93
N HIS F 59 27.29 -9.94 1.70
CA HIS F 59 27.99 -10.67 0.65
C HIS F 59 27.77 -10.03 -0.71
N ILE F 60 26.50 -9.80 -1.07
CA ILE F 60 26.19 -9.22 -2.38
C ILE F 60 26.53 -7.74 -2.45
N GLN F 61 26.88 -7.11 -1.33
CA GLN F 61 27.36 -5.73 -1.39
C GLN F 61 28.65 -5.65 -2.20
N LYS F 62 29.55 -6.60 -2.01
CA LYS F 62 30.84 -6.62 -2.68
C LYS F 62 30.76 -7.38 -4.01
N PRO F 63 31.67 -7.11 -4.94
CA PRO F 63 31.68 -7.86 -6.20
C PRO F 63 31.89 -9.35 -5.95
N ILE F 64 31.22 -10.16 -6.76
CA ILE F 64 31.19 -11.61 -6.57
C ILE F 64 31.71 -12.28 -7.83
N TYR F 65 32.56 -13.29 -7.65
CA TYR F 65 33.18 -14.01 -8.75
C TYR F 65 32.71 -15.46 -8.74
N ASN F 66 32.35 -15.96 -9.92
CA ASN F 66 31.93 -17.34 -10.08
C ASN F 66 33.05 -18.15 -10.74
N SER F 67 32.76 -19.42 -11.02
CA SER F 67 33.79 -20.34 -11.46
C SER F 67 34.33 -19.97 -12.83
N ASN F 68 33.44 -19.75 -13.81
CA ASN F 68 33.85 -19.45 -15.18
C ASN F 68 33.16 -18.16 -15.61
N SER F 69 33.94 -17.09 -15.71
CA SER F 69 33.36 -15.78 -16.02
C SER F 69 32.87 -15.71 -17.46
N ILE F 70 33.49 -16.46 -18.37
CA ILE F 70 33.05 -16.42 -19.76
C ILE F 70 31.63 -16.98 -19.90
N THR F 71 31.36 -18.10 -19.24
CA THR F 71 30.03 -18.69 -19.31
C THR F 71 29.02 -17.85 -18.54
N ARG F 72 29.36 -17.45 -17.32
CA ARG F 72 28.46 -16.70 -16.46
C ARG F 72 29.21 -15.49 -15.92
N PRO F 73 28.89 -14.29 -16.41
CA PRO F 73 29.61 -13.09 -15.95
C PRO F 73 29.53 -12.92 -14.44
N MET F 74 30.62 -12.41 -13.87
CA MET F 74 30.70 -12.16 -12.44
C MET F 74 29.74 -11.05 -12.03
N PHE F 75 29.44 -11.02 -10.73
CA PHE F 75 28.53 -10.02 -10.18
C PHE F 75 29.32 -8.83 -9.67
N PRO F 76 29.11 -7.62 -10.19
CA PRO F 76 29.92 -6.47 -9.75
C PRO F 76 29.37 -5.75 -8.53
N GLY F 77 28.46 -6.38 -7.80
CA GLY F 77 27.91 -5.74 -6.61
C GLY F 77 26.67 -4.93 -6.92
N PHE F 78 25.77 -4.86 -5.94
CA PHE F 78 24.45 -4.26 -6.18
C PHE F 78 24.56 -2.79 -6.53
N GLU F 79 25.28 -2.01 -5.71
CA GLU F 79 25.31 -0.57 -5.91
C GLU F 79 26.05 -0.18 -7.18
N ALA F 80 26.98 -1.02 -7.64
CA ALA F 80 27.67 -0.75 -8.89
C ALA F 80 26.80 -1.07 -10.11
N VAL F 81 25.92 -2.07 -10.01
CA VAL F 81 25.11 -2.46 -11.14
C VAL F 81 23.87 -1.59 -11.25
N PHE F 82 23.09 -1.49 -10.18
CA PHE F 82 21.78 -0.85 -10.22
C PHE F 82 21.79 0.57 -9.67
N ASP F 83 22.98 1.15 -9.45
CA ASP F 83 23.21 2.49 -8.91
C ASP F 83 22.18 2.90 -7.87
N CYS F 84 21.82 1.95 -7.01
CA CYS F 84 20.79 2.11 -6.00
C CYS F 84 21.31 1.58 -4.68
N LYS F 85 21.00 2.30 -3.60
CA LYS F 85 21.52 1.97 -2.28
C LYS F 85 20.61 0.95 -1.62
N TRP F 86 21.06 -0.30 -1.56
CA TRP F 86 20.36 -1.38 -0.87
C TRP F 86 21.30 -1.90 0.20
N GLU F 87 21.28 -1.27 1.36
CA GLU F 87 22.20 -1.57 2.44
C GLU F 87 21.58 -2.59 3.40
N SER F 88 22.44 -3.12 4.29
CA SER F 88 21.99 -3.94 5.40
C SER F 88 21.57 -3.10 6.60
N THR F 89 21.88 -1.80 6.59
CA THR F 89 21.44 -0.88 7.63
C THR F 89 20.21 -0.14 7.15
N GLY F 90 19.19 -0.09 8.00
CA GLY F 90 17.91 0.46 7.60
C GLY F 90 16.86 -0.56 7.25
N ILE F 91 17.12 -1.85 7.49
CA ILE F 91 16.12 -2.87 7.26
C ILE F 91 15.20 -2.92 8.47
N THR F 92 13.90 -3.09 8.23
CA THR F 92 12.90 -3.15 9.30
C THR F 92 12.64 -4.60 9.64
N PHE F 93 13.00 -5.02 10.85
CA PHE F 93 12.98 -6.43 11.22
C PHE F 93 11.72 -6.76 12.01
N LYS F 94 11.08 -7.87 11.63
CA LYS F 94 9.94 -8.43 12.36
C LYS F 94 10.30 -9.85 12.76
N GLU F 95 10.61 -10.03 14.04
CA GLU F 95 11.03 -11.34 14.53
C GLU F 95 9.87 -12.31 14.56
N VAL F 96 10.13 -13.54 14.12
CA VAL F 96 9.22 -14.66 14.27
C VAL F 96 9.88 -15.61 15.26
N THR F 97 9.27 -15.76 16.44
CA THR F 97 9.84 -16.62 17.46
C THR F 97 9.77 -18.08 17.02
N ASN F 98 10.81 -18.84 17.40
CA ASN F 98 10.86 -20.25 17.03
C ASN F 98 9.70 -21.03 17.64
N GLU F 99 9.28 -20.65 18.85
CA GLU F 99 8.13 -21.30 19.48
C GLU F 99 6.87 -21.11 18.63
N ASP F 100 6.64 -19.89 18.16
CA ASP F 100 5.47 -19.63 17.32
C ASP F 100 5.57 -20.38 16.00
N ILE F 101 6.74 -20.35 15.36
CA ILE F 101 6.90 -21.00 14.07
C ILE F 101 6.85 -22.51 14.20
N GLY F 102 7.04 -23.05 15.40
CA GLY F 102 6.93 -24.48 15.60
C GLY F 102 5.55 -24.91 16.04
N LYS F 103 4.83 -24.01 16.72
CA LYS F 103 3.53 -24.38 17.27
C LYS F 103 2.56 -24.79 16.17
N PHE F 104 2.53 -24.03 15.07
CA PHE F 104 1.63 -24.36 13.97
C PHE F 104 2.24 -25.36 13.00
N LEU F 105 3.57 -25.44 12.94
CA LEU F 105 4.21 -26.37 12.01
C LEU F 105 3.90 -27.82 12.35
N TYR F 106 3.99 -28.18 13.63
CA TYR F 106 3.78 -29.57 14.03
C TYR F 106 2.29 -29.91 14.04
N ASN F 107 1.67 -29.91 12.86
CA ASN F 107 0.25 -30.18 12.72
C ASN F 107 0.03 -31.28 11.69
N SER F 108 -0.97 -32.12 11.94
CA SER F 108 -1.27 -33.21 11.02
C SER F 108 -1.82 -32.69 9.70
N SER F 109 -2.75 -31.74 9.76
CA SER F 109 -3.41 -31.24 8.57
C SER F 109 -2.51 -30.24 7.83
N THR F 110 -2.24 -30.52 6.56
CA THR F 110 -1.37 -29.64 5.78
C THR F 110 -2.05 -28.31 5.46
N HIS F 111 -3.35 -28.32 5.19
CA HIS F 111 -4.04 -27.09 4.83
C HIS F 111 -4.11 -26.12 6.00
N LYS F 112 -4.49 -26.61 7.19
CA LYS F 112 -4.58 -25.74 8.34
C LYS F 112 -3.21 -25.20 8.74
N ARG F 113 -2.19 -26.06 8.73
CA ARG F 113 -0.85 -25.60 9.09
C ARG F 113 -0.33 -24.60 8.08
N THR F 114 -0.62 -24.80 6.79
CA THR F 114 -0.20 -23.84 5.78
C THR F 114 -0.90 -22.50 5.97
N TYR F 115 -2.21 -22.53 6.24
CA TYR F 115 -2.95 -21.29 6.48
C TYR F 115 -2.40 -20.55 7.69
N ASP F 116 -2.15 -21.26 8.77
CA ASP F 116 -1.64 -20.63 9.99
C ASP F 116 -0.23 -20.07 9.78
N LEU F 117 0.62 -20.82 9.07
CA LEU F 117 1.96 -20.33 8.78
C LEU F 117 1.90 -19.06 7.92
N VAL F 118 1.04 -19.05 6.90
CA VAL F 118 0.93 -17.86 6.05
C VAL F 118 0.43 -16.68 6.88
N SER F 119 -0.57 -16.92 7.73
CA SER F 119 -1.11 -15.84 8.55
C SER F 119 -0.06 -15.30 9.51
N LEU F 120 0.74 -16.18 10.10
CA LEU F 120 1.75 -15.74 11.05
C LEU F 120 2.68 -14.69 10.45
N PHE F 121 2.96 -14.79 9.15
CA PHE F 121 3.83 -13.81 8.51
C PHE F 121 3.04 -12.62 7.98
N ILE F 122 1.90 -12.87 7.32
CA ILE F 122 1.20 -11.77 6.66
C ILE F 122 0.57 -10.83 7.67
N ASP F 123 0.16 -11.31 8.84
CA ASP F 123 -0.38 -10.41 9.84
C ASP F 123 0.68 -9.42 10.32
N LYS F 124 1.89 -9.90 10.56
CA LYS F 124 2.97 -9.01 10.94
C LYS F 124 3.31 -8.05 9.82
N ILE F 125 3.32 -8.53 8.57
CA ILE F 125 3.63 -7.65 7.44
C ILE F 125 2.58 -6.55 7.31
N ILE F 126 1.30 -6.92 7.43
CA ILE F 126 0.21 -5.95 7.30
C ILE F 126 0.26 -4.94 8.44
N SER F 127 0.49 -5.42 9.66
CA SER F 127 0.57 -4.51 10.79
C SER F 127 1.74 -3.54 10.64
N ALA F 128 2.89 -4.03 10.17
CA ALA F 128 4.02 -3.15 9.94
C ALA F 128 3.72 -2.14 8.84
N ASN F 129 3.02 -2.56 7.79
CA ASN F 129 2.68 -1.64 6.72
C ASN F 129 1.72 -0.55 7.19
N LYS F 130 0.72 -0.92 7.99
CA LYS F 130 -0.34 0.01 8.36
C LYS F 130 0.05 0.87 9.55
N ASN F 131 0.41 0.24 10.67
CA ASN F 131 0.56 0.92 11.96
C ASN F 131 2.02 1.21 12.30
N GLU F 132 2.86 1.49 11.30
CA GLU F 132 4.23 1.86 11.55
C GLU F 132 4.66 2.93 10.57
N ASP F 133 5.57 3.81 11.03
CA ASP F 133 5.99 4.94 10.23
C ASP F 133 7.12 4.60 9.27
N GLU F 134 7.77 3.46 9.45
CA GLU F 134 8.85 3.07 8.54
C GLU F 134 8.29 2.80 7.14
N ASN F 135 9.10 3.16 6.13
CA ASN F 135 8.76 2.92 4.74
C ASN F 135 9.61 1.78 4.22
N VAL F 136 8.97 0.79 3.60
CA VAL F 136 9.65 -0.38 3.06
C VAL F 136 9.22 -0.56 1.61
N ASP F 137 10.18 -0.81 0.73
CA ASP F 137 9.84 -1.08 -0.66
C ASP F 137 9.51 -2.55 -0.87
N VAL F 138 10.33 -3.45 -0.32
CA VAL F 138 10.16 -4.89 -0.48
C VAL F 138 10.26 -5.55 0.88
N TRP F 139 9.38 -6.53 1.12
CA TRP F 139 9.34 -7.28 2.38
C TRP F 139 9.95 -8.65 2.12
N PHE F 140 11.19 -8.84 2.54
CA PHE F 140 11.90 -10.08 2.31
C PHE F 140 11.57 -11.07 3.41
N VAL F 141 10.86 -12.14 3.05
CA VAL F 141 10.32 -13.10 4.01
C VAL F 141 11.19 -14.35 4.00
N ILE F 142 11.84 -14.64 5.12
CA ILE F 142 12.75 -15.76 5.24
C ILE F 142 12.04 -16.88 5.98
N VAL F 143 12.06 -18.08 5.41
CA VAL F 143 11.41 -19.23 6.02
C VAL F 143 12.44 -20.33 6.28
N PRO F 144 12.30 -21.09 7.36
CA PRO F 144 13.22 -22.21 7.60
C PRO F 144 13.09 -23.31 6.56
N ASP F 145 13.93 -24.33 6.65
CA ASP F 145 13.93 -25.41 5.66
C ASP F 145 13.04 -26.58 6.03
N GLU F 146 12.85 -26.86 7.32
CA GLU F 146 11.84 -27.85 7.71
C GLU F 146 10.45 -27.38 7.34
N ILE F 147 10.22 -26.06 7.37
CA ILE F 147 8.96 -25.51 6.88
C ILE F 147 8.75 -25.86 5.42
N TYR F 148 9.78 -25.60 4.60
CA TYR F 148 9.71 -25.97 3.19
C TYR F 148 9.48 -27.46 3.00
N LYS F 149 9.89 -28.26 3.98
CA LYS F 149 9.62 -29.70 3.91
C LYS F 149 8.16 -30.01 4.25
N TYR F 150 7.57 -29.27 5.17
CA TYR F 150 6.24 -29.59 5.70
C TYR F 150 5.29 -28.40 5.58
N CYS F 151 5.22 -27.80 4.39
CA CYS F 151 4.24 -26.74 4.17
C CYS F 151 3.65 -26.75 2.76
N ARG F 152 3.77 -27.84 2.02
CA ARG F 152 3.36 -27.86 0.63
C ARG F 152 2.65 -29.18 0.31
N PRO F 153 1.87 -29.23 -0.78
CA PRO F 153 1.14 -30.46 -1.13
C PRO F 153 1.98 -31.73 -1.09
N ASN F 154 1.36 -32.83 -0.68
CA ASN F 154 1.99 -34.14 -0.64
C ASN F 154 3.26 -34.15 0.21
N SER F 155 3.23 -33.46 1.35
CA SER F 155 4.33 -33.45 2.30
C SER F 155 3.93 -34.29 3.51
N VAL F 156 4.35 -35.55 3.52
CA VAL F 156 4.00 -36.47 4.58
C VAL F 156 4.80 -36.11 5.83
N LEU F 157 4.11 -35.66 6.88
CA LEU F 157 4.76 -35.30 8.12
C LEU F 157 5.20 -36.56 8.87
N PRO F 158 6.44 -36.59 9.37
CA PRO F 158 6.89 -37.74 10.15
C PRO F 158 6.03 -37.93 11.39
N LYS F 159 5.75 -39.21 11.71
CA LYS F 159 4.83 -39.52 12.79
C LYS F 159 5.42 -39.18 14.15
N GLU F 160 6.72 -39.36 14.33
CA GLU F 160 7.33 -39.16 15.65
C GLU F 160 7.29 -37.70 16.09
N MET F 161 7.13 -36.77 15.16
CA MET F 161 7.13 -35.34 15.48
C MET F 161 5.78 -34.68 15.22
N VAL F 162 4.69 -35.42 15.35
CA VAL F 162 3.35 -34.84 15.25
C VAL F 162 2.91 -34.39 16.64
N GLN F 163 2.54 -33.12 16.76
CA GLN F 163 2.08 -32.56 18.02
C GLN F 163 0.60 -32.23 18.05
N THR F 164 0.05 -31.67 16.98
CA THR F 164 -1.36 -31.34 16.92
C THR F 164 -2.04 -32.05 15.75
N THR F 199 -9.90 -23.24 6.38
CA THR F 199 -8.52 -23.21 5.90
C THR F 199 -8.36 -24.04 4.63
N TYR F 200 -9.25 -25.03 4.48
CA TYR F 200 -9.20 -25.92 3.31
C TYR F 200 -9.59 -25.21 2.02
N ASN F 201 -10.15 -24.01 2.10
CA ASN F 201 -10.48 -23.22 0.92
C ASN F 201 -9.28 -22.49 0.34
N TYR F 202 -8.07 -22.86 0.74
CA TYR F 202 -6.85 -22.22 0.29
C TYR F 202 -5.87 -23.29 -0.19
N ASP F 203 -4.91 -22.86 -1.01
CA ASP F 203 -3.89 -23.77 -1.52
C ASP F 203 -3.00 -24.26 -0.39
N ALA F 204 -2.61 -25.54 -0.46
CA ALA F 204 -1.74 -26.13 0.55
C ALA F 204 -0.28 -25.74 0.37
N GLN F 205 0.02 -24.78 -0.50
CA GLN F 205 1.38 -24.35 -0.77
C GLN F 205 1.62 -23.00 -0.11
N PHE F 206 2.78 -22.83 0.50
CA PHE F 206 3.07 -21.62 1.26
C PHE F 206 3.19 -20.39 0.37
N HIS F 207 3.97 -20.49 -0.71
CA HIS F 207 4.29 -19.32 -1.51
C HIS F 207 3.06 -18.74 -2.20
N ASP F 208 2.28 -19.62 -2.84
CA ASP F 208 1.13 -19.15 -3.62
C ASP F 208 0.08 -18.50 -2.72
N GLN F 209 -0.24 -19.15 -1.60
CA GLN F 209 -1.19 -18.55 -0.66
C GLN F 209 -0.64 -17.28 -0.05
N PHE F 210 0.67 -17.28 0.26
CA PHE F 210 1.30 -16.10 0.85
C PHE F 210 1.17 -14.89 -0.05
N LYS F 211 1.49 -15.04 -1.32
CA LYS F 211 1.38 -13.92 -2.25
C LYS F 211 -0.05 -13.65 -2.68
N ALA F 212 -0.96 -14.61 -2.50
CA ALA F 212 -2.36 -14.36 -2.81
C ALA F 212 -3.04 -13.53 -1.73
N ARG F 213 -2.69 -13.75 -0.47
CA ARG F 213 -3.36 -13.06 0.62
C ARG F 213 -2.85 -11.63 0.85
N LEU F 214 -1.74 -11.25 0.24
CA LEU F 214 -1.18 -9.91 0.38
C LEU F 214 -1.60 -8.97 -0.74
N LEU F 215 -2.46 -9.42 -1.66
CA LEU F 215 -2.74 -8.64 -2.85
C LEU F 215 -3.58 -7.41 -2.54
N LYS F 216 -4.46 -7.49 -1.54
CA LYS F 216 -5.27 -6.33 -1.18
C LYS F 216 -4.40 -5.16 -0.76
N HIS F 217 -3.30 -5.44 -0.08
CA HIS F 217 -2.44 -4.41 0.48
C HIS F 217 -1.32 -3.98 -0.44
N THR F 218 -1.11 -4.68 -1.56
CA THR F 218 -0.08 -4.35 -2.55
C THR F 218 1.29 -4.19 -1.89
N ILE F 219 1.78 -5.31 -1.36
CA ILE F 219 3.08 -5.34 -0.71
C ILE F 219 4.02 -6.25 -1.48
N PRO F 220 5.06 -5.71 -2.14
CA PRO F 220 6.01 -6.58 -2.84
C PRO F 220 6.87 -7.36 -1.84
N THR F 221 6.86 -8.68 -1.98
CA THR F 221 7.57 -9.56 -1.06
C THR F 221 8.41 -10.56 -1.83
N GLN F 222 9.48 -11.02 -1.18
CA GLN F 222 10.38 -12.02 -1.75
C GLN F 222 10.62 -13.10 -0.70
N ILE F 223 10.30 -14.34 -1.05
CA ILE F 223 10.42 -15.45 -0.12
C ILE F 223 11.77 -16.14 -0.31
N PHE F 224 12.48 -16.36 0.79
CA PHE F 224 13.81 -16.94 0.77
C PHE F 224 13.84 -18.15 1.69
N ARG F 225 14.24 -19.30 1.13
CA ARG F 225 14.58 -20.44 1.98
C ARG F 225 15.90 -20.19 2.67
N GLU F 226 16.06 -20.76 3.86
CA GLU F 226 17.31 -20.59 4.58
C GLU F 226 18.48 -21.32 3.91
N SER F 227 18.20 -22.20 2.94
CA SER F 227 19.27 -22.79 2.16
C SER F 227 19.55 -21.99 0.89
N THR F 228 18.55 -21.29 0.37
CA THR F 228 18.80 -20.39 -0.77
C THR F 228 19.75 -19.27 -0.38
N LEU F 229 19.57 -18.73 0.82
CA LEU F 229 20.53 -17.82 1.43
C LEU F 229 21.67 -18.67 1.97
N ALA F 230 22.50 -18.13 2.87
CA ALA F 230 23.77 -18.76 3.21
C ALA F 230 23.62 -20.25 3.46
N TRP F 231 24.21 -21.05 2.56
CA TRP F 231 23.94 -22.47 2.48
C TRP F 231 25.07 -23.31 3.08
N ARG F 232 26.27 -22.73 3.24
CA ARG F 232 27.41 -23.48 3.72
C ARG F 232 27.19 -24.04 5.11
N ASP F 233 26.25 -23.48 5.88
CA ASP F 233 25.93 -24.07 7.18
C ASP F 233 25.10 -25.34 7.01
N PHE F 234 24.16 -25.35 6.07
CA PHE F 234 23.33 -26.52 5.81
C PHE F 234 24.16 -27.59 5.11
N LYS F 235 24.36 -28.71 5.79
CA LYS F 235 25.22 -29.78 5.29
C LYS F 235 24.47 -31.11 5.32
N ASN F 236 24.82 -32.00 4.39
CA ASN F 236 24.23 -33.32 4.32
C ASN F 236 25.08 -34.31 5.12
N ALA F 237 24.79 -35.60 4.95
CA ALA F 237 25.57 -36.62 5.66
C ALA F 237 27.02 -36.63 5.19
N PHE F 238 27.25 -36.45 3.89
CA PHE F 238 28.61 -36.44 3.38
C PHE F 238 29.42 -35.25 3.90
N GLY F 239 28.75 -34.16 4.25
CA GLY F 239 29.40 -32.95 4.73
C GLY F 239 29.35 -31.81 3.75
N LEU F 240 29.23 -32.08 2.45
CA LEU F 240 29.07 -31.01 1.48
C LEU F 240 27.70 -30.36 1.65
N PRO F 241 27.57 -29.06 1.34
CA PRO F 241 26.24 -28.44 1.38
C PRO F 241 25.29 -29.12 0.41
N ILE F 242 24.04 -29.32 0.86
CA ILE F 242 23.06 -29.98 0.02
C ILE F 242 22.74 -29.12 -1.21
N ARG F 243 22.59 -27.82 -1.01
CA ARG F 243 22.44 -26.88 -2.13
C ARG F 243 23.78 -26.18 -2.42
N ASP F 244 24.74 -26.99 -2.85
CA ASP F 244 26.10 -26.49 -3.07
C ASP F 244 26.12 -25.54 -4.27
N PHE F 245 26.35 -24.26 -3.98
CA PHE F 245 26.43 -23.22 -5.00
C PHE F 245 27.84 -22.66 -5.12
N SER F 246 28.85 -23.50 -4.86
CA SER F 246 30.23 -23.02 -4.83
C SER F 246 30.66 -22.44 -6.16
N LYS F 247 30.06 -22.90 -7.25
CA LYS F 247 30.45 -22.40 -8.57
C LYS F 247 29.54 -21.28 -9.06
N ILE F 248 28.39 -21.09 -8.42
CA ILE F 248 27.33 -20.28 -9.01
C ILE F 248 26.85 -19.18 -8.07
N GLU F 249 27.75 -18.68 -7.22
CA GLU F 249 27.39 -17.53 -6.38
C GLU F 249 27.04 -16.32 -7.24
N GLY F 250 27.77 -16.12 -8.34
CA GLY F 250 27.58 -14.93 -9.15
C GLY F 250 26.18 -14.84 -9.74
N HIS F 251 25.70 -15.93 -10.34
CA HIS F 251 24.38 -15.88 -10.96
C HIS F 251 23.27 -15.91 -9.94
N LEU F 252 23.47 -16.60 -8.82
CA LEU F 252 22.52 -16.55 -7.71
C LEU F 252 22.32 -15.10 -7.25
N ALA F 253 23.43 -14.40 -7.01
CA ALA F 253 23.34 -12.99 -6.62
C ALA F 253 22.74 -12.15 -7.73
N TRP F 254 23.06 -12.45 -8.98
CA TRP F 254 22.49 -11.69 -10.10
C TRP F 254 20.97 -11.77 -10.10
N THR F 255 20.42 -12.98 -10.03
CA THR F 255 18.97 -13.13 -10.04
C THR F 255 18.34 -12.52 -8.80
N ILE F 256 18.95 -12.71 -7.62
CA ILE F 256 18.39 -12.14 -6.40
C ILE F 256 18.34 -10.62 -6.49
N SER F 257 19.43 -10.00 -6.93
CA SER F 257 19.50 -8.55 -7.03
C SER F 257 18.52 -8.03 -8.06
N THR F 258 18.38 -8.72 -9.21
CA THR F 258 17.45 -8.26 -10.24
C THR F 258 16.01 -8.31 -9.74
N ALA F 259 15.64 -9.40 -9.05
CA ALA F 259 14.30 -9.48 -8.49
C ALA F 259 14.07 -8.40 -7.44
N ALA F 260 15.07 -8.14 -6.59
CA ALA F 260 14.93 -7.10 -5.57
C ALA F 260 14.77 -5.73 -6.20
N PHE F 261 15.52 -5.45 -7.28
CA PHE F 261 15.43 -4.17 -7.95
C PHE F 261 14.08 -4.01 -8.65
N TYR F 262 13.58 -5.07 -9.28
CA TYR F 262 12.28 -4.99 -9.94
C TYR F 262 11.16 -4.78 -8.94
N LYS F 263 11.22 -5.49 -7.80
CA LYS F 263 10.15 -5.39 -6.82
C LYS F 263 10.08 -4.01 -6.17
N ALA F 264 11.19 -3.29 -6.11
CA ALA F 264 11.22 -1.97 -5.48
C ALA F 264 10.74 -0.87 -6.40
N GLY F 265 10.45 -1.17 -7.66
CA GLY F 265 9.94 -0.16 -8.57
C GLY F 265 10.98 0.34 -9.56
N GLY F 266 11.85 -0.56 -10.00
CA GLY F 266 12.90 -0.22 -10.94
C GLY F 266 12.67 -0.80 -12.32
N LYS F 267 13.21 -0.11 -13.32
CA LYS F 267 13.18 -0.56 -14.71
C LYS F 267 14.53 -1.17 -15.04
N PRO F 268 14.67 -2.50 -15.01
CA PRO F 268 15.98 -3.08 -15.34
C PRO F 268 16.37 -2.86 -16.79
N TRP F 269 15.50 -3.22 -17.72
CA TRP F 269 15.74 -3.02 -19.15
C TRP F 269 14.41 -2.95 -19.86
N LYS F 270 14.46 -2.74 -21.16
CA LYS F 270 13.25 -2.62 -21.97
C LYS F 270 13.52 -3.14 -23.36
N LEU F 271 12.45 -3.47 -24.07
CA LEU F 271 12.58 -3.88 -25.46
C LEU F 271 12.82 -2.69 -26.36
N SER F 272 13.53 -2.92 -27.46
CA SER F 272 13.84 -1.88 -28.42
C SER F 272 13.30 -2.16 -29.82
N ASP F 273 12.73 -3.34 -30.06
CA ASP F 273 12.24 -3.72 -31.38
C ASP F 273 10.73 -3.82 -31.45
N VAL F 274 10.02 -3.22 -30.50
CA VAL F 274 8.56 -3.30 -30.49
C VAL F 274 7.99 -2.37 -31.54
N ARG F 275 7.14 -2.91 -32.40
CA ARG F 275 6.49 -2.10 -33.43
C ARG F 275 5.39 -1.23 -32.81
N ASN F 276 5.13 -0.10 -33.44
CA ASN F 276 4.11 0.82 -32.96
C ASN F 276 2.72 0.24 -33.18
N GLY F 277 1.79 0.56 -32.28
CA GLY F 277 0.42 0.16 -32.45
C GLY F 277 0.17 -1.32 -32.30
N VAL F 278 1.05 -2.05 -31.62
CA VAL F 278 0.96 -3.49 -31.50
C VAL F 278 0.82 -3.86 -30.03
N CYS F 279 -0.36 -4.31 -29.64
CA CYS F 279 -0.59 -4.96 -28.36
C CYS F 279 -0.39 -6.46 -28.54
N TYR F 280 0.03 -7.14 -27.46
CA TYR F 280 0.37 -8.55 -27.60
C TYR F 280 -0.57 -9.47 -26.85
N LEU F 281 -0.66 -9.37 -25.51
CA LEU F 281 -1.53 -10.22 -24.71
C LEU F 281 -1.16 -11.70 -24.78
N GLY F 282 -1.13 -12.37 -23.63
CA GLY F 282 -0.87 -13.80 -23.58
C GLY F 282 -1.74 -14.48 -22.54
N LEU F 283 -2.35 -15.61 -22.91
CA LEU F 283 -3.35 -16.28 -22.08
C LEU F 283 -2.84 -17.62 -21.58
N VAL F 284 -3.10 -17.91 -20.31
CA VAL F 284 -2.74 -19.19 -19.70
C VAL F 284 -3.88 -19.64 -18.79
N TYR F 285 -4.22 -20.93 -18.86
CA TYR F 285 -5.29 -21.51 -18.07
C TYR F 285 -4.71 -22.36 -16.93
N LYS F 286 -5.37 -22.31 -15.78
CA LYS F 286 -4.94 -23.01 -14.59
C LYS F 286 -6.15 -23.70 -13.96
N LYS F 287 -5.88 -24.71 -13.15
CA LYS F 287 -6.95 -25.42 -12.44
C LYS F 287 -7.15 -24.85 -11.05
N VAL F 288 -8.39 -24.91 -10.57
CA VAL F 288 -8.75 -24.48 -9.23
C VAL F 288 -9.43 -25.65 -8.52
N GLU F 289 -8.72 -26.29 -7.60
CA GLU F 289 -9.26 -27.43 -6.87
C GLU F 289 -10.17 -27.02 -5.72
N LYS F 290 -10.15 -25.75 -5.31
CA LYS F 290 -10.92 -25.33 -4.15
C LYS F 290 -12.41 -25.53 -4.37
N SER F 291 -12.94 -25.03 -5.48
CA SER F 291 -14.33 -25.24 -5.81
C SER F 291 -14.49 -26.51 -6.64
N LYS F 292 -15.65 -27.15 -6.50
CA LYS F 292 -15.95 -28.33 -7.31
C LYS F 292 -15.89 -27.94 -8.79
N ASN F 293 -15.29 -28.84 -9.60
CA ASN F 293 -14.94 -28.61 -11.00
C ASN F 293 -13.73 -27.67 -11.01
N PRO F 294 -12.67 -28.00 -11.77
CA PRO F 294 -11.45 -27.17 -11.70
C PRO F 294 -11.66 -25.71 -12.09
N ARG F 295 -12.71 -25.41 -12.83
CA ARG F 295 -13.15 -24.04 -13.10
C ARG F 295 -12.17 -23.26 -13.97
N ASN F 296 -11.02 -23.87 -14.27
CA ASN F 296 -10.13 -23.46 -15.37
C ASN F 296 -10.00 -21.94 -15.48
N ALA F 297 -9.43 -21.34 -14.43
CA ALA F 297 -9.23 -19.90 -14.43
C ALA F 297 -8.25 -19.50 -15.52
N CYS F 298 -8.59 -18.44 -16.26
CA CYS F 298 -7.77 -17.93 -17.35
C CYS F 298 -7.18 -16.59 -16.96
N CYS F 299 -5.86 -16.45 -17.11
CA CYS F 299 -5.17 -15.23 -16.78
C CYS F 299 -4.34 -14.76 -17.96
N ALA F 300 -4.28 -13.44 -18.15
CA ALA F 300 -3.62 -12.85 -19.31
C ALA F 300 -2.59 -11.82 -18.86
N ALA F 301 -1.53 -11.70 -19.66
CA ALA F 301 -0.50 -10.70 -19.45
C ALA F 301 -0.34 -9.86 -20.70
N GLN F 302 -0.47 -8.54 -20.57
CA GLN F 302 -0.52 -7.62 -21.70
C GLN F 302 0.79 -6.84 -21.80
N MET F 303 1.35 -6.81 -23.01
CA MET F 303 2.53 -6.03 -23.32
C MET F 303 2.27 -5.22 -24.59
N PHE F 304 2.73 -3.97 -24.59
CA PHE F 304 2.63 -3.11 -25.77
C PHE F 304 3.58 -1.92 -25.57
N LEU F 305 3.57 -1.03 -26.55
CA LEU F 305 4.41 0.17 -26.52
C LEU F 305 3.58 1.38 -26.11
N ASP F 306 4.21 2.29 -25.40
CA ASP F 306 3.56 3.49 -24.89
C ASP F 306 3.94 4.69 -25.73
N ASN F 307 3.25 5.80 -25.51
CA ASN F 307 3.58 7.04 -26.18
C ASN F 307 5.00 7.46 -25.83
N GLY F 308 5.75 7.89 -26.83
CA GLY F 308 7.16 8.16 -26.67
C GLY F 308 7.98 6.92 -27.04
N ASP F 309 8.61 6.32 -26.03
CA ASP F 309 9.35 5.08 -26.24
C ASP F 309 9.18 4.09 -25.10
N GLY F 310 8.35 4.38 -24.10
CA GLY F 310 8.24 3.51 -22.95
C GLY F 310 7.60 2.18 -23.32
N THR F 311 8.02 1.13 -22.62
CA THR F 311 7.49 -0.21 -22.81
C THR F 311 6.54 -0.55 -21.68
N VAL F 312 5.30 -0.88 -22.01
CA VAL F 312 4.28 -1.26 -21.03
C VAL F 312 4.20 -2.78 -21.01
N PHE F 313 4.34 -3.36 -19.83
CA PHE F 313 4.28 -4.80 -19.63
C PHE F 313 3.68 -5.05 -18.25
N LYS F 314 2.41 -5.43 -18.20
CA LYS F 314 1.74 -5.67 -16.94
C LYS F 314 0.79 -6.85 -17.10
N GLY F 315 0.15 -7.22 -16.00
CA GLY F 315 -0.89 -8.21 -16.08
C GLY F 315 -2.16 -7.66 -16.66
N GLU F 316 -2.98 -8.55 -17.21
CA GLU F 316 -4.34 -8.21 -17.64
C GLU F 316 -5.24 -9.22 -16.95
N VAL F 317 -5.62 -8.91 -15.72
CA VAL F 317 -6.12 -9.91 -14.80
C VAL F 317 -7.55 -9.56 -14.42
N GLY F 318 -8.50 -10.26 -15.00
CA GLY F 318 -9.89 -10.16 -14.64
C GLY F 318 -10.47 -11.55 -14.45
N PRO F 319 -9.71 -12.44 -13.79
CA PRO F 319 -9.74 -13.88 -14.11
C PRO F 319 -11.10 -14.42 -14.51
N TRP F 320 -11.18 -14.94 -15.72
CA TRP F 320 -12.43 -15.38 -16.32
C TRP F 320 -12.49 -16.90 -16.21
N TYR F 321 -13.27 -17.38 -15.23
CA TYR F 321 -13.26 -18.79 -14.89
C TYR F 321 -14.07 -19.61 -15.89
N ASN F 322 -13.55 -20.77 -16.24
CA ASN F 322 -14.14 -21.61 -17.27
C ASN F 322 -14.69 -22.89 -16.67
N PRO F 323 -16.00 -23.12 -16.70
CA PRO F 323 -16.53 -24.41 -16.23
C PRO F 323 -16.07 -25.56 -17.12
N LYS F 324 -16.55 -26.78 -16.82
CA LYS F 324 -16.15 -28.02 -17.48
C LYS F 324 -14.74 -28.42 -17.06
N ASN F 325 -14.50 -29.73 -16.97
CA ASN F 325 -13.27 -30.21 -16.36
C ASN F 325 -12.04 -29.92 -17.22
N GLY F 326 -12.16 -30.02 -18.54
CA GLY F 326 -11.00 -29.85 -19.39
C GLY F 326 -11.24 -29.00 -20.61
N GLN F 327 -12.11 -28.00 -20.50
CA GLN F 327 -12.43 -27.16 -21.64
C GLN F 327 -11.21 -26.40 -22.14
N TYR F 328 -10.64 -25.53 -21.29
CA TYR F 328 -9.51 -24.68 -21.64
C TYR F 328 -9.81 -23.76 -22.82
N HIS F 329 -11.07 -23.40 -23.00
CA HIS F 329 -11.48 -22.41 -23.99
C HIS F 329 -12.44 -21.43 -23.31
N LEU F 330 -12.44 -20.19 -23.80
CA LEU F 330 -13.24 -19.14 -23.20
C LEU F 330 -14.59 -19.04 -23.88
N GLU F 331 -15.64 -18.84 -23.07
CA GLU F 331 -16.97 -18.62 -23.60
C GLU F 331 -17.04 -17.24 -24.25
N PRO F 332 -18.02 -17.01 -25.12
CA PRO F 332 -18.10 -15.70 -25.80
C PRO F 332 -18.16 -14.52 -24.85
N LYS F 333 -18.91 -14.63 -23.74
CA LYS F 333 -18.99 -13.51 -22.81
C LYS F 333 -17.64 -13.19 -22.20
N GLU F 334 -16.94 -14.22 -21.71
CA GLU F 334 -15.66 -14.00 -21.06
C GLU F 334 -14.58 -13.60 -22.04
N ALA F 335 -14.60 -14.15 -23.25
CA ALA F 335 -13.65 -13.72 -24.28
C ALA F 335 -13.88 -12.25 -24.63
N LYS F 336 -15.14 -11.85 -24.78
CA LYS F 336 -15.45 -10.45 -25.05
C LYS F 336 -14.96 -9.57 -23.90
N ALA F 337 -15.19 -9.98 -22.66
CA ALA F 337 -14.73 -9.20 -21.52
C ALA F 337 -13.22 -9.05 -21.52
N LEU F 338 -12.50 -10.14 -21.75
CA LEU F 338 -11.05 -10.11 -21.75
C LEU F 338 -10.51 -9.17 -22.82
N LEU F 339 -10.98 -9.34 -24.07
CA LEU F 339 -10.42 -8.53 -25.14
C LEU F 339 -10.85 -7.08 -25.03
N SER F 340 -12.08 -6.81 -24.58
CA SER F 340 -12.50 -5.43 -24.37
C SER F 340 -11.65 -4.77 -23.30
N GLN F 341 -11.36 -5.49 -22.21
CA GLN F 341 -10.52 -4.94 -21.17
C GLN F 341 -9.13 -4.63 -21.69
N SER F 342 -8.55 -5.53 -22.48
CA SER F 342 -7.21 -5.28 -23.02
C SER F 342 -7.20 -4.09 -23.97
N LEU F 343 -8.19 -4.00 -24.87
CA LEU F 343 -8.23 -2.90 -25.81
C LEU F 343 -8.46 -1.57 -25.09
N GLN F 344 -9.33 -1.56 -24.07
CA GLN F 344 -9.57 -0.35 -23.31
C GLN F 344 -8.33 0.08 -22.54
N SER F 345 -7.60 -0.88 -21.99
CA SER F 345 -6.35 -0.55 -21.30
C SER F 345 -5.32 0.02 -22.25
N TYR F 346 -5.26 -0.49 -23.48
CA TYR F 346 -4.36 0.11 -24.47
C TYR F 346 -4.78 1.53 -24.85
N LYS F 347 -6.08 1.74 -25.08
CA LYS F 347 -6.55 3.06 -25.47
C LYS F 347 -6.34 4.08 -24.36
N GLU F 348 -6.57 3.66 -23.11
CA GLU F 348 -6.43 4.57 -21.97
C GLU F 348 -5.01 5.07 -21.79
N GLN F 349 -4.02 4.43 -22.41
CA GLN F 349 -2.64 4.85 -22.28
C GLN F 349 -2.05 5.43 -23.56
N ILE F 350 -2.51 5.01 -24.73
CA ILE F 350 -2.03 5.59 -25.98
C ILE F 350 -3.02 6.59 -26.56
N GLY F 351 -4.32 6.26 -26.57
CA GLY F 351 -5.37 7.15 -27.06
C GLY F 351 -6.18 6.55 -28.19
N GLU F 352 -5.57 5.71 -29.01
CA GLU F 352 -6.26 5.03 -30.10
C GLU F 352 -6.03 3.53 -29.96
N TYR F 353 -6.92 2.77 -30.61
CA TYR F 353 -6.89 1.33 -30.49
C TYR F 353 -5.65 0.76 -31.16
N PRO F 354 -5.20 -0.43 -30.72
CA PRO F 354 -4.04 -1.05 -31.36
C PRO F 354 -4.31 -1.34 -32.83
N LYS F 355 -3.26 -1.20 -33.64
CA LYS F 355 -3.37 -1.52 -35.05
C LYS F 355 -3.19 -3.00 -35.33
N GLU F 356 -2.73 -3.78 -34.37
CA GLU F 356 -2.50 -5.21 -34.59
C GLU F 356 -2.25 -5.86 -33.24
N VAL F 357 -2.93 -6.97 -32.96
CA VAL F 357 -2.85 -7.66 -31.69
C VAL F 357 -2.44 -9.12 -31.95
N PHE F 358 -1.46 -9.59 -31.19
CA PHE F 358 -0.91 -10.94 -31.34
C PHE F 358 -1.17 -11.76 -30.09
N ILE F 359 -2.34 -12.37 -29.99
CA ILE F 359 -2.70 -13.14 -28.80
C ILE F 359 -1.90 -14.44 -28.79
N HIS F 360 -1.24 -14.72 -27.66
CA HIS F 360 -0.52 -15.96 -27.46
C HIS F 360 -1.30 -16.87 -26.51
N ALA F 361 -1.02 -18.17 -26.61
CA ALA F 361 -1.65 -19.14 -25.72
C ALA F 361 -0.92 -20.47 -25.85
N LYS F 362 -0.83 -21.18 -24.72
CA LYS F 362 -0.36 -22.56 -24.75
C LYS F 362 -1.33 -23.48 -25.48
N THR F 363 -2.60 -23.10 -25.54
CA THR F 363 -3.66 -23.94 -26.08
C THR F 363 -4.20 -23.36 -27.38
N ARG F 364 -4.73 -24.23 -28.22
CA ARG F 364 -5.30 -23.79 -29.48
C ARG F 364 -6.62 -23.07 -29.26
N PHE F 365 -6.90 -22.09 -30.12
CA PHE F 365 -8.14 -21.35 -30.08
C PHE F 365 -9.18 -22.05 -30.93
N ASN F 366 -10.40 -22.16 -30.43
CA ASN F 366 -11.49 -22.66 -31.26
C ASN F 366 -12.25 -21.49 -31.88
N HIS F 367 -13.17 -21.82 -32.79
CA HIS F 367 -13.83 -20.78 -33.57
C HIS F 367 -14.74 -19.91 -32.71
N GLN F 368 -15.33 -20.47 -31.65
CA GLN F 368 -16.27 -19.71 -30.84
C GLN F 368 -15.60 -18.52 -30.17
N GLU F 369 -14.50 -18.78 -29.45
CA GLU F 369 -13.83 -17.68 -28.76
C GLU F 369 -13.18 -16.72 -29.73
N TRP F 370 -12.78 -17.20 -30.92
CA TRP F 370 -12.19 -16.27 -31.88
C TRP F 370 -13.24 -15.35 -32.49
N ASP F 371 -14.44 -15.87 -32.76
CA ASP F 371 -15.54 -15.01 -33.19
C ASP F 371 -15.87 -14.01 -32.10
N ALA F 372 -15.88 -14.46 -30.84
CA ALA F 372 -16.12 -13.54 -29.73
C ALA F 372 -15.06 -12.45 -29.67
N PHE F 373 -13.79 -12.82 -29.88
CA PHE F 373 -12.72 -11.82 -29.91
C PHE F 373 -12.92 -10.84 -31.05
N LEU F 374 -13.27 -11.34 -32.24
CA LEU F 374 -13.37 -10.47 -33.40
C LEU F 374 -14.57 -9.53 -33.29
N GLU F 375 -15.62 -9.94 -32.58
CA GLU F 375 -16.77 -9.06 -32.41
C GLU F 375 -16.40 -7.80 -31.67
N VAL F 376 -15.60 -7.92 -30.60
CA VAL F 376 -15.15 -6.75 -29.86
C VAL F 376 -14.14 -5.94 -30.68
N THR F 377 -13.26 -6.63 -31.39
CA THR F 377 -12.18 -5.97 -32.11
C THR F 377 -12.75 -5.01 -33.15
N PRO F 378 -12.22 -3.78 -33.25
CA PRO F 378 -12.70 -2.85 -34.29
C PRO F 378 -12.27 -3.27 -35.67
N LYS F 379 -12.61 -2.47 -36.69
CA LYS F 379 -12.26 -2.84 -38.06
C LYS F 379 -10.78 -2.65 -38.32
N GLU F 380 -10.18 -1.59 -37.76
CA GLU F 380 -8.77 -1.30 -38.04
C GLU F 380 -7.84 -2.32 -37.41
N THR F 381 -8.13 -2.73 -36.18
CA THR F 381 -7.25 -3.64 -35.46
C THR F 381 -7.21 -5.00 -36.13
N ASN F 382 -6.00 -5.53 -36.32
CA ASN F 382 -5.79 -6.87 -36.86
C ASN F 382 -5.56 -7.82 -35.70
N LEU F 383 -6.38 -8.86 -35.62
CA LEU F 383 -6.29 -9.83 -34.53
C LEU F 383 -5.61 -11.10 -35.03
N VAL F 384 -4.61 -11.57 -34.29
CA VAL F 384 -3.86 -12.77 -34.64
C VAL F 384 -3.82 -13.68 -33.43
N GLY F 385 -4.15 -14.96 -33.63
CA GLY F 385 -4.11 -15.93 -32.56
C GLY F 385 -3.03 -16.98 -32.77
N VAL F 386 -2.04 -16.99 -31.88
CA VAL F 386 -0.83 -17.79 -32.02
C VAL F 386 -0.80 -18.82 -30.90
N THR F 387 -0.49 -20.08 -31.25
CA THR F 387 -0.40 -21.17 -30.30
C THR F 387 1.06 -21.56 -30.13
N ILE F 388 1.50 -21.71 -28.89
CA ILE F 388 2.89 -21.95 -28.54
C ILE F 388 2.96 -23.17 -27.64
N SER F 389 3.69 -24.20 -28.09
CA SER F 389 3.74 -25.44 -27.34
C SER F 389 5.12 -26.09 -27.48
N LYS F 390 5.48 -26.89 -26.47
CA LYS F 390 6.73 -27.63 -26.44
C LYS F 390 6.56 -29.11 -26.72
N THR F 391 5.35 -29.55 -27.06
CA THR F 391 5.04 -30.98 -27.07
C THR F 391 5.61 -31.71 -28.28
N LYS F 392 5.87 -31.02 -29.37
CA LYS F 392 6.24 -31.68 -30.62
C LYS F 392 7.60 -32.35 -30.50
N PRO F 393 7.70 -33.65 -30.75
CA PRO F 393 8.97 -34.39 -30.52
C PRO F 393 10.00 -34.20 -31.63
N LEU F 394 10.45 -32.97 -31.84
CA LEU F 394 11.50 -32.68 -32.80
C LEU F 394 12.78 -32.37 -32.04
N LYS F 395 13.89 -32.97 -32.49
CA LYS F 395 15.20 -32.71 -31.90
C LYS F 395 16.23 -32.75 -33.03
N LEU F 396 16.93 -31.65 -33.23
CA LEU F 396 18.01 -31.60 -34.21
C LEU F 396 19.33 -31.85 -33.50
N TYR F 397 19.95 -32.98 -33.80
CA TYR F 397 21.30 -33.28 -33.33
C TYR F 397 22.28 -32.90 -34.43
N LYS F 398 23.26 -32.07 -34.10
CA LYS F 398 24.24 -31.65 -35.08
C LYS F 398 25.14 -32.83 -35.45
N THR F 399 25.72 -32.75 -36.65
CA THR F 399 26.48 -33.88 -37.19
C THR F 399 27.66 -34.25 -36.29
N GLU F 400 28.47 -33.26 -35.92
CA GLU F 400 29.65 -33.52 -35.11
C GLU F 400 29.81 -32.42 -34.06
N GLY F 401 30.38 -32.80 -32.93
CA GLY F 401 30.58 -31.88 -31.83
C GLY F 401 29.60 -32.09 -30.69
N ASP F 402 30.10 -32.14 -29.45
CA ASP F 402 29.25 -32.37 -28.29
C ASP F 402 28.53 -31.10 -27.87
N TYR F 403 27.82 -30.47 -28.80
CA TYR F 403 27.04 -29.28 -28.51
C TYR F 403 25.76 -29.30 -29.34
N THR F 404 24.75 -28.61 -28.83
CA THR F 404 23.43 -28.64 -29.45
C THR F 404 23.31 -27.53 -30.49
N ILE F 405 22.09 -27.34 -31.00
CA ILE F 405 21.87 -26.37 -32.08
C ILE F 405 21.94 -24.95 -31.54
N LEU F 406 22.21 -24.02 -32.46
CA LEU F 406 22.18 -22.60 -32.13
C LEU F 406 20.76 -22.17 -31.77
N ARG F 407 20.66 -21.27 -30.80
CA ARG F 407 19.38 -20.68 -30.46
C ARG F 407 19.00 -19.63 -31.50
N GLY F 408 17.72 -19.59 -31.86
CA GLY F 408 17.23 -18.70 -32.88
C GLY F 408 16.98 -19.35 -34.22
N ASN F 409 17.45 -20.57 -34.42
CA ASN F 409 17.15 -21.30 -35.64
C ASN F 409 15.66 -21.62 -35.70
N ALA F 410 15.07 -21.46 -36.87
CA ALA F 410 13.66 -21.70 -37.06
C ALA F 410 13.43 -22.50 -38.33
N TYR F 411 12.68 -23.59 -38.21
CA TYR F 411 12.23 -24.35 -39.38
C TYR F 411 10.80 -23.93 -39.68
N VAL F 412 10.62 -23.09 -40.69
CA VAL F 412 9.30 -22.61 -41.07
C VAL F 412 8.62 -23.74 -41.84
N VAL F 413 7.72 -24.47 -41.16
CA VAL F 413 7.01 -25.56 -41.81
C VAL F 413 6.18 -25.04 -42.97
N ASN F 414 5.44 -23.96 -42.74
CA ASN F 414 4.69 -23.29 -43.80
C ASN F 414 4.33 -21.90 -43.30
N GLU F 415 3.68 -21.12 -44.17
CA GLU F 415 3.34 -19.74 -43.87
C GLU F 415 2.51 -19.58 -42.61
N ARG F 416 2.03 -20.68 -42.02
CA ARG F 416 1.24 -20.62 -40.80
C ARG F 416 1.84 -21.38 -39.63
N SER F 417 2.91 -22.14 -39.82
CA SER F 417 3.46 -22.93 -38.72
C SER F 417 4.97 -23.01 -38.84
N ALA F 418 5.64 -23.05 -37.69
CA ALA F 418 7.09 -23.11 -37.65
C ALA F 418 7.54 -23.70 -36.33
N PHE F 419 8.80 -24.13 -36.31
CA PHE F 419 9.51 -24.48 -35.09
C PHE F 419 10.56 -23.41 -34.83
N LEU F 420 10.73 -23.03 -33.58
CA LEU F 420 11.69 -21.99 -33.21
C LEU F 420 12.46 -22.44 -31.97
N TRP F 421 13.79 -22.36 -32.06
CA TRP F 421 14.66 -22.81 -30.97
C TRP F 421 14.96 -21.62 -30.05
N THR F 422 14.06 -21.40 -29.09
CA THR F 422 14.34 -20.40 -28.07
C THR F 422 15.38 -20.90 -27.07
N VAL F 423 15.47 -22.21 -26.89
CA VAL F 423 16.48 -22.82 -26.02
C VAL F 423 17.52 -23.45 -26.93
N GLY F 424 18.75 -22.97 -26.85
CA GLY F 424 19.79 -23.47 -27.71
C GLY F 424 21.11 -22.79 -27.41
N TYR F 425 22.05 -22.96 -28.33
CA TYR F 425 23.37 -22.37 -28.15
C TYR F 425 23.37 -20.90 -28.51
N VAL F 426 24.06 -20.10 -27.71
CA VAL F 426 24.39 -18.72 -28.07
C VAL F 426 25.82 -18.47 -27.62
N PRO F 427 26.70 -17.96 -28.48
CA PRO F 427 28.12 -17.91 -28.16
C PRO F 427 28.47 -17.08 -26.94
N LYS F 428 27.71 -16.01 -26.65
CA LYS F 428 28.08 -15.10 -25.57
C LYS F 428 28.04 -15.79 -24.21
N ILE F 429 27.05 -16.66 -23.98
CA ILE F 429 27.00 -17.40 -22.72
C ILE F 429 27.95 -18.59 -22.73
N GLN F 430 28.65 -18.82 -23.83
CA GLN F 430 29.71 -19.81 -24.03
C GLN F 430 29.16 -21.23 -24.12
N THR F 431 27.86 -21.44 -23.93
CA THR F 431 27.28 -22.78 -23.99
C THR F 431 25.84 -22.66 -24.47
N ALA F 432 25.08 -23.74 -24.33
CA ALA F 432 23.67 -23.72 -24.66
C ALA F 432 22.85 -23.54 -23.39
N LEU F 433 21.67 -22.92 -23.55
CA LEU F 433 20.82 -22.64 -22.40
C LEU F 433 20.22 -23.91 -21.78
N SER F 434 20.22 -25.03 -22.50
CA SER F 434 19.69 -26.27 -21.98
C SER F 434 20.80 -27.14 -21.40
N MET F 435 20.45 -28.36 -21.02
CA MET F 435 21.40 -29.36 -20.56
C MET F 435 21.50 -30.53 -21.53
N GLU F 436 20.38 -31.16 -21.85
CA GLU F 436 20.32 -32.15 -22.92
C GLU F 436 19.93 -31.46 -24.22
N VAL F 437 19.59 -32.24 -25.24
CA VAL F 437 19.16 -31.67 -26.52
C VAL F 437 17.80 -31.01 -26.32
N PRO F 438 17.67 -29.72 -26.57
CA PRO F 438 16.44 -29.00 -26.23
C PRO F 438 15.31 -29.30 -27.20
N ASN F 439 14.09 -29.06 -26.73
CA ASN F 439 12.91 -29.16 -27.55
C ASN F 439 12.54 -27.80 -28.10
N PRO F 440 12.30 -27.66 -29.40
CA PRO F 440 11.92 -26.36 -29.95
C PRO F 440 10.46 -26.04 -29.64
N LEU F 441 10.17 -24.74 -29.68
CA LEU F 441 8.81 -24.24 -29.52
C LEU F 441 8.08 -24.38 -30.84
N PHE F 442 6.86 -24.93 -30.78
CA PHE F 442 6.03 -25.06 -31.97
C PHE F 442 5.11 -23.85 -32.03
N ILE F 443 5.39 -22.92 -32.94
CA ILE F 443 4.61 -21.70 -33.08
C ILE F 443 3.68 -21.87 -34.28
N GLU F 444 2.38 -21.81 -34.02
CA GLU F 444 1.36 -21.97 -35.05
C GLU F 444 0.45 -20.76 -35.02
N ILE F 445 0.19 -20.17 -36.19
CA ILE F 445 -0.82 -19.14 -36.27
C ILE F 445 -2.17 -19.86 -36.36
N ASN F 446 -2.78 -20.12 -35.20
CA ASN F 446 -4.03 -20.85 -35.19
C ASN F 446 -5.14 -20.03 -35.83
N LYS F 447 -5.16 -18.73 -35.58
CA LYS F 447 -6.22 -17.88 -36.10
C LYS F 447 -5.61 -16.58 -36.61
N GLY F 448 -6.35 -15.90 -37.49
CA GLY F 448 -5.84 -14.69 -38.11
C GLY F 448 -5.00 -15.01 -39.33
N GLU F 449 -4.24 -14.02 -39.79
CA GLU F 449 -3.38 -14.18 -40.94
C GLU F 449 -1.90 -14.11 -40.58
N ALA F 450 -1.43 -12.96 -40.08
CA ALA F 450 -0.08 -12.79 -39.57
C ALA F 450 1.02 -13.07 -40.61
N ASP F 451 2.25 -12.69 -40.29
CA ASP F 451 3.42 -13.09 -41.04
C ASP F 451 4.30 -13.96 -40.14
N ILE F 452 4.61 -15.17 -40.61
CA ILE F 452 5.26 -16.16 -39.75
C ILE F 452 6.62 -15.66 -39.28
N LYS F 453 7.41 -15.06 -40.18
CA LYS F 453 8.72 -14.57 -39.77
C LYS F 453 8.60 -13.43 -38.77
N GLN F 454 7.60 -12.57 -38.93
CA GLN F 454 7.38 -11.50 -37.94
C GLN F 454 6.94 -12.09 -36.60
N VAL F 455 6.10 -13.13 -36.62
CA VAL F 455 5.68 -13.75 -35.37
C VAL F 455 6.87 -14.36 -34.65
N LEU F 456 7.72 -15.08 -35.38
CA LEU F 456 8.92 -15.64 -34.77
C LEU F 456 9.90 -14.56 -34.33
N LYS F 457 9.87 -13.40 -34.98
CA LYS F 457 10.72 -12.28 -34.56
C LYS F 457 10.26 -11.66 -33.26
N ASP F 458 8.95 -11.69 -32.97
CA ASP F 458 8.41 -11.08 -31.76
C ASP F 458 8.48 -12.03 -30.57
N ILE F 459 8.23 -13.32 -30.79
CA ILE F 459 8.31 -14.29 -29.69
C ILE F 459 9.73 -14.36 -29.17
N LEU F 460 10.71 -14.35 -30.07
CA LEU F 460 12.11 -14.31 -29.64
C LEU F 460 12.39 -13.05 -28.83
N SER F 461 11.83 -11.92 -29.26
CA SER F 461 11.95 -10.69 -28.48
C SER F 461 11.26 -10.82 -27.13
N LEU F 462 10.08 -11.45 -27.10
CA LEU F 462 9.37 -11.62 -25.85
C LEU F 462 10.14 -12.50 -24.86
N THR F 463 10.91 -13.45 -25.37
CA THR F 463 11.68 -14.33 -24.50
C THR F 463 12.78 -13.62 -23.73
N LYS F 464 12.96 -12.31 -23.93
CA LYS F 464 14.03 -11.59 -23.27
C LYS F 464 13.62 -10.94 -21.94
N LEU F 465 12.40 -10.42 -21.86
CA LEU F 465 12.00 -9.56 -20.75
C LEU F 465 11.52 -10.34 -19.54
N ASN F 466 12.32 -11.30 -19.08
CA ASN F 466 12.03 -12.02 -17.84
C ASN F 466 12.68 -11.24 -16.70
N TYR F 467 11.90 -10.44 -16.00
CA TYR F 467 12.42 -9.66 -14.90
C TYR F 467 12.58 -10.47 -13.61
N ASN F 468 11.97 -11.65 -13.53
CA ASN F 468 12.15 -12.49 -12.35
C ASN F 468 13.51 -13.19 -12.37
N ALA F 469 14.05 -13.43 -13.56
CA ALA F 469 15.31 -14.16 -13.71
C ALA F 469 16.27 -13.34 -14.55
N CYS F 470 17.45 -13.05 -14.00
CA CYS F 470 18.47 -12.31 -14.73
C CYS F 470 19.29 -13.31 -15.54
N ILE F 471 18.71 -13.74 -16.66
CA ILE F 471 19.32 -14.71 -17.56
C ILE F 471 19.46 -14.06 -18.93
N PHE F 472 20.19 -14.73 -19.81
CA PHE F 472 20.34 -14.22 -21.17
C PHE F 472 19.00 -14.13 -21.87
N ALA F 473 18.24 -15.23 -21.87
CA ALA F 473 16.94 -15.26 -22.51
C ALA F 473 16.13 -16.40 -21.90
N ASP F 474 14.82 -16.30 -22.04
CA ASP F 474 13.92 -17.32 -21.52
C ASP F 474 13.56 -18.30 -22.63
N GLY F 475 13.25 -19.53 -22.22
CA GLY F 475 12.83 -20.53 -23.18
C GLY F 475 11.39 -20.44 -23.63
N GLU F 476 10.59 -19.61 -22.95
CA GLU F 476 9.20 -19.40 -23.29
C GLU F 476 8.93 -17.91 -23.33
N PRO F 477 8.04 -17.45 -24.21
CA PRO F 477 7.71 -16.02 -24.24
C PRO F 477 7.21 -15.54 -22.88
N VAL F 478 7.63 -14.34 -22.52
CA VAL F 478 7.43 -13.86 -21.15
C VAL F 478 5.94 -13.67 -20.84
N THR F 479 5.12 -13.39 -21.86
CA THR F 479 3.70 -13.23 -21.61
C THR F 479 3.09 -14.51 -21.06
N LEU F 480 3.44 -15.65 -21.65
CA LEU F 480 2.95 -16.93 -21.16
C LEU F 480 3.45 -17.25 -19.76
N ARG F 481 4.74 -17.02 -19.49
CA ARG F 481 5.31 -17.35 -18.19
C ARG F 481 4.73 -16.50 -17.06
N PHE F 482 4.63 -15.19 -17.26
CA PHE F 482 4.08 -14.32 -16.22
C PHE F 482 2.58 -14.50 -16.10
N ALA F 483 1.88 -14.82 -17.18
CA ALA F 483 0.48 -15.20 -17.06
C ALA F 483 0.32 -16.47 -16.24
N ASP F 484 1.22 -17.43 -16.43
CA ASP F 484 1.19 -18.65 -15.62
C ASP F 484 1.44 -18.35 -14.15
N LYS F 485 2.39 -17.45 -13.86
CA LYS F 485 2.64 -17.09 -12.46
C LYS F 485 1.42 -16.41 -11.85
N ILE F 486 0.80 -15.48 -12.58
CA ILE F 486 -0.41 -14.81 -12.09
C ILE F 486 -1.49 -15.85 -11.80
N GLY F 487 -1.69 -16.78 -12.72
CA GLY F 487 -2.69 -17.81 -12.50
C GLY F 487 -2.37 -18.69 -11.31
N GLU F 488 -1.11 -19.05 -11.13
CA GLU F 488 -0.73 -19.88 -10.00
C GLU F 488 -1.02 -19.18 -8.68
N ILE F 489 -0.73 -17.88 -8.60
CA ILE F 489 -1.00 -17.16 -7.36
C ILE F 489 -2.49 -16.94 -7.10
N LEU F 490 -3.28 -16.68 -8.13
CA LEU F 490 -4.69 -16.33 -7.94
C LEU F 490 -5.61 -17.54 -7.83
N THR F 491 -5.10 -18.75 -8.08
CA THR F 491 -5.87 -19.96 -7.82
C THR F 491 -5.66 -20.47 -6.40
N ALA F 492 -4.89 -19.75 -5.58
CA ALA F 492 -4.68 -20.11 -4.19
C ALA F 492 -5.69 -19.47 -3.26
N SER F 493 -6.16 -18.26 -3.57
CA SER F 493 -7.11 -17.54 -2.74
C SER F 493 -8.44 -17.41 -3.47
N THR F 494 -9.51 -17.88 -2.83
CA THR F 494 -10.84 -17.77 -3.42
C THR F 494 -11.42 -16.36 -3.27
N ASP F 495 -10.97 -15.62 -2.25
CA ASP F 495 -11.59 -14.37 -1.85
C ASP F 495 -10.89 -13.15 -2.44
N ILE F 496 -10.35 -13.26 -3.64
CA ILE F 496 -9.65 -12.15 -4.27
C ILE F 496 -10.67 -11.28 -5.01
N LYS F 497 -10.30 -10.02 -5.23
CA LYS F 497 -11.20 -9.06 -5.87
C LYS F 497 -10.37 -7.92 -6.43
N THR F 498 -10.52 -7.68 -7.74
CA THR F 498 -9.79 -6.64 -8.47
C THR F 498 -8.30 -6.72 -8.16
N PRO F 499 -7.61 -7.77 -8.62
CA PRO F 499 -6.21 -7.93 -8.28
C PRO F 499 -5.36 -6.88 -8.97
N PRO F 500 -4.22 -6.52 -8.39
CA PRO F 500 -3.34 -5.55 -9.05
C PRO F 500 -2.77 -6.12 -10.34
N LEU F 501 -2.52 -5.22 -11.30
CA LEU F 501 -1.98 -5.61 -12.60
C LEU F 501 -0.46 -5.48 -12.67
N ALA F 502 0.18 -4.95 -11.64
CA ALA F 502 1.63 -4.84 -11.62
C ALA F 502 2.25 -6.19 -11.28
N PHE F 503 3.35 -6.52 -11.96
CA PHE F 503 3.94 -7.83 -11.80
C PHE F 503 4.69 -7.98 -10.49
N LYS F 504 5.15 -6.87 -9.89
CA LYS F 504 5.95 -6.96 -8.68
C LYS F 504 5.16 -7.54 -7.50
N TYR F 505 3.84 -7.51 -7.56
CA TYR F 505 3.02 -8.11 -6.51
C TYR F 505 2.83 -9.61 -6.70
N TYR F 506 3.30 -10.17 -7.81
CA TYR F 506 3.27 -11.62 -8.05
C TYR F 506 4.65 -12.22 -8.21
N ILE F 507 5.50 -11.62 -9.03
CA ILE F 507 6.84 -12.15 -9.25
C ILE F 507 7.83 -11.44 -8.34
#